data_2GM1
#
_entry.id   2GM1
#
_cell.length_a   64.700
_cell.length_b   112.600
_cell.length_c   108.100
_cell.angle_alpha   90.00
_cell.angle_beta   90.20
_cell.angle_gamma   90.00
#
_symmetry.space_group_name_H-M   'P 1 21 1'
#
loop_
_entity.id
_entity.type
_entity.pdbx_description
1 polymer 'KINESIN-RELATED MOTOR PROTEIN EG5'
2 non-polymer 'MAGNESIUM ION'
3 non-polymer N-(3-AMINOPROPYL)-N-[(R)-(3-BENZYL-5-CHLORO-4-OXO-3,4-DIHYDROPYRROLO[2,1-F][1,2,4]TRIAZIN-2-YL)(CYCLOPROPYL)METHYL]-4-METHYLBENZAMIDE
4 non-polymer "ADENOSINE-5'-DIPHOSPHATE"
5 water water
#
_entity_poly.entity_id   1
_entity_poly.type   'polypeptide(L)'
_entity_poly.pdbx_seq_one_letter_code
;MASQPNSSAKKKEEKGKNIQVVVRCRPFNLAERKASAHSIVECDPVRKEVSVRTGGLADKSSRKTYTFDMVFGASTKQID
VYRSVVCPILDEVIMGYNCTIFAYGQTGTGKTFTMEGERSPNEEYTWEEDPLAGIIPRTLHQIFEKLTDNGTEFSVKVSL
LEIYNEELFDLLNPSSDVSERLQMFDDPRNKRGVIIKGLEEITVHNKDEVYQILEKGAAKRTTAATLMNAYSSRSHSVFS
VTIHMKETTIDGEELVKIGKLNLVDLAGSENIGRSGAVDKRAREAGNINQSLLTLGRVITALVERTPHVPYRESKLTRIL
QDSLGGRTRTSIIATISPASLNLEETLSTLEYAHRAKNILNKPEVNQK
;
_entity_poly.pdbx_strand_id   A,B,D,E
#
# COMPACT_ATOMS: atom_id res chain seq x y z
N LYS A 17 36.06 -12.09 -0.14
CA LYS A 17 34.58 -11.89 -0.15
C LYS A 17 34.19 -10.43 0.04
N ASN A 18 33.52 -9.87 -0.97
CA ASN A 18 32.94 -8.53 -0.87
C ASN A 18 31.98 -8.47 0.31
N ILE A 19 31.85 -7.29 0.91
CA ILE A 19 30.80 -7.07 1.88
C ILE A 19 29.46 -7.32 1.19
N GLN A 20 28.62 -8.14 1.80
CA GLN A 20 27.29 -8.40 1.27
C GLN A 20 26.35 -7.27 1.68
N VAL A 21 25.62 -6.71 0.71
CA VAL A 21 24.71 -5.62 1.01
C VAL A 21 23.31 -5.99 0.54
N VAL A 22 22.34 -5.89 1.45
CA VAL A 22 20.95 -6.11 1.07
C VAL A 22 20.11 -4.91 1.48
N VAL A 23 18.98 -4.72 0.80
CA VAL A 23 18.09 -3.63 1.11
C VAL A 23 16.76 -4.17 1.63
N ARG A 24 16.24 -3.58 2.70
CA ARG A 24 14.91 -3.91 3.17
C ARG A 24 13.99 -2.69 3.21
N CYS A 25 12.93 -2.72 2.41
CA CYS A 25 11.94 -1.64 2.40
C CYS A 25 10.76 -2.01 3.30
N ARG A 26 10.33 -1.08 4.13
CA ARG A 26 9.18 -1.32 5.01
C ARG A 26 7.90 -0.78 4.38
N PRO A 27 6.74 -1.21 4.88
CA PRO A 27 5.46 -0.68 4.39
C PRO A 27 5.33 0.80 4.72
N PHE A 28 4.40 1.47 4.05
CA PHE A 28 4.01 2.84 4.41
C PHE A 28 3.57 2.88 5.85
N ASN A 29 3.98 3.91 6.58
CA ASN A 29 3.38 4.16 7.88
C ASN A 29 2.34 5.29 7.82
N LEU A 30 1.68 5.54 8.94
CA LEU A 30 0.59 6.52 9.00
C LEU A 30 1.08 7.96 8.86
N ALA A 31 2.24 8.25 9.45
CA ALA A 31 2.80 9.59 9.32
C ALA A 31 2.94 9.92 7.84
N GLU A 32 3.40 8.95 7.07
CA GLU A 32 3.59 9.12 5.64
C GLU A 32 2.27 9.29 4.89
N ARG A 33 1.24 8.55 5.29
CA ARG A 33 -0.11 8.75 4.72
C ARG A 33 -0.64 10.14 5.07
N LYS A 34 -0.33 10.62 6.26
CA LYS A 34 -0.85 11.90 6.71
C LYS A 34 -0.15 13.08 6.04
N ALA A 35 1.10 12.86 5.63
CA ALA A 35 1.81 13.86 4.85
C ALA A 35 1.43 13.80 3.37
N SER A 36 0.49 12.93 3.03
CA SER A 36 0.06 12.77 1.65
C SER A 36 1.18 12.37 0.71
N ALA A 37 2.11 11.54 1.20
CA ALA A 37 3.20 11.06 0.36
C ALA A 37 2.70 9.98 -0.57
N HIS A 38 3.38 9.77 -1.69
CA HIS A 38 3.09 8.63 -2.54
C HIS A 38 4.30 7.71 -2.60
N SER A 39 4.11 6.52 -3.15
CA SER A 39 5.17 5.52 -3.20
C SER A 39 6.13 5.82 -4.36
N ILE A 40 7.42 5.88 -4.07
CA ILE A 40 8.42 6.11 -5.09
C ILE A 40 9.43 4.99 -5.17
N VAL A 41 9.22 3.92 -4.40
CA VAL A 41 10.16 2.81 -4.39
C VAL A 41 9.53 1.53 -4.90
N GLU A 42 10.25 0.86 -5.81
CA GLU A 42 9.85 -0.47 -6.23
C GLU A 42 11.00 -1.44 -5.94
N CYS A 43 10.68 -2.53 -5.25
CA CYS A 43 11.67 -3.57 -4.99
C CYS A 43 11.40 -4.75 -5.89
N ASP A 44 12.46 -5.30 -6.47
CA ASP A 44 12.36 -6.47 -7.32
C ASP A 44 13.31 -7.53 -6.82
N PRO A 45 12.82 -8.42 -5.94
CA PRO A 45 13.62 -9.47 -5.31
C PRO A 45 14.26 -10.38 -6.33
N VAL A 46 13.54 -10.63 -7.43
CA VAL A 46 14.01 -11.58 -8.44
C VAL A 46 15.23 -11.04 -9.19
N ARG A 47 15.20 -9.76 -9.52
CA ARG A 47 16.33 -9.14 -10.20
C ARG A 47 17.29 -8.51 -9.21
N LYS A 48 16.92 -8.53 -7.94
CA LYS A 48 17.76 -7.97 -6.89
C LYS A 48 17.95 -6.48 -7.12
N GLU A 49 16.88 -5.81 -7.52
CA GLU A 49 16.95 -4.40 -7.81
C GLU A 49 15.98 -3.59 -6.97
N VAL A 50 16.38 -2.36 -6.66
CA VAL A 50 15.44 -1.40 -6.14
C VAL A 50 15.51 -0.15 -7.01
N SER A 51 14.36 0.32 -7.44
CA SER A 51 14.34 1.53 -8.26
C SER A 51 13.52 2.59 -7.57
N VAL A 52 14.00 3.83 -7.66
CA VAL A 52 13.39 4.94 -6.96
C VAL A 52 13.00 6.01 -7.98
N ARG A 53 11.72 6.39 -7.97
CA ARG A 53 11.26 7.47 -8.83
C ARG A 53 11.75 8.79 -8.27
N THR A 54 12.59 9.46 -9.04
CA THR A 54 13.27 10.67 -8.60
C THR A 54 12.51 11.91 -9.07
N GLY A 55 11.45 11.69 -9.83
CA GLY A 55 10.74 12.80 -10.43
C GLY A 55 9.62 13.38 -9.58
N GLY A 56 8.56 12.60 -9.39
CA GLY A 56 7.35 13.10 -8.77
C GLY A 56 6.12 12.28 -9.12
N LEU A 57 4.94 12.82 -8.84
CA LEU A 57 3.69 12.06 -8.96
C LEU A 57 3.44 11.56 -10.38
N LYS A 60 6.23 8.24 -12.16
CA LYS A 60 6.84 8.39 -13.47
C LYS A 60 7.32 9.82 -13.66
N SER A 61 8.55 9.96 -14.18
CA SER A 61 9.17 11.26 -14.40
C SER A 61 10.69 11.10 -14.46
N SER A 62 11.17 9.89 -14.16
CA SER A 62 12.60 9.64 -13.92
C SER A 62 12.80 8.62 -12.80
N ARG A 63 13.83 7.80 -12.91
CA ARG A 63 14.13 6.84 -11.85
C ARG A 63 15.58 6.40 -11.83
N LYS A 64 16.06 6.04 -10.65
CA LYS A 64 17.37 5.44 -10.49
C LYS A 64 17.20 3.99 -10.03
N THR A 65 17.98 3.09 -10.61
CA THR A 65 17.92 1.70 -10.22
C THR A 65 19.26 1.25 -9.65
N TYR A 66 19.21 0.53 -8.54
CA TYR A 66 20.41 -0.02 -7.92
C TYR A 66 20.30 -1.52 -7.84
N THR A 67 21.42 -2.20 -7.98
CA THR A 67 21.46 -3.65 -7.85
C THR A 67 22.18 -4.00 -6.56
N PHE A 68 21.59 -4.90 -5.78
CA PHE A 68 22.22 -5.36 -4.54
C PHE A 68 22.30 -6.86 -4.51
N ASP A 69 22.92 -7.41 -3.46
CA ASP A 69 23.02 -8.85 -3.34
C ASP A 69 21.66 -9.47 -3.04
N MET A 70 20.82 -8.77 -2.27
CA MET A 70 19.42 -9.15 -2.11
C MET A 70 18.56 -7.91 -1.90
N VAL A 71 17.28 -8.02 -2.28
CA VAL A 71 16.33 -6.96 -2.03
C VAL A 71 15.05 -7.54 -1.40
N PHE A 72 14.61 -6.95 -0.30
CA PHE A 72 13.39 -7.40 0.38
C PHE A 72 12.33 -6.30 0.33
N GLY A 73 11.16 -6.66 -0.20
CA GLY A 73 10.07 -5.70 -0.29
C GLY A 73 9.27 -5.61 1.01
N ALA A 74 8.25 -4.77 0.97
CA ALA A 74 7.46 -4.40 2.14
C ALA A 74 6.73 -5.56 2.81
N SER A 75 6.54 -6.66 2.10
CA SER A 75 5.82 -7.79 2.69
C SER A 75 6.76 -8.86 3.25
N THR A 76 8.07 -8.58 3.22
CA THR A 76 9.05 -9.50 3.78
C THR A 76 8.85 -9.74 5.28
N LYS A 77 8.80 -11.00 5.68
CA LYS A 77 8.62 -11.37 7.09
C LYS A 77 9.96 -11.45 7.80
N GLN A 78 9.92 -11.37 9.13
CA GLN A 78 11.13 -11.44 9.93
C GLN A 78 11.89 -12.73 9.63
N ILE A 79 11.16 -13.84 9.53
CA ILE A 79 11.82 -15.13 9.37
C ILE A 79 12.47 -15.26 7.99
N ASP A 80 11.94 -14.56 7.00
CA ASP A 80 12.58 -14.48 5.68
C ASP A 80 13.95 -13.80 5.75
N VAL A 81 14.03 -12.69 6.47
CA VAL A 81 15.30 -11.98 6.62
C VAL A 81 16.29 -12.90 7.31
N TYR A 82 15.83 -13.58 8.35
CA TYR A 82 16.70 -14.45 9.13
C TYR A 82 17.26 -15.59 8.28
N ARG A 83 16.37 -16.27 7.55
CA ARG A 83 16.79 -17.42 6.74
C ARG A 83 17.72 -17.02 5.61
N SER A 84 17.35 -15.98 4.87
CA SER A 84 18.11 -15.59 3.69
C SER A 84 19.45 -14.94 4.05
N VAL A 85 19.47 -14.15 5.12
CA VAL A 85 20.65 -13.35 5.41
C VAL A 85 21.48 -13.94 6.53
N VAL A 86 20.83 -14.33 7.62
CA VAL A 86 21.56 -14.62 8.84
C VAL A 86 22.04 -16.07 8.93
N CYS A 87 21.20 -17.02 8.54
CA CYS A 87 21.57 -18.43 8.62
C CYS A 87 22.91 -18.76 7.98
N PRO A 88 23.15 -18.29 6.74
CA PRO A 88 24.47 -18.52 6.13
C PRO A 88 25.59 -17.93 6.99
N ILE A 89 25.33 -16.77 7.56
CA ILE A 89 26.32 -16.12 8.40
C ILE A 89 26.56 -16.87 9.71
N LEU A 90 25.50 -17.38 10.31
CA LEU A 90 25.62 -18.14 11.55
C LEU A 90 26.41 -19.43 11.34
N ASP A 91 26.26 -20.04 10.17
CA ASP A 91 27.05 -21.21 9.84
C ASP A 91 28.54 -20.88 9.80
N GLU A 92 28.89 -19.71 9.26
CA GLU A 92 30.29 -19.28 9.21
C GLU A 92 30.81 -19.03 10.62
N VAL A 93 29.99 -18.39 11.44
CA VAL A 93 30.35 -18.16 12.83
C VAL A 93 30.68 -19.48 13.53
N ILE A 94 29.83 -20.48 13.33
CA ILE A 94 30.03 -21.78 13.94
C ILE A 94 31.26 -22.52 13.39
N MET A 95 31.67 -22.19 12.18
CA MET A 95 32.93 -22.71 11.63
C MET A 95 34.14 -21.99 12.22
N GLY A 96 33.90 -21.01 13.08
CA GLY A 96 34.99 -20.33 13.75
C GLY A 96 35.44 -19.02 13.11
N TYR A 97 34.56 -18.39 12.34
CA TYR A 97 34.84 -17.09 11.75
C TYR A 97 34.30 -15.97 12.65
N ASN A 98 34.78 -14.76 12.43
CA ASN A 98 34.13 -13.57 12.96
C ASN A 98 33.24 -12.95 11.89
N CYS A 99 32.03 -12.57 12.27
CA CYS A 99 31.07 -11.99 11.33
C CYS A 99 30.42 -10.76 11.91
N THR A 100 30.05 -9.83 11.04
CA THR A 100 29.38 -8.61 11.45
C THR A 100 28.22 -8.29 10.52
N ILE A 101 27.08 -7.94 11.09
CA ILE A 101 25.95 -7.44 10.34
C ILE A 101 25.61 -6.04 10.84
N PHE A 102 25.56 -5.07 9.94
CA PHE A 102 25.14 -3.70 10.24
C PHE A 102 23.70 -3.51 9.80
N ALA A 103 22.93 -2.76 10.59
CA ALA A 103 21.69 -2.20 10.09
C ALA A 103 21.93 -0.71 9.89
N TYR A 104 21.66 -0.22 8.69
CA TYR A 104 21.95 1.14 8.32
C TYR A 104 20.71 1.77 7.67
N GLY A 105 20.39 2.99 8.05
CA GLY A 105 19.29 3.67 7.40
C GLY A 105 18.63 4.77 8.22
N GLN A 106 17.67 5.44 7.61
CA GLN A 106 17.03 6.59 8.21
C GLN A 106 16.23 6.17 9.44
N THR A 107 16.17 7.03 10.45
CA THR A 107 15.36 6.75 11.62
C THR A 107 13.92 6.44 11.25
N GLY A 108 13.39 5.37 11.85
CA GLY A 108 12.01 4.99 11.57
C GLY A 108 11.85 4.03 10.40
N THR A 109 12.96 3.63 9.77
CA THR A 109 12.85 2.73 8.62
C THR A 109 12.94 1.24 8.96
N GLY A 110 13.32 0.90 10.18
CA GLY A 110 13.26 -0.49 10.59
C GLY A 110 14.55 -1.15 11.03
N LYS A 111 15.55 -0.36 11.40
CA LYS A 111 16.82 -0.92 11.87
C LYS A 111 16.59 -1.79 13.10
N THR A 112 15.93 -1.22 14.11
CA THR A 112 15.73 -1.92 15.37
C THR A 112 14.69 -3.05 15.26
N PHE A 113 13.67 -2.84 14.44
CA PHE A 113 12.71 -3.90 14.18
C PHE A 113 13.41 -5.11 13.55
N THR A 114 14.33 -4.85 12.62
CA THR A 114 15.05 -5.92 11.96
C THR A 114 16.00 -6.67 12.90
N MET A 115 16.78 -5.93 13.68
CA MET A 115 17.76 -6.51 14.58
C MET A 115 17.17 -7.19 15.81
N GLU A 116 16.10 -6.61 16.36
CA GLU A 116 15.55 -7.08 17.64
C GLU A 116 14.11 -7.57 17.50
N GLY A 117 13.30 -6.83 16.76
CA GLY A 117 11.93 -7.22 16.55
C GLY A 117 11.05 -6.79 17.70
N GLU A 118 9.88 -7.42 17.81
CA GLU A 118 8.87 -7.03 18.79
C GLU A 118 8.07 -8.25 19.24
N ARG A 119 7.28 -8.07 20.29
CA ARG A 119 6.34 -9.07 20.74
C ARG A 119 5.02 -8.87 19.99
N SER A 120 4.43 -9.94 19.49
CA SER A 120 3.11 -9.84 18.89
C SER A 120 2.12 -9.43 19.97
N PRO A 121 1.33 -8.38 19.72
CA PRO A 121 0.52 -7.75 20.76
C PRO A 121 -0.58 -8.63 21.37
N ASN A 122 -1.72 -8.70 20.71
CA ASN A 122 -2.86 -9.32 21.38
C ASN A 122 -2.73 -10.82 21.46
N GLU A 123 -1.56 -11.33 21.10
CA GLU A 123 -1.27 -12.76 21.18
C GLU A 123 -0.29 -13.06 22.28
N GLU A 124 -0.33 -14.31 22.75
CA GLU A 124 0.85 -14.93 23.31
C GLU A 124 1.49 -15.78 22.23
N TYR A 125 2.75 -15.49 21.94
CA TYR A 125 3.69 -16.49 21.49
C TYR A 125 4.74 -16.48 22.58
N THR A 126 5.45 -17.59 22.78
CA THR A 126 6.70 -17.52 23.51
C THR A 126 7.60 -16.70 22.59
N TRP A 127 8.63 -16.07 23.15
CA TRP A 127 9.48 -15.22 22.32
C TRP A 127 10.21 -16.06 21.29
N GLU A 128 10.42 -17.33 21.60
CA GLU A 128 11.12 -18.26 20.71
C GLU A 128 10.36 -18.52 19.41
N GLU A 129 9.06 -18.25 19.42
CA GLU A 129 8.23 -18.59 18.26
C GLU A 129 7.43 -17.41 17.73
N ASP A 130 7.64 -16.24 18.32
CA ASP A 130 6.91 -15.05 17.91
C ASP A 130 7.38 -14.62 16.52
N PRO A 131 6.45 -14.54 15.56
CA PRO A 131 6.82 -14.16 14.20
C PRO A 131 7.45 -12.77 14.05
N LEU A 132 7.27 -11.91 15.06
CA LEU A 132 7.83 -10.55 14.97
C LEU A 132 9.24 -10.45 15.53
N ALA A 133 9.73 -11.54 16.11
CA ALA A 133 11.09 -11.58 16.65
C ALA A 133 12.08 -11.25 15.54
N GLY A 134 13.13 -10.50 15.88
CA GLY A 134 14.11 -10.13 14.88
C GLY A 134 15.35 -11.01 14.91
N ILE A 135 16.46 -10.47 14.41
CA ILE A 135 17.65 -11.27 14.17
C ILE A 135 18.27 -11.79 15.47
N ILE A 136 18.37 -10.93 16.47
CA ILE A 136 19.05 -11.29 17.71
C ILE A 136 18.36 -12.42 18.48
N PRO A 137 17.07 -12.28 18.82
CA PRO A 137 16.44 -13.42 19.50
C PRO A 137 16.53 -14.73 18.72
N ARG A 138 16.24 -14.70 17.42
CA ARG A 138 16.31 -15.90 16.60
C ARG A 138 17.70 -16.50 16.62
N THR A 139 18.72 -15.66 16.47
CA THR A 139 20.09 -16.13 16.40
C THR A 139 20.50 -16.79 17.72
N LEU A 140 20.15 -16.16 18.82
CA LEU A 140 20.52 -16.69 20.13
C LEU A 140 19.78 -18.00 20.38
N HIS A 141 18.50 -18.04 20.04
CA HIS A 141 17.75 -19.27 20.17
C HIS A 141 18.40 -20.40 19.37
N GLN A 142 18.78 -20.12 18.13
CA GLN A 142 19.33 -21.16 17.25
C GLN A 142 20.73 -21.63 17.64
N ILE A 143 21.52 -20.77 18.25
CA ILE A 143 22.86 -21.17 18.67
C ILE A 143 22.76 -22.30 19.70
N PHE A 144 21.90 -22.14 20.68
CA PHE A 144 21.71 -23.17 21.70
C PHE A 144 21.08 -24.41 21.07
N GLU A 145 20.11 -24.19 20.20
CA GLU A 145 19.43 -25.29 19.53
C GLU A 145 20.37 -26.12 18.66
N LYS A 146 21.13 -25.46 17.78
CA LYS A 146 22.02 -26.16 16.86
C LYS A 146 23.13 -26.88 17.60
N LEU A 147 23.77 -26.20 18.53
CA LEU A 147 24.97 -26.73 19.17
C LEU A 147 24.66 -27.79 20.23
N THR A 148 23.45 -27.76 20.77
CA THR A 148 23.02 -28.84 21.66
C THR A 148 22.81 -30.12 20.87
N ASP A 149 22.10 -30.01 19.75
CA ASP A 149 21.86 -31.16 18.88
C ASP A 149 23.16 -31.70 18.29
N ASN A 150 24.15 -30.82 18.12
CA ASN A 150 25.40 -31.18 17.46
C ASN A 150 26.22 -32.19 18.24
N GLY A 151 26.01 -32.25 19.55
CA GLY A 151 26.92 -33.01 20.39
C GLY A 151 27.71 -32.07 21.27
N THR A 152 27.49 -30.78 21.08
CA THR A 152 27.68 -29.80 22.15
C THR A 152 29.14 -29.59 22.51
N GLU A 153 29.37 -29.24 23.77
CA GLU A 153 30.67 -28.81 24.28
C GLU A 153 30.97 -27.38 23.82
N PHE A 154 30.16 -26.45 24.32
CA PHE A 154 30.25 -25.06 23.90
C PHE A 154 29.83 -24.14 25.04
N SER A 155 30.34 -22.91 25.02
CA SER A 155 29.84 -21.87 25.92
C SER A 155 29.57 -20.58 25.13
N VAL A 156 28.61 -19.80 25.61
CA VAL A 156 28.17 -18.59 24.92
C VAL A 156 28.28 -17.39 25.85
N LYS A 157 28.89 -16.31 25.38
CA LYS A 157 28.77 -15.04 26.08
C LYS A 157 28.37 -13.88 25.19
N VAL A 158 27.72 -12.89 25.80
CA VAL A 158 27.18 -11.76 25.08
C VAL A 158 27.59 -10.47 25.76
N SER A 159 27.76 -9.41 24.97
CA SER A 159 27.86 -8.06 25.51
C SER A 159 27.08 -7.08 24.66
N LEU A 160 26.70 -5.96 25.25
CA LEU A 160 25.98 -4.91 24.54
C LEU A 160 26.59 -3.55 24.89
N LEU A 161 27.26 -2.92 23.94
CA LEU A 161 27.73 -1.58 24.18
C LEU A 161 26.99 -0.59 23.30
N GLU A 162 26.70 0.59 23.85
CA GLU A 162 26.10 1.65 23.07
C GLU A 162 27.03 2.85 23.04
N ILE A 163 27.04 3.53 21.90
CA ILE A 163 27.85 4.72 21.74
C ILE A 163 26.92 5.89 21.53
N TYR A 164 27.05 6.90 22.38
CA TYR A 164 26.27 8.12 22.25
C TYR A 164 27.19 9.31 22.45
N ASN A 165 27.25 10.18 21.44
CA ASN A 165 28.09 11.35 21.49
C ASN A 165 29.52 10.94 21.83
N GLU A 166 29.98 9.87 21.16
CA GLU A 166 31.33 9.38 21.31
C GLU A 166 31.69 8.90 22.72
N GLU A 167 30.68 8.49 23.49
CA GLU A 167 30.92 7.87 24.78
C GLU A 167 30.38 6.44 24.81
N LEU A 168 31.13 5.55 25.46
CA LEU A 168 30.78 4.14 25.53
C LEU A 168 30.00 3.82 26.81
N PHE A 169 28.89 3.10 26.65
CA PHE A 169 28.09 2.64 27.78
C PHE A 169 27.87 1.13 27.69
N ASP A 170 27.92 0.46 28.83
CA ASP A 170 27.64 -0.97 28.92
C ASP A 170 26.19 -1.14 29.34
N LEU A 171 25.37 -1.70 28.45
CA LEU A 171 23.95 -1.83 28.73
C LEU A 171 23.59 -3.13 29.41
N LEU A 172 24.54 -4.05 29.48
CA LEU A 172 24.26 -5.39 30.00
C LEU A 172 24.73 -5.59 31.43
N ASN A 173 25.59 -4.70 31.91
CA ASN A 173 26.05 -4.79 33.28
C ASN A 173 24.88 -4.45 34.21
N PRO A 174 24.35 -5.47 34.91
CA PRO A 174 23.26 -5.25 35.87
C PRO A 174 23.73 -4.50 37.11
N SER A 175 24.96 -4.80 37.54
CA SER A 175 25.53 -4.26 38.77
C SER A 175 26.15 -2.89 38.52
N SER A 176 25.65 -2.17 37.52
CA SER A 176 26.21 -0.88 37.14
C SER A 176 25.14 0.11 36.72
N ASP A 177 25.38 1.39 37.01
CA ASP A 177 24.52 2.44 36.52
C ASP A 177 24.76 2.63 35.03
N VAL A 178 23.69 2.86 34.28
CA VAL A 178 23.81 3.03 32.83
C VAL A 178 24.70 4.21 32.48
N SER A 179 24.78 5.18 33.39
CA SER A 179 25.46 6.44 33.12
C SER A 179 26.99 6.39 33.22
N GLU A 180 27.52 5.27 33.68
CA GLU A 180 28.97 5.10 33.78
C GLU A 180 29.55 4.74 32.42
N ARG A 181 30.44 5.59 31.90
CA ARG A 181 31.07 5.34 30.62
C ARG A 181 32.32 4.48 30.76
N LEU A 182 32.61 3.69 29.72
CA LEU A 182 33.79 2.84 29.72
C LEU A 182 34.90 3.52 28.91
N GLN A 183 36.13 3.03 29.10
CA GLN A 183 37.26 3.54 28.33
C GLN A 183 37.78 2.42 27.43
N MET A 184 38.41 2.80 26.32
CA MET A 184 39.02 1.81 25.43
C MET A 184 40.48 2.15 25.15
N PHE A 185 41.27 1.11 24.87
CA PHE A 185 42.63 1.28 24.40
C PHE A 185 42.92 0.22 23.35
N ASP A 186 43.97 0.43 22.57
CA ASP A 186 44.33 -0.51 21.52
C ASP A 186 44.76 -1.85 22.12
N ASP A 187 44.48 -2.93 21.41
CA ASP A 187 44.92 -4.22 21.89
C ASP A 187 46.41 -4.36 21.58
N PRO A 188 47.26 -4.35 22.61
CA PRO A 188 48.65 -4.72 22.39
C PRO A 188 48.68 -6.20 21.97
N ARG A 189 49.06 -6.43 20.72
CA ARG A 189 48.83 -7.71 20.05
C ARG A 189 47.47 -7.71 19.35
N ASN A 190 47.29 -6.73 18.46
CA ASN A 190 46.17 -6.72 17.53
C ASN A 190 46.24 -5.46 16.67
N LYS A 191 46.37 -4.31 17.34
CA LYS A 191 46.56 -3.04 16.64
C LYS A 191 45.42 -2.70 15.67
N ARG A 192 44.66 -3.72 15.28
CA ARG A 192 43.51 -3.56 14.40
C ARG A 192 42.20 -3.83 15.16
N GLY A 193 42.33 -4.05 16.47
CA GLY A 193 41.19 -4.10 17.36
C GLY A 193 41.50 -3.43 18.70
N VAL A 194 40.47 -3.19 19.50
CA VAL A 194 40.64 -2.49 20.77
C VAL A 194 40.13 -3.32 21.94
N ILE A 195 40.54 -2.92 23.14
CA ILE A 195 40.00 -3.51 24.35
C ILE A 195 39.16 -2.48 25.08
N ILE A 196 37.97 -2.88 25.51
CA ILE A 196 37.09 -1.96 26.21
C ILE A 196 37.03 -2.30 27.67
N LYS A 197 37.70 -1.46 28.48
CA LYS A 197 37.87 -1.69 29.91
C LYS A 197 36.53 -1.69 30.64
N GLY A 198 36.22 -2.80 31.30
CA GLY A 198 35.05 -2.84 32.14
C GLY A 198 33.80 -3.38 31.46
N LEU A 199 33.83 -3.53 30.14
CA LEU A 199 32.69 -4.07 29.40
C LEU A 199 32.40 -5.51 29.84
N GLU A 200 31.21 -5.74 30.37
CA GLU A 200 30.85 -7.07 30.85
C GLU A 200 30.53 -8.01 29.69
N GLU A 201 31.24 -9.13 29.63
CA GLU A 201 30.86 -10.23 28.75
C GLU A 201 30.19 -11.30 29.59
N ILE A 202 28.86 -11.36 29.48
CA ILE A 202 28.06 -12.23 30.34
C ILE A 202 27.87 -13.63 29.75
N THR A 203 28.24 -14.64 30.53
CA THR A 203 28.02 -16.02 30.13
C THR A 203 26.53 -16.32 30.13
N VAL A 204 26.03 -16.81 29.00
CA VAL A 204 24.63 -17.18 28.88
C VAL A 204 24.52 -18.70 28.89
N HIS A 205 23.80 -19.24 29.87
CA HIS A 205 23.79 -20.67 30.09
C HIS A 205 22.71 -21.39 29.29
N ASN A 206 21.66 -20.66 28.93
CA ASN A 206 20.62 -21.22 28.10
C ASN A 206 19.68 -20.16 27.56
N LYS A 207 18.73 -20.60 26.74
CA LYS A 207 17.76 -19.74 26.10
C LYS A 207 17.08 -18.80 27.10
N ASP A 208 16.61 -19.34 28.22
CA ASP A 208 15.83 -18.57 29.18
C ASP A 208 16.65 -17.46 29.83
N GLU A 209 17.93 -17.70 30.02
CA GLU A 209 18.79 -16.68 30.61
C GLU A 209 19.01 -15.54 29.62
N VAL A 210 19.06 -15.87 28.33
CA VAL A 210 19.15 -14.85 27.29
C VAL A 210 18.09 -13.77 27.49
N TYR A 211 16.86 -14.21 27.73
CA TYR A 211 15.74 -13.30 27.82
C TYR A 211 15.90 -12.32 28.99
N GLN A 212 16.23 -12.85 30.17
CA GLN A 212 16.29 -12.00 31.35
C GLN A 212 17.47 -11.04 31.26
N ILE A 213 18.58 -11.48 30.69
CA ILE A 213 19.73 -10.61 30.51
C ILE A 213 19.41 -9.42 29.61
N LEU A 214 18.78 -9.68 28.48
CA LEU A 214 18.48 -8.63 27.51
C LEU A 214 17.28 -7.78 27.93
N GLU A 215 16.42 -8.34 28.75
CA GLU A 215 15.31 -7.59 29.31
C GLU A 215 15.82 -6.47 30.22
N LYS A 216 16.83 -6.77 31.01
CA LYS A 216 17.42 -5.74 31.86
C LYS A 216 18.10 -4.71 30.95
N GLY A 217 18.76 -5.19 29.92
CA GLY A 217 19.36 -4.27 28.95
C GLY A 217 18.34 -3.29 28.37
N ALA A 218 17.13 -3.77 28.09
CA ALA A 218 16.09 -2.91 27.53
C ALA A 218 15.68 -1.86 28.54
N ALA A 219 15.60 -2.26 29.80
CA ALA A 219 15.25 -1.34 30.87
C ALA A 219 16.30 -0.22 31.01
N LYS A 220 17.58 -0.58 30.97
CA LYS A 220 18.64 0.43 31.06
C LYS A 220 18.60 1.42 29.90
N ARG A 221 18.36 0.90 28.69
CA ARG A 221 18.14 1.75 27.51
C ARG A 221 17.07 2.78 27.77
N THR A 222 15.94 2.32 28.30
CA THR A 222 14.82 3.20 28.60
C THR A 222 15.26 4.33 29.53
N THR A 223 16.07 3.98 30.53
CA THR A 223 16.56 4.95 31.48
C THR A 223 17.53 5.92 30.82
N ALA A 224 18.42 5.39 29.98
CA ALA A 224 19.40 6.21 29.28
C ALA A 224 18.70 7.24 28.39
N ALA A 225 17.56 6.87 27.83
CA ALA A 225 16.80 7.77 26.96
C ALA A 225 16.20 8.96 27.71
N THR A 226 16.00 8.81 29.02
CA THR A 226 15.46 9.91 29.81
C THR A 226 16.56 10.90 30.19
N LEU A 227 17.81 10.46 30.09
CA LEU A 227 18.96 11.29 30.45
C LEU A 227 19.60 11.96 29.24
N MET A 228 19.43 11.35 28.07
CA MET A 228 20.10 11.83 26.87
C MET A 228 19.14 12.09 25.73
N ASN A 229 19.36 13.20 25.02
CA ASN A 229 18.45 13.68 24.00
C ASN A 229 18.48 12.77 22.76
N ALA A 230 17.31 12.31 22.34
CA ALA A 230 17.17 11.51 21.12
C ALA A 230 18.13 10.32 21.16
N TYR A 231 18.18 9.65 22.31
CA TYR A 231 19.12 8.57 22.54
C TYR A 231 18.98 7.47 21.48
N SER A 232 17.76 7.02 21.24
CA SER A 232 17.56 5.86 20.39
C SER A 232 17.87 6.15 18.91
N SER A 233 17.72 7.39 18.48
CA SER A 233 18.01 7.71 17.09
C SER A 233 19.48 8.11 16.86
N ARG A 234 20.14 8.57 17.91
CA ARG A 234 21.52 9.05 17.78
C ARG A 234 22.57 8.07 18.32
N SER A 235 22.14 7.05 19.06
CA SER A 235 23.08 6.07 19.57
C SER A 235 23.43 5.00 18.53
N HIS A 236 24.62 4.41 18.65
CA HIS A 236 24.97 3.20 17.93
C HIS A 236 24.94 2.05 18.93
N SER A 237 24.39 0.91 18.51
CA SER A 237 24.29 -0.23 19.40
C SER A 237 25.10 -1.41 18.83
N VAL A 238 26.02 -1.94 19.63
CA VAL A 238 26.84 -3.05 19.20
C VAL A 238 26.61 -4.27 20.10
N PHE A 239 25.91 -5.27 19.58
CA PHE A 239 25.66 -6.49 20.32
C PHE A 239 26.60 -7.57 19.82
N SER A 240 27.33 -8.21 20.72
CA SER A 240 28.30 -9.24 20.36
C SER A 240 27.99 -10.55 21.06
N VAL A 241 27.97 -11.63 20.30
CA VAL A 241 27.89 -12.95 20.90
C VAL A 241 29.12 -13.76 20.53
N THR A 242 29.79 -14.30 21.53
CA THR A 242 31.03 -15.05 21.32
C THR A 242 30.81 -16.50 21.69
N ILE A 243 31.21 -17.40 20.80
CA ILE A 243 30.96 -18.83 21.01
C ILE A 243 32.27 -19.60 21.08
N HIS A 244 32.47 -20.32 22.17
CA HIS A 244 33.61 -21.23 22.29
C HIS A 244 33.13 -22.67 22.13
N MET A 245 33.73 -23.38 21.18
CA MET A 245 33.34 -24.75 20.89
C MET A 245 34.55 -25.68 20.99
N LYS A 246 34.37 -26.83 21.61
CA LYS A 246 35.47 -27.77 21.80
C LYS A 246 35.78 -28.55 20.53
N GLU A 247 37.00 -28.41 20.04
CA GLU A 247 37.44 -29.09 18.84
C GLU A 247 38.08 -30.44 19.20
N VAL A 256 35.71 -25.01 14.04
CA VAL A 256 35.03 -24.42 15.19
C VAL A 256 36.02 -23.77 16.16
N LYS A 257 35.82 -24.07 17.44
CA LYS A 257 36.57 -23.51 18.56
C LYS A 257 36.09 -22.11 18.96
N ILE A 258 36.38 -21.08 18.17
CA ILE A 258 35.89 -19.74 18.54
C ILE A 258 35.22 -18.93 17.42
N GLY A 259 33.94 -18.68 17.59
CA GLY A 259 33.21 -17.86 16.64
C GLY A 259 32.65 -16.61 17.32
N LYS A 260 32.57 -15.52 16.57
CA LYS A 260 32.02 -14.29 17.12
C LYS A 260 31.12 -13.59 16.12
N LEU A 261 29.95 -13.17 16.57
CA LEU A 261 29.02 -12.41 15.75
C LEU A 261 28.74 -11.04 16.35
N ASN A 262 28.99 -10.00 15.57
CA ASN A 262 28.64 -8.64 15.95
C ASN A 262 27.43 -8.17 15.16
N LEU A 263 26.43 -7.68 15.88
CA LEU A 263 25.23 -7.13 15.27
C LEU A 263 25.15 -5.66 15.65
N VAL A 264 25.19 -4.80 14.64
CA VAL A 264 25.31 -3.37 14.89
C VAL A 264 24.09 -2.63 14.38
N ASP A 265 23.40 -1.96 15.31
CA ASP A 265 22.26 -1.13 14.98
C ASP A 265 22.76 0.31 14.98
N LEU A 266 22.95 0.90 13.80
CA LEU A 266 23.61 2.19 13.69
C LEU A 266 22.69 3.36 14.00
N ALA A 267 23.28 4.51 14.25
CA ALA A 267 22.51 5.73 14.47
C ALA A 267 21.79 6.06 13.18
N GLY A 268 20.67 6.76 13.28
CA GLY A 268 19.90 7.12 12.09
C GLY A 268 20.77 7.84 11.09
N SER A 269 20.65 7.45 9.82
CA SER A 269 21.55 7.93 8.77
C SER A 269 21.24 9.35 8.31
N GLU A 270 20.11 9.89 8.73
CA GLU A 270 19.77 11.26 8.39
C GLU A 270 20.68 12.26 9.11
N ASN A 271 21.39 11.78 10.13
CA ASN A 271 22.27 12.63 10.92
C ASN A 271 23.52 13.05 10.14
N ILE A 272 23.66 12.52 8.93
CA ILE A 272 24.69 12.98 8.00
C ILE A 272 24.04 13.40 6.68
N GLY A 273 24.32 12.67 5.62
CA GLY A 273 23.61 12.87 4.36
C GLY A 273 24.51 13.02 3.15
N ARG A 274 23.89 13.27 2.00
CA ARG A 274 24.63 13.61 0.77
C ARG A 274 25.71 12.59 0.46
N ILE A 288 28.71 16.56 14.01
CA ILE A 288 27.49 16.05 14.64
C ILE A 288 27.73 14.66 15.24
N ASN A 289 27.35 13.62 14.50
CA ASN A 289 27.63 12.25 14.92
C ASN A 289 28.97 11.81 14.35
N GLN A 290 30.01 11.89 15.18
CA GLN A 290 31.38 11.65 14.74
C GLN A 290 31.55 10.22 14.20
N SER A 291 30.95 9.26 14.88
CA SER A 291 31.09 7.86 14.48
C SER A 291 30.37 7.54 13.17
N LEU A 292 29.20 8.11 12.97
CA LEU A 292 28.48 7.97 11.71
C LEU A 292 29.27 8.63 10.59
N LEU A 293 29.75 9.84 10.85
CA LEU A 293 30.55 10.61 9.90
C LEU A 293 31.77 9.81 9.46
N THR A 294 32.50 9.27 10.43
CA THR A 294 33.76 8.59 10.16
C THR A 294 33.50 7.26 9.45
N LEU A 295 32.39 6.62 9.77
CA LEU A 295 32.03 5.38 9.10
C LEU A 295 31.87 5.64 7.60
N GLY A 296 31.26 6.78 7.27
CA GLY A 296 31.09 7.15 5.88
C GLY A 296 32.41 7.42 5.19
N ARG A 297 33.32 8.09 5.88
CA ARG A 297 34.64 8.37 5.32
C ARG A 297 35.46 7.09 5.20
N VAL A 298 35.29 6.18 6.15
CA VAL A 298 36.01 4.91 6.09
C VAL A 298 35.56 4.12 4.86
N ILE A 299 34.25 4.08 4.63
CA ILE A 299 33.71 3.40 3.46
C ILE A 299 34.28 4.01 2.19
N THR A 300 34.24 5.34 2.12
CA THR A 300 34.75 6.07 0.96
C THR A 300 36.22 5.80 0.72
N ALA A 301 37.03 5.89 1.76
CA ALA A 301 38.46 5.66 1.64
C ALA A 301 38.75 4.25 1.14
N LEU A 302 37.97 3.27 1.61
CA LEU A 302 38.20 1.89 1.24
C LEU A 302 37.85 1.64 -0.22
N VAL A 303 36.76 2.23 -0.67
CA VAL A 303 36.31 2.05 -2.04
C VAL A 303 37.22 2.77 -3.03
N GLU A 304 37.69 3.96 -2.66
CA GLU A 304 38.56 4.73 -3.53
C GLU A 304 40.03 4.42 -3.29
N ARG A 305 40.29 3.48 -2.38
CA ARG A 305 41.62 2.94 -2.16
C ARG A 305 42.62 4.00 -1.70
N THR A 306 42.13 5.09 -1.12
CA THR A 306 43.00 6.12 -0.59
C THR A 306 43.91 5.53 0.48
N PRO A 307 45.10 6.12 0.67
CA PRO A 307 46.17 5.55 1.51
C PRO A 307 45.81 5.41 2.99
N HIS A 308 45.31 6.49 3.58
CA HIS A 308 44.96 6.48 4.99
C HIS A 308 43.46 6.25 5.17
N VAL A 309 43.10 5.14 5.80
CA VAL A 309 41.71 4.91 6.16
C VAL A 309 41.53 5.28 7.62
N PRO A 310 40.68 6.27 7.88
CA PRO A 310 40.55 6.94 9.18
C PRO A 310 39.80 6.18 10.26
N TYR A 311 40.09 4.89 10.39
CA TYR A 311 39.47 4.08 11.45
C TYR A 311 39.58 4.79 12.80
N ARG A 312 40.69 5.49 13.00
CA ARG A 312 41.11 5.92 14.33
C ARG A 312 40.39 7.19 14.78
N GLU A 313 39.53 7.72 13.91
CA GLU A 313 38.87 8.99 14.18
C GLU A 313 37.50 8.89 14.85
N SER A 314 37.08 7.68 15.19
CA SER A 314 35.85 7.51 15.99
C SER A 314 35.87 6.20 16.76
N LYS A 315 35.13 6.16 17.87
CA LYS A 315 35.02 4.95 18.67
C LYS A 315 34.48 3.79 17.82
N LEU A 316 33.44 4.06 17.05
CA LEU A 316 32.76 3.01 16.30
C LEU A 316 33.70 2.32 15.31
N THR A 317 34.40 3.12 14.52
CA THR A 317 35.27 2.56 13.51
C THR A 317 36.54 1.95 14.09
N ARG A 318 36.92 2.38 15.29
CA ARG A 318 38.02 1.71 15.98
C ARG A 318 37.56 0.32 16.44
N ILE A 319 36.36 0.25 16.99
CA ILE A 319 35.84 -1.01 17.49
C ILE A 319 35.62 -2.01 16.34
N LEU A 320 35.06 -1.53 15.23
CA LEU A 320 34.69 -2.41 14.13
C LEU A 320 35.65 -2.37 12.94
N GLN A 321 36.87 -1.91 13.20
CA GLN A 321 37.90 -1.83 12.16
C GLN A 321 38.01 -3.11 11.31
N ASP A 322 38.09 -4.26 11.98
CA ASP A 322 38.28 -5.52 11.26
C ASP A 322 37.07 -5.88 10.38
N SER A 323 35.94 -5.22 10.61
CA SER A 323 34.74 -5.50 9.82
C SER A 323 34.69 -4.71 8.52
N LEU A 324 35.47 -3.64 8.43
CA LEU A 324 35.54 -2.84 7.21
C LEU A 324 36.89 -3.00 6.52
N GLY A 325 37.01 -4.01 5.67
CA GLY A 325 38.27 -4.23 4.97
C GLY A 325 39.21 -5.14 5.75
N GLY A 326 38.68 -5.83 6.76
CA GLY A 326 39.51 -6.69 7.58
C GLY A 326 39.28 -8.16 7.32
N ARG A 327 39.42 -8.96 8.36
CA ARG A 327 39.30 -10.41 8.22
C ARG A 327 37.98 -10.91 8.79
N THR A 328 37.01 -10.00 8.93
CA THR A 328 35.67 -10.37 9.35
C THR A 328 34.75 -10.42 8.12
N ARG A 329 33.88 -11.42 8.04
CA ARG A 329 32.87 -11.43 7.00
C ARG A 329 31.72 -10.51 7.39
N THR A 330 31.45 -9.51 6.55
CA THR A 330 30.53 -8.46 6.90
C THR A 330 29.33 -8.37 5.95
N SER A 331 28.15 -8.15 6.52
CA SER A 331 26.96 -7.88 5.75
C SER A 331 26.33 -6.59 6.25
N ILE A 332 25.66 -5.88 5.35
CA ILE A 332 24.97 -4.67 5.71
C ILE A 332 23.51 -4.81 5.28
N ILE A 333 22.60 -4.46 6.18
CA ILE A 333 21.20 -4.37 5.83
C ILE A 333 20.79 -2.90 5.80
N ALA A 334 20.50 -2.41 4.61
CA ALA A 334 20.09 -1.02 4.44
C ALA A 334 18.58 -0.95 4.46
N THR A 335 18.03 -0.19 5.40
CA THR A 335 16.59 -0.09 5.56
C THR A 335 16.13 1.24 4.96
N ILE A 336 15.03 1.21 4.22
CA ILE A 336 14.50 2.44 3.62
C ILE A 336 13.00 2.57 3.78
N SER A 337 12.52 3.80 3.63
CA SER A 337 11.09 4.10 3.55
C SER A 337 10.66 4.13 2.09
N PRO A 338 9.43 3.70 1.78
CA PRO A 338 8.87 3.75 0.41
C PRO A 338 8.38 5.13 -0.02
N ALA A 339 8.36 6.10 0.91
CA ALA A 339 7.55 7.30 0.72
C ALA A 339 8.27 8.46 0.05
N SER A 340 7.52 9.18 -0.79
CA SER A 340 8.06 10.27 -1.58
C SER A 340 8.76 11.33 -0.73
N LEU A 341 8.25 11.61 0.47
CA LEU A 341 8.82 12.68 1.25
C LEU A 341 10.20 12.36 1.83
N ASN A 342 10.61 11.10 1.73
CA ASN A 342 11.93 10.69 2.21
C ASN A 342 12.92 10.52 1.05
N LEU A 343 12.54 11.01 -0.13
CA LEU A 343 13.32 10.83 -1.35
C LEU A 343 14.82 10.98 -1.10
N GLU A 344 15.21 12.08 -0.48
CA GLU A 344 16.63 12.40 -0.37
C GLU A 344 17.36 11.46 0.57
N GLU A 345 16.72 11.11 1.68
CA GLU A 345 17.35 10.20 2.63
C GLU A 345 17.43 8.80 2.05
N THR A 346 16.42 8.43 1.27
CA THR A 346 16.40 7.09 0.69
C THR A 346 17.50 6.96 -0.36
N LEU A 347 17.62 7.97 -1.22
CA LEU A 347 18.71 8.00 -2.19
C LEU A 347 20.06 7.99 -1.51
N SER A 348 20.21 8.77 -0.45
CA SER A 348 21.48 8.80 0.27
C SER A 348 21.83 7.42 0.84
N THR A 349 20.85 6.76 1.44
CA THR A 349 21.04 5.41 1.97
C THR A 349 21.45 4.42 0.89
N LEU A 350 20.76 4.46 -0.25
CA LEU A 350 21.04 3.51 -1.31
C LEU A 350 22.40 3.75 -1.95
N GLU A 351 22.81 5.02 -2.05
CA GLU A 351 24.12 5.36 -2.59
C GLU A 351 25.21 4.85 -1.65
N TYR A 352 25.04 5.11 -0.36
CA TYR A 352 26.03 4.66 0.61
C TYR A 352 26.12 3.14 0.62
N ALA A 353 24.98 2.48 0.66
CA ALA A 353 24.95 1.02 0.68
C ALA A 353 25.58 0.46 -0.58
N HIS A 354 25.28 1.08 -1.71
CA HIS A 354 25.75 0.56 -3.00
C HIS A 354 27.28 0.64 -3.09
N ARG A 355 27.85 1.73 -2.59
CA ARG A 355 29.29 1.89 -2.60
C ARG A 355 29.96 0.87 -1.68
N ALA A 356 29.32 0.59 -0.56
CA ALA A 356 29.90 -0.29 0.45
C ALA A 356 30.13 -1.70 -0.08
N LYS A 357 29.34 -2.12 -1.06
CA LYS A 357 29.47 -3.49 -1.51
C LYS A 357 30.69 -3.72 -2.40
N ASN A 358 31.43 -2.64 -2.69
CA ASN A 358 32.71 -2.75 -3.39
C ASN A 358 33.87 -3.05 -2.44
N ILE A 359 33.64 -2.90 -1.15
CA ILE A 359 34.68 -3.16 -0.16
C ILE A 359 34.99 -4.65 -0.10
N LEU A 360 36.27 -4.98 -0.16
CA LEU A 360 36.73 -6.36 -0.15
C LEU A 360 37.26 -6.73 1.23
N ASN A 361 36.66 -7.77 1.83
CA ASN A 361 37.16 -8.36 3.07
C ASN A 361 37.87 -9.68 2.80
N LYS A 362 38.65 -10.15 3.78
CA LYS A 362 39.39 -11.39 3.66
C LYS A 362 39.25 -12.26 4.91
N PRO A 363 38.12 -12.97 5.04
CA PRO A 363 37.81 -13.70 6.27
C PRO A 363 38.85 -14.78 6.60
N GLU A 364 39.08 -14.99 7.90
CA GLU A 364 39.96 -16.04 8.37
C GLU A 364 39.48 -16.56 9.72
N VAL A 365 39.56 -17.87 9.92
CA VAL A 365 39.05 -18.50 11.13
C VAL A 365 39.90 -18.17 12.36
N ASN A 366 39.27 -18.09 13.53
CA ASN A 366 39.99 -17.92 14.77
C ASN A 366 40.53 -19.27 15.23
N GLN A 367 39.71 -20.12 15.62
N LYS B 17 -7.55 -37.21 -17.74
CA LYS B 17 -6.23 -37.62 -18.30
C LYS B 17 -5.64 -38.78 -17.52
N ASN B 18 -5.12 -39.77 -18.24
CA ASN B 18 -4.46 -40.92 -17.63
C ASN B 18 -3.10 -40.49 -17.11
N ILE B 19 -2.65 -41.12 -16.02
CA ILE B 19 -1.28 -40.90 -15.56
C ILE B 19 -0.33 -41.22 -16.71
N GLN B 20 0.56 -40.29 -17.02
CA GLN B 20 1.58 -40.50 -18.03
C GLN B 20 2.73 -41.33 -17.43
N VAL B 21 3.14 -42.38 -18.14
CA VAL B 21 4.21 -43.23 -17.64
C VAL B 21 5.29 -43.34 -18.70
N VAL B 22 6.52 -43.02 -18.31
CA VAL B 22 7.65 -43.19 -19.22
C VAL B 22 8.72 -44.07 -18.57
N VAL B 23 9.54 -44.71 -19.38
CA VAL B 23 10.61 -45.54 -18.87
C VAL B 23 11.95 -44.95 -19.26
N ARG B 24 12.89 -44.93 -18.31
CA ARG B 24 14.26 -44.54 -18.60
C ARG B 24 15.27 -45.64 -18.25
N CYS B 25 15.96 -46.14 -19.27
CA CYS B 25 16.99 -47.15 -19.03
C CYS B 25 18.35 -46.47 -18.99
N ARG B 26 19.18 -46.85 -18.01
CA ARG B 26 20.52 -46.29 -17.89
C ARG B 26 21.54 -47.22 -18.53
N PRO B 27 22.75 -46.71 -18.81
CA PRO B 27 23.82 -47.57 -19.35
C PRO B 27 24.24 -48.63 -18.35
N PHE B 28 24.94 -49.64 -18.84
CA PHE B 28 25.58 -50.64 -17.98
C PHE B 28 26.51 -49.94 -17.00
N ASN B 29 26.50 -50.35 -15.73
CA ASN B 29 27.55 -49.91 -14.83
C ASN B 29 28.62 -51.00 -14.63
N LEU B 30 29.66 -50.67 -13.86
CA LEU B 30 30.80 -51.56 -13.70
C LEU B 30 30.47 -52.79 -12.83
N ALA B 31 29.63 -52.59 -11.83
CA ALA B 31 29.22 -53.72 -11.00
C ALA B 31 28.60 -54.79 -11.89
N GLU B 32 27.79 -54.33 -12.85
CA GLU B 32 27.11 -55.25 -13.77
C GLU B 32 28.11 -55.93 -14.72
N ARG B 33 29.12 -55.21 -15.18
CA ARG B 33 30.18 -55.82 -15.99
C ARG B 33 30.95 -56.86 -15.17
N LYS B 34 31.14 -56.57 -13.89
CA LYS B 34 31.94 -57.45 -13.04
C LYS B 34 31.18 -58.73 -12.68
N ALA B 35 29.86 -58.64 -12.65
CA ALA B 35 29.03 -59.81 -12.44
C ALA B 35 28.84 -60.58 -13.73
N SER B 36 29.49 -60.14 -14.81
CA SER B 36 29.38 -60.81 -16.10
C SER B 36 27.96 -60.87 -16.62
N ALA B 37 27.19 -59.82 -16.37
CA ALA B 37 25.81 -59.77 -16.86
C ALA B 37 25.82 -59.42 -18.34
N HIS B 38 24.77 -59.80 -19.04
CA HIS B 38 24.61 -59.34 -20.42
C HIS B 38 23.35 -58.47 -20.52
N SER B 39 23.18 -57.82 -21.67
CA SER B 39 22.06 -56.90 -21.85
C SER B 39 20.81 -57.66 -22.23
N ILE B 40 19.73 -57.40 -21.51
CA ILE B 40 18.46 -58.06 -21.80
C ILE B 40 17.35 -57.06 -22.11
N VAL B 41 17.71 -55.78 -22.18
CA VAL B 41 16.72 -54.75 -22.42
C VAL B 41 16.96 -54.01 -23.72
N GLU B 42 15.90 -53.87 -24.52
CA GLU B 42 15.95 -53.03 -25.70
C GLU B 42 14.89 -51.96 -25.61
N CYS B 43 15.30 -50.71 -25.79
CA CYS B 43 14.36 -49.60 -25.80
C CYS B 43 14.15 -49.14 -27.23
N ASP B 44 12.90 -48.88 -27.58
CA ASP B 44 12.55 -48.39 -28.89
C ASP B 44 11.73 -47.12 -28.74
N PRO B 45 12.41 -45.96 -28.74
CA PRO B 45 11.77 -44.66 -28.54
C PRO B 45 10.70 -44.38 -29.59
N VAL B 46 10.95 -44.85 -30.81
CA VAL B 46 10.05 -44.57 -31.91
C VAL B 46 8.72 -45.29 -31.75
N ARG B 47 8.76 -46.55 -31.32
CA ARG B 47 7.55 -47.32 -31.10
C ARG B 47 7.07 -47.19 -29.66
N LYS B 48 7.87 -46.52 -28.85
CA LYS B 48 7.52 -46.32 -27.44
C LYS B 48 7.44 -47.66 -26.72
N GLU B 49 8.37 -48.55 -27.04
CA GLU B 49 8.36 -49.89 -26.49
C GLU B 49 9.65 -50.20 -25.76
N VAL B 50 9.54 -51.00 -24.71
CA VAL B 50 10.71 -51.62 -24.13
C VAL B 50 10.48 -53.13 -24.08
N SER B 51 11.44 -53.89 -24.58
CA SER B 51 11.31 -55.34 -24.54
C SER B 51 12.44 -55.94 -23.74
N VAL B 52 12.10 -56.95 -22.96
CA VAL B 52 13.05 -57.58 -22.05
C VAL B 52 13.17 -59.06 -22.38
N ARG B 53 14.40 -59.50 -22.64
CA ARG B 53 14.63 -60.92 -22.86
C ARG B 53 14.54 -61.67 -21.54
N THR B 54 13.55 -62.56 -21.45
CA THR B 54 13.23 -63.25 -20.22
C THR B 54 13.90 -64.61 -20.17
N GLY B 55 14.60 -64.96 -21.25
CA GLY B 55 15.17 -66.29 -21.37
C GLY B 55 16.58 -66.44 -20.81
N GLY B 56 17.55 -65.85 -21.50
CA GLY B 56 18.95 -66.12 -21.18
C GLY B 56 19.89 -65.77 -22.33
N LEU B 57 21.19 -65.83 -22.06
CA LEU B 57 22.22 -65.29 -22.96
C LEU B 57 22.46 -66.12 -24.22
N ALA B 58 22.43 -67.44 -24.06
CA ALA B 58 22.75 -68.37 -25.14
C ALA B 58 22.10 -67.97 -26.47
N ASP B 59 20.84 -67.56 -26.42
CA ASP B 59 20.12 -67.15 -27.60
C ASP B 59 18.73 -66.61 -27.25
N LYS B 60 18.12 -65.92 -28.21
CA LYS B 60 16.77 -65.37 -28.06
C LYS B 60 15.84 -66.41 -27.47
N SER B 61 15.75 -66.44 -26.14
CA SER B 61 14.99 -67.50 -25.50
C SER B 61 13.55 -67.12 -25.19
N SER B 62 13.10 -65.90 -25.56
CA SER B 62 11.84 -65.36 -25.05
C SER B 62 11.94 -63.88 -24.70
N ARG B 63 10.84 -63.14 -24.85
CA ARG B 63 10.82 -61.74 -24.46
C ARG B 63 9.43 -61.20 -24.16
N LYS B 64 9.37 -60.21 -23.28
CA LYS B 64 8.14 -59.48 -23.02
C LYS B 64 8.30 -58.05 -23.52
N THR B 65 7.27 -57.53 -24.17
CA THR B 65 7.30 -56.16 -24.65
C THR B 65 6.20 -55.33 -24.00
N TYR B 66 6.57 -54.13 -23.56
CA TYR B 66 5.62 -53.22 -22.93
C TYR B 66 5.59 -51.93 -23.74
N THR B 67 4.41 -51.32 -23.79
CA THR B 67 4.25 -50.04 -24.47
C THR B 67 4.00 -48.96 -23.43
N PHE B 68 4.72 -47.84 -23.54
CA PHE B 68 4.55 -46.74 -22.62
C PHE B 68 4.32 -45.45 -23.38
N ASP B 69 4.05 -44.36 -22.66
CA ASP B 69 3.83 -43.08 -23.31
C ASP B 69 5.13 -42.55 -23.91
N MET B 70 6.26 -42.82 -23.25
CA MET B 70 7.57 -42.56 -23.83
C MET B 70 8.59 -43.57 -23.32
N VAL B 71 9.63 -43.80 -24.12
CA VAL B 71 10.72 -44.66 -23.71
C VAL B 71 12.05 -43.98 -24.00
N PHE B 72 12.94 -43.92 -23.01
CA PHE B 72 14.26 -43.32 -23.18
C PHE B 72 15.35 -44.35 -23.01
N GLY B 73 16.21 -44.46 -24.01
CA GLY B 73 17.28 -45.42 -23.96
C GLY B 73 18.50 -44.90 -23.20
N ALA B 74 19.54 -45.74 -23.16
CA ALA B 74 20.73 -45.49 -22.36
C ALA B 74 21.52 -44.23 -22.74
N SER B 75 21.32 -43.74 -23.95
CA SER B 75 22.07 -42.55 -24.38
C SER B 75 21.28 -41.25 -24.18
N THR B 76 20.10 -41.35 -23.57
CA THR B 76 19.27 -40.19 -23.30
C THR B 76 19.99 -39.19 -22.37
N LYS B 77 20.03 -37.93 -22.78
CA LYS B 77 20.65 -36.88 -21.96
C LYS B 77 19.65 -36.30 -20.98
N GLN B 78 20.16 -35.63 -19.95
CA GLN B 78 19.32 -35.00 -18.95
C GLN B 78 18.37 -33.99 -19.60
N ILE B 79 18.87 -33.20 -20.54
CA ILE B 79 18.07 -32.16 -21.13
C ILE B 79 16.96 -32.73 -22.00
N ASP B 80 17.16 -33.91 -22.55
CA ASP B 80 16.11 -34.62 -23.29
C ASP B 80 14.93 -35.00 -22.38
N VAL B 81 15.24 -35.54 -21.20
CA VAL B 81 14.20 -35.90 -20.25
C VAL B 81 13.43 -34.65 -19.87
N TYR B 82 14.16 -33.57 -19.62
CA TYR B 82 13.52 -32.34 -19.18
C TYR B 82 12.57 -31.79 -20.25
N ARG B 83 13.04 -31.71 -21.49
CA ARG B 83 12.24 -31.15 -22.58
C ARG B 83 11.02 -32.00 -22.90
N SER B 84 11.21 -33.30 -23.00
CA SER B 84 10.13 -34.19 -23.42
C SER B 84 9.11 -34.40 -22.31
N VAL B 85 9.56 -34.47 -21.07
CA VAL B 85 8.66 -34.84 -19.98
C VAL B 85 8.21 -33.65 -19.15
N VAL B 86 9.15 -32.81 -18.77
CA VAL B 86 8.89 -31.82 -17.74
C VAL B 86 8.32 -30.52 -18.29
N CYS B 87 8.85 -30.04 -19.42
CA CYS B 87 8.38 -28.77 -19.99
C CYS B 87 6.86 -28.70 -20.16
N PRO B 88 6.25 -29.74 -20.76
CA PRO B 88 4.80 -29.74 -20.87
C PRO B 88 4.12 -29.63 -19.49
N ILE B 89 4.71 -30.31 -18.52
CA ILE B 89 4.15 -30.29 -17.17
C ILE B 89 4.32 -28.92 -16.51
N LEU B 90 5.46 -28.30 -16.71
CA LEU B 90 5.71 -26.98 -16.14
C LEU B 90 4.75 -25.93 -16.71
N ASP B 91 4.40 -26.07 -17.98
CA ASP B 91 3.41 -25.18 -18.58
C ASP B 91 2.06 -25.34 -17.88
N GLU B 92 1.69 -26.58 -17.54
CA GLU B 92 0.42 -26.81 -16.84
C GLU B 92 0.47 -26.18 -15.46
N VAL B 93 1.60 -26.35 -14.78
CA VAL B 93 1.77 -25.75 -13.47
C VAL B 93 1.58 -24.24 -13.53
N ILE B 94 2.17 -23.61 -14.54
CA ILE B 94 2.05 -22.17 -14.70
C ILE B 94 0.63 -21.72 -15.08
N MET B 95 -0.15 -22.63 -15.67
CA MET B 95 -1.56 -22.35 -15.90
C MET B 95 -2.39 -22.49 -14.64
N GLY B 96 -1.75 -22.88 -13.53
CA GLY B 96 -2.44 -22.95 -12.26
C GLY B 96 -2.94 -24.34 -11.88
N TYR B 97 -2.32 -25.38 -12.44
CA TYR B 97 -2.64 -26.75 -12.06
C TYR B 97 -1.69 -27.26 -10.97
N ASN B 98 -2.08 -28.34 -10.32
CA ASN B 98 -1.14 -29.10 -9.50
C ASN B 98 -0.64 -30.29 -10.30
N CYS B 99 0.68 -30.52 -10.26
CA CYS B 99 1.28 -31.63 -10.99
C CYS B 99 2.24 -32.40 -10.11
N THR B 100 2.37 -33.69 -10.39
CA THR B 100 3.28 -34.55 -9.67
C THR B 100 4.05 -35.45 -10.63
N ILE B 101 5.36 -35.55 -10.41
CA ILE B 101 6.20 -36.50 -11.12
C ILE B 101 6.84 -37.42 -10.10
N PHE B 102 6.66 -38.74 -10.26
CA PHE B 102 7.33 -39.76 -9.46
C PHE B 102 8.54 -40.29 -10.21
N ALA B 103 9.61 -40.59 -9.48
CA ALA B 103 10.66 -41.46 -10.01
C ALA B 103 10.52 -42.78 -9.26
N TYR B 104 10.41 -43.87 -10.00
CA TYR B 104 10.15 -45.18 -9.43
C TYR B 104 11.14 -46.18 -10.03
N GLY B 105 11.73 -47.03 -9.20
CA GLY B 105 12.59 -48.07 -9.72
C GLY B 105 13.60 -48.61 -8.74
N GLN B 106 14.37 -49.60 -9.20
CA GLN B 106 15.31 -50.29 -8.34
C GLN B 106 16.45 -49.37 -7.93
N THR B 107 16.98 -49.55 -6.72
CA THR B 107 18.10 -48.75 -6.26
C THR B 107 19.27 -48.85 -7.23
N GLY B 108 19.86 -47.70 -7.56
CA GLY B 108 20.99 -47.68 -8.48
C GLY B 108 20.60 -47.53 -9.93
N THR B 109 19.31 -47.43 -10.23
CA THR B 109 18.89 -47.31 -11.63
C THR B 109 18.76 -45.88 -12.16
N GLY B 110 18.82 -44.89 -11.27
CA GLY B 110 18.85 -43.51 -11.72
C GLY B 110 17.72 -42.59 -11.29
N LYS B 111 17.02 -42.93 -10.21
CA LYS B 111 15.95 -42.08 -9.72
C LYS B 111 16.50 -40.70 -9.33
N THR B 112 17.55 -40.70 -8.52
CA THR B 112 18.09 -39.45 -8.00
C THR B 112 18.89 -38.69 -9.06
N PHE B 113 19.61 -39.42 -9.92
CA PHE B 113 20.27 -38.78 -11.05
C PHE B 113 19.24 -38.05 -11.93
N THR B 114 18.08 -38.67 -12.15
CA THR B 114 17.05 -38.06 -12.99
C THR B 114 16.41 -36.83 -12.35
N MET B 115 16.08 -36.93 -11.06
CA MET B 115 15.41 -35.85 -10.35
C MET B 115 16.33 -34.67 -10.02
N GLU B 116 17.58 -34.95 -9.68
CA GLU B 116 18.50 -33.93 -9.17
C GLU B 116 19.72 -33.76 -10.05
N GLY B 117 20.30 -34.88 -10.48
CA GLY B 117 21.45 -34.80 -11.36
C GLY B 117 22.73 -34.62 -10.57
N GLU B 118 23.78 -34.17 -11.26
CA GLU B 118 25.10 -34.06 -10.66
C GLU B 118 25.85 -32.90 -11.27
N ARG B 119 26.99 -32.57 -10.66
CA ARG B 119 27.90 -31.58 -11.21
C ARG B 119 28.89 -32.29 -12.14
N SER B 120 29.11 -31.74 -13.32
CA SER B 120 30.14 -32.31 -14.19
C SER B 120 31.51 -32.16 -13.53
N PRO B 121 32.27 -33.26 -13.43
CA PRO B 121 33.45 -33.30 -12.57
C PRO B 121 34.58 -32.39 -13.01
N ASN B 122 35.33 -32.84 -14.01
CA ASN B 122 36.61 -32.22 -14.32
C ASN B 122 36.40 -30.80 -14.79
N GLU B 123 35.13 -30.40 -14.88
CA GLU B 123 34.79 -29.13 -15.48
C GLU B 123 34.34 -28.08 -14.46
N GLU B 124 34.20 -26.87 -14.97
CA GLU B 124 33.24 -25.92 -14.45
C GLU B 124 32.16 -25.73 -15.51
N TYR B 125 30.92 -25.99 -15.12
CA TYR B 125 29.77 -25.29 -15.64
C TYR B 125 29.17 -24.60 -14.42
N THR B 126 28.48 -23.49 -14.62
CA THR B 126 27.58 -23.01 -13.58
C THR B 126 26.51 -24.10 -13.50
N TRP B 127 25.85 -24.22 -12.35
CA TRP B 127 24.86 -25.27 -12.22
C TRP B 127 23.70 -25.06 -13.19
N GLU B 128 23.48 -23.81 -13.57
CA GLU B 128 22.39 -23.44 -14.50
C GLU B 128 22.61 -24.01 -15.89
N GLU B 129 23.84 -24.40 -16.21
CA GLU B 129 24.15 -24.82 -17.57
C GLU B 129 24.84 -26.18 -17.62
N ASP B 130 24.99 -26.81 -16.46
CA ASP B 130 25.67 -28.09 -16.39
C ASP B 130 24.78 -29.16 -17.04
N PRO B 131 25.31 -29.86 -18.05
CA PRO B 131 24.52 -30.89 -18.75
C PRO B 131 24.06 -32.05 -17.88
N LEU B 132 24.66 -32.21 -16.70
CA LEU B 132 24.28 -33.34 -15.85
C LEU B 132 23.20 -32.97 -14.85
N ALA B 133 22.82 -31.69 -14.82
CA ALA B 133 21.76 -31.23 -13.93
C ALA B 133 20.49 -32.00 -14.24
N GLY B 134 19.72 -32.35 -13.21
CA GLY B 134 18.49 -33.09 -13.42
C GLY B 134 17.26 -32.19 -13.41
N ILE B 135 16.10 -32.78 -13.10
CA ILE B 135 14.82 -32.14 -13.28
C ILE B 135 14.64 -30.92 -12.37
N ILE B 136 15.01 -31.08 -11.10
CA ILE B 136 14.77 -30.03 -10.12
C ILE B 136 15.55 -28.74 -10.39
N PRO B 137 16.89 -28.82 -10.52
CA PRO B 137 17.59 -27.56 -10.86
C PRO B 137 17.07 -26.89 -12.13
N ARG B 138 16.88 -27.67 -13.19
CA ARG B 138 16.40 -27.12 -14.45
C ARG B 138 15.05 -26.44 -14.27
N THR B 139 14.14 -27.10 -13.56
CA THR B 139 12.79 -26.60 -13.36
C THR B 139 12.82 -25.29 -12.57
N LEU B 140 13.60 -25.26 -11.51
CA LEU B 140 13.67 -24.06 -10.68
C LEU B 140 14.29 -22.92 -11.48
N HIS B 141 15.34 -23.21 -12.23
CA HIS B 141 15.96 -22.18 -13.06
C HIS B 141 14.93 -21.61 -14.04
N GLN B 142 14.17 -22.48 -14.68
CA GLN B 142 13.23 -22.05 -15.71
C GLN B 142 12.02 -21.31 -15.18
N ILE B 143 11.59 -21.60 -13.95
CA ILE B 143 10.48 -20.88 -13.37
C ILE B 143 10.80 -19.39 -13.26
N PHE B 144 11.96 -19.08 -12.72
CA PHE B 144 12.38 -17.69 -12.59
C PHE B 144 12.58 -17.07 -13.96
N GLU B 145 13.20 -17.84 -14.85
CA GLU B 145 13.47 -17.36 -16.20
C GLU B 145 12.19 -17.03 -16.97
N LYS B 146 11.25 -17.97 -16.99
CA LYS B 146 10.01 -17.79 -17.76
C LYS B 146 9.16 -16.67 -17.19
N LEU B 147 8.98 -16.68 -15.87
CA LEU B 147 8.05 -15.76 -15.25
C LEU B 147 8.60 -14.33 -15.14
N THR B 148 9.91 -14.19 -15.16
CA THR B 148 10.51 -12.86 -15.21
C THR B 148 10.27 -12.24 -16.59
N ASP B 149 10.53 -13.02 -17.63
CA ASP B 149 10.32 -12.56 -19.00
C ASP B 149 8.83 -12.30 -19.28
N ASN B 150 7.97 -13.01 -18.57
CA ASN B 150 6.52 -12.94 -18.80
C ASN B 150 5.92 -11.58 -18.47
N GLY B 151 6.59 -10.84 -17.59
CA GLY B 151 5.97 -9.65 -17.04
C GLY B 151 5.65 -9.87 -15.57
N THR B 152 5.92 -11.08 -15.09
CA THR B 152 6.27 -11.28 -13.69
C THR B 152 5.06 -11.11 -12.76
N GLU B 153 5.33 -10.68 -11.54
CA GLU B 153 4.37 -10.63 -10.45
C GLU B 153 4.09 -12.03 -9.91
N PHE B 154 5.12 -12.62 -9.32
CA PHE B 154 5.05 -14.01 -8.85
C PHE B 154 5.95 -14.19 -7.63
N SER B 155 5.62 -15.17 -6.80
CA SER B 155 6.52 -15.61 -5.74
C SER B 155 6.64 -17.13 -5.73
N VAL B 156 7.79 -17.62 -5.29
CA VAL B 156 8.10 -19.05 -5.32
C VAL B 156 8.47 -19.53 -3.92
N LYS B 157 7.86 -20.62 -3.48
CA LYS B 157 8.35 -21.31 -2.29
C LYS B 157 8.54 -22.81 -2.48
N VAL B 158 9.48 -23.35 -1.72
CA VAL B 158 9.86 -24.75 -1.84
C VAL B 158 9.86 -25.42 -0.48
N SER B 159 9.57 -26.72 -0.46
CA SER B 159 9.81 -27.52 0.73
C SER B 159 10.33 -28.89 0.33
N LEU B 160 11.02 -29.54 1.26
CA LEU B 160 11.55 -30.87 1.03
C LEU B 160 11.28 -31.75 2.25
N LEU B 161 10.39 -32.71 2.11
CA LEU B 161 10.18 -33.66 3.20
C LEU B 161 10.68 -35.03 2.81
N GLU B 162 11.28 -35.73 3.76
CA GLU B 162 11.67 -37.11 3.52
C GLU B 162 10.93 -38.03 4.49
N ILE B 163 10.60 -39.22 4.00
CA ILE B 163 9.93 -40.20 4.82
C ILE B 163 10.85 -41.39 4.95
N TYR B 164 11.16 -41.75 6.19
CA TYR B 164 11.97 -42.92 6.47
C TYR B 164 11.35 -43.71 7.61
N ASN B 165 11.01 -44.96 7.33
CA ASN B 165 10.38 -45.84 8.32
C ASN B 165 9.13 -45.15 8.86
N GLU B 166 8.36 -44.57 7.95
CA GLU B 166 7.09 -43.93 8.29
C GLU B 166 7.22 -42.73 9.22
N GLU B 167 8.37 -42.08 9.21
CA GLU B 167 8.55 -40.83 9.94
C GLU B 167 8.90 -39.68 9.00
N LEU B 168 8.32 -38.51 9.26
CA LEU B 168 8.52 -37.33 8.43
C LEU B 168 9.65 -36.45 8.94
N PHE B 169 10.54 -36.06 8.03
CA PHE B 169 11.64 -35.16 8.35
C PHE B 169 11.64 -33.98 7.38
N ASP B 170 11.93 -32.78 7.90
CA ASP B 170 12.05 -31.58 7.08
C ASP B 170 13.53 -31.36 6.78
N LEU B 171 13.90 -31.47 5.52
CA LEU B 171 15.30 -31.38 5.14
C LEU B 171 15.73 -29.96 4.80
N LEU B 172 14.77 -29.05 4.72
CA LEU B 172 15.06 -27.69 4.28
C LEU B 172 15.12 -26.70 5.44
N ASN B 173 14.58 -27.08 6.59
CA ASN B 173 14.65 -26.20 7.75
C ASN B 173 16.10 -26.09 8.22
N PRO B 174 16.74 -24.94 8.00
CA PRO B 174 18.11 -24.70 8.45
C PRO B 174 18.20 -24.60 9.98
N SER B 175 17.18 -23.99 10.57
CA SER B 175 17.16 -23.72 12.00
C SER B 175 16.65 -24.91 12.78
N SER B 176 16.84 -26.11 12.23
CA SER B 176 16.34 -27.33 12.86
C SER B 176 17.29 -28.49 12.69
N ASP B 177 17.30 -29.38 13.66
CA ASP B 177 18.08 -30.60 13.54
C ASP B 177 17.32 -31.53 12.60
N VAL B 178 18.07 -32.27 11.79
CA VAL B 178 17.45 -33.18 10.84
C VAL B 178 16.64 -34.27 11.55
N SER B 179 17.00 -34.57 12.79
CA SER B 179 16.43 -35.70 13.51
C SER B 179 15.04 -35.44 14.11
N GLU B 180 14.60 -34.19 14.05
CA GLU B 180 13.26 -33.85 14.55
C GLU B 180 12.19 -34.22 13.53
N ARG B 181 11.29 -35.10 13.92
CA ARG B 181 10.21 -35.53 13.03
C ARG B 181 8.99 -34.61 13.13
N LEU B 182 8.26 -34.49 12.03
CA LEU B 182 7.07 -33.66 11.98
C LEU B 182 5.84 -34.53 12.14
N GLN B 183 4.70 -33.90 12.44
CA GLN B 183 3.44 -34.61 12.55
C GLN B 183 2.51 -34.12 11.46
N MET B 184 1.55 -34.96 11.06
CA MET B 184 0.57 -34.56 10.07
C MET B 184 -0.84 -34.84 10.56
N PHE B 185 -1.79 -34.04 10.07
CA PHE B 185 -3.20 -34.29 10.30
C PHE B 185 -3.97 -33.95 9.03
N ASP B 186 -5.19 -34.44 8.93
CA ASP B 186 -6.01 -34.18 7.76
C ASP B 186 -6.32 -32.71 7.60
N ASP B 187 -6.37 -32.26 6.36
CA ASP B 187 -6.62 -30.85 6.06
C ASP B 187 -8.11 -30.56 6.17
N PRO B 188 -8.48 -29.74 7.16
CA PRO B 188 -9.88 -29.38 7.37
C PRO B 188 -10.54 -28.89 6.08
N ARG B 189 -9.80 -28.09 5.31
CA ARG B 189 -10.33 -27.49 4.09
C ARG B 189 -9.65 -28.06 2.85
N ASN B 190 -9.92 -29.32 2.55
CA ASN B 190 -9.32 -30.00 1.40
C ASN B 190 -10.06 -31.30 1.08
N LYS B 191 -9.93 -32.27 1.98
CA LYS B 191 -10.58 -33.58 1.87
C LYS B 191 -9.61 -34.66 1.37
N ARG B 192 -8.89 -34.36 0.29
CA ARG B 192 -7.93 -35.30 -0.28
C ARG B 192 -6.51 -34.99 0.14
N GLY B 193 -6.33 -34.20 1.19
CA GLY B 193 -5.00 -33.78 1.54
C GLY B 193 -4.74 -33.61 3.03
N VAL B 194 -3.47 -33.50 3.39
CA VAL B 194 -3.09 -33.37 4.79
C VAL B 194 -2.29 -32.09 5.03
N ILE B 195 -2.18 -31.71 6.29
CA ILE B 195 -1.32 -30.62 6.70
C ILE B 195 -0.17 -31.18 7.50
N ILE B 196 1.04 -30.74 7.19
CA ILE B 196 2.20 -31.23 7.90
C ILE B 196 2.75 -30.16 8.81
N LYS B 197 2.53 -30.34 10.11
CA LYS B 197 2.82 -29.31 11.10
C LYS B 197 4.31 -29.09 11.21
N GLY B 198 4.73 -27.84 11.00
CA GLY B 198 6.13 -27.49 11.19
C GLY B 198 6.98 -27.54 9.93
N LEU B 199 6.46 -28.11 8.86
CA LEU B 199 7.20 -28.19 7.60
C LEU B 199 7.45 -26.80 7.04
N GLU B 200 8.71 -26.44 6.89
CA GLU B 200 9.08 -25.12 6.40
C GLU B 200 8.84 -25.00 4.90
N GLU B 201 8.02 -24.02 4.51
CA GLU B 201 7.95 -23.62 3.11
C GLU B 201 8.75 -22.35 2.92
N ILE B 202 9.92 -22.49 2.30
CA ILE B 202 10.88 -21.40 2.20
C ILE B 202 10.68 -20.57 0.93
N THR B 203 10.50 -19.27 1.11
CA THR B 203 10.40 -18.36 -0.03
C THR B 203 11.75 -18.28 -0.72
N VAL B 204 11.74 -18.54 -2.02
CA VAL B 204 12.95 -18.45 -2.83
C VAL B 204 12.88 -17.18 -3.68
N HIS B 205 13.84 -16.28 -3.48
CA HIS B 205 13.76 -14.96 -4.10
C HIS B 205 14.40 -14.92 -5.48
N ASN B 206 15.32 -15.83 -5.75
CA ASN B 206 15.91 -15.92 -7.08
C ASN B 206 16.70 -17.21 -7.24
N LYS B 207 17.24 -17.39 -8.44
CA LYS B 207 18.02 -18.57 -8.80
C LYS B 207 19.11 -18.87 -7.79
N ASP B 208 19.87 -17.85 -7.40
CA ASP B 208 21.03 -18.08 -6.54
C ASP B 208 20.64 -18.56 -5.15
N GLU B 209 19.49 -18.11 -4.68
CA GLU B 209 19.04 -18.53 -3.37
C GLU B 209 18.62 -20.00 -3.42
N VAL B 210 18.06 -20.42 -4.54
CA VAL B 210 17.73 -21.84 -4.74
C VAL B 210 18.91 -22.74 -4.38
N TYR B 211 20.07 -22.38 -4.90
CA TYR B 211 21.26 -23.21 -4.74
C TYR B 211 21.65 -23.36 -3.28
N GLN B 212 21.70 -22.25 -2.55
CA GLN B 212 22.16 -22.30 -1.16
C GLN B 212 21.15 -23.02 -0.28
N ILE B 213 19.86 -22.85 -0.56
CA ILE B 213 18.82 -23.54 0.19
C ILE B 213 18.94 -25.05 0.06
N LEU B 214 19.09 -25.53 -1.18
CA LEU B 214 19.14 -26.96 -1.44
C LEU B 214 20.50 -27.57 -1.11
N GLU B 215 21.54 -26.75 -1.12
CA GLU B 215 22.85 -27.20 -0.66
C GLU B 215 22.81 -27.57 0.82
N LYS B 216 22.04 -26.80 1.59
CA LYS B 216 21.88 -27.03 3.01
C LYS B 216 21.08 -28.31 3.20
N GLY B 217 20.11 -28.49 2.32
CA GLY B 217 19.34 -29.73 2.32
C GLY B 217 20.20 -30.95 2.07
N ALA B 218 21.16 -30.84 1.16
CA ALA B 218 22.02 -31.97 0.82
C ALA B 218 22.88 -32.34 2.00
N ALA B 219 23.37 -31.32 2.70
CA ALA B 219 24.18 -31.55 3.91
C ALA B 219 23.39 -32.28 4.99
N LYS B 220 22.15 -31.88 5.22
CA LYS B 220 21.32 -32.55 6.23
C LYS B 220 21.06 -34.01 5.85
N ARG B 221 20.79 -34.27 4.58
CA ARG B 221 20.65 -35.63 4.07
C ARG B 221 21.86 -36.47 4.44
N THR B 222 23.04 -35.91 4.19
CA THR B 222 24.29 -36.59 4.48
C THR B 222 24.35 -36.98 5.95
N THR B 223 23.92 -36.07 6.81
CA THR B 223 23.91 -36.31 8.25
C THR B 223 22.89 -37.37 8.61
N ALA B 224 21.71 -37.29 8.03
CA ALA B 224 20.65 -38.25 8.29
C ALA B 224 21.09 -39.66 7.93
N ALA B 225 21.91 -39.77 6.89
CA ALA B 225 22.39 -41.08 6.43
C ALA B 225 23.35 -41.73 7.44
N THR B 226 23.98 -40.92 8.28
CA THR B 226 24.91 -41.45 9.27
C THR B 226 24.14 -41.96 10.50
N LEU B 227 22.90 -41.50 10.64
CA LEU B 227 22.05 -41.88 11.78
C LEU B 227 21.11 -43.04 11.45
N MET B 228 20.77 -43.18 10.17
CA MET B 228 19.77 -44.16 9.76
C MET B 228 20.28 -45.11 8.68
N ASN B 229 19.94 -46.38 8.84
CA ASN B 229 20.48 -47.43 7.99
C ASN B 229 19.90 -47.36 6.58
N ALA B 230 20.78 -47.34 5.58
CA ALA B 230 20.37 -47.34 4.18
C ALA B 230 19.37 -46.22 3.91
N TYR B 231 19.66 -45.04 4.44
CA TYR B 231 18.74 -43.92 4.36
C TYR B 231 18.36 -43.59 2.91
N SER B 232 19.36 -43.47 2.04
CA SER B 232 19.11 -43.00 0.69
C SER B 232 18.32 -44.00 -0.14
N SER B 233 18.44 -45.29 0.14
CA SER B 233 17.71 -46.27 -0.64
C SER B 233 16.32 -46.58 -0.06
N ARG B 234 16.13 -46.32 1.22
CA ARG B 234 14.86 -46.64 1.87
C ARG B 234 13.96 -45.41 2.11
N SER B 235 14.52 -44.22 1.98
CA SER B 235 13.73 -43.02 2.17
C SER B 235 12.90 -42.68 0.94
N HIS B 236 11.79 -41.97 1.14
CA HIS B 236 11.05 -41.32 0.07
C HIS B 236 11.30 -39.83 0.19
N SER B 237 11.52 -39.17 -0.94
CA SER B 237 11.80 -37.74 -0.93
C SER B 237 10.72 -36.98 -1.71
N VAL B 238 10.09 -36.02 -1.06
CA VAL B 238 9.06 -35.23 -1.69
C VAL B 238 9.45 -33.76 -1.74
N PHE B 239 9.80 -33.29 -2.94
CA PHE B 239 10.15 -31.89 -3.13
C PHE B 239 8.98 -31.17 -3.77
N SER B 240 8.56 -30.07 -3.16
CA SER B 240 7.41 -29.31 -3.65
C SER B 240 7.78 -27.86 -3.93
N VAL B 241 7.42 -27.37 -5.11
CA VAL B 241 7.56 -25.97 -5.40
C VAL B 241 6.18 -25.38 -5.67
N THR B 242 5.86 -24.30 -4.97
CA THR B 242 4.56 -23.65 -5.09
C THR B 242 4.73 -22.26 -5.68
N ILE B 243 3.94 -21.95 -6.70
CA ILE B 243 4.08 -20.68 -7.40
C ILE B 243 2.80 -19.86 -7.28
N HIS B 244 2.91 -18.65 -6.77
CA HIS B 244 1.82 -17.70 -6.77
C HIS B 244 2.04 -16.65 -7.85
N MET B 245 1.06 -16.50 -8.75
CA MET B 245 1.16 -15.55 -9.85
C MET B 245 -0.04 -14.61 -9.84
N LYS B 246 0.21 -13.33 -10.07
CA LYS B 246 -0.85 -12.32 -10.04
C LYS B 246 -1.68 -12.35 -11.32
N VAL B 256 -3.68 -19.20 -14.20
CA VAL B 256 -2.55 -18.93 -13.33
C VAL B 256 -3.00 -18.72 -11.88
N LYS B 257 -2.33 -17.79 -11.20
CA LYS B 257 -2.54 -17.52 -9.79
C LYS B 257 -1.79 -18.51 -8.88
N ILE B 258 -2.22 -19.77 -8.81
CA ILE B 258 -1.49 -20.73 -7.99
C ILE B 258 -1.17 -22.08 -8.63
N GLY B 259 0.12 -22.34 -8.84
CA GLY B 259 0.54 -23.62 -9.37
C GLY B 259 1.45 -24.34 -8.39
N LYS B 260 1.38 -25.67 -8.39
CA LYS B 260 2.21 -26.47 -7.50
C LYS B 260 2.78 -27.70 -8.22
N LEU B 261 4.07 -27.92 -8.06
CA LEU B 261 4.72 -29.10 -8.60
C LEU B 261 5.35 -29.93 -7.50
N ASN B 262 4.97 -31.20 -7.45
CA ASN B 262 5.59 -32.16 -6.53
C ASN B 262 6.48 -33.10 -7.32
N LEU B 263 7.72 -33.23 -6.86
CA LEU B 263 8.67 -34.15 -7.47
C LEU B 263 9.05 -35.19 -6.43
N VAL B 264 8.74 -36.44 -6.71
CA VAL B 264 8.88 -37.48 -5.69
C VAL B 264 9.91 -38.52 -6.10
N ASP B 265 10.97 -38.62 -5.31
CA ASP B 265 12.02 -39.62 -5.51
C ASP B 265 11.72 -40.77 -4.54
N LEU B 266 11.18 -41.87 -5.05
CA LEU B 266 10.67 -42.94 -4.19
C LEU B 266 11.77 -43.84 -3.65
N ALA B 267 11.45 -44.59 -2.60
CA ALA B 267 12.39 -45.57 -2.06
C ALA B 267 12.63 -46.64 -3.13
N GLY B 268 13.78 -47.29 -3.06
CA GLY B 268 14.10 -48.31 -4.05
C GLY B 268 13.01 -49.36 -4.12
N SER B 269 12.62 -49.75 -5.34
CA SER B 269 11.47 -50.62 -5.55
C SER B 269 11.77 -52.08 -5.24
N GLU B 270 13.03 -52.42 -5.02
CA GLU B 270 13.38 -53.79 -4.68
C GLU B 270 12.91 -54.12 -3.26
N ASN B 271 12.56 -53.09 -2.49
CA ASN B 271 12.13 -53.27 -1.10
C ASN B 271 10.74 -53.91 -1.01
N ILE B 272 10.11 -54.12 -2.17
CA ILE B 272 8.87 -54.90 -2.24
C ILE B 272 9.03 -56.05 -3.23
N ASN B 289 8.83 -51.60 4.01
CA ASN B 289 8.55 -50.21 3.67
C ASN B 289 7.04 -50.03 3.48
N GLN B 290 6.40 -49.53 4.53
CA GLN B 290 4.94 -49.40 4.55
C GLN B 290 4.43 -48.50 3.44
N SER B 291 5.12 -47.39 3.20
CA SER B 291 4.68 -46.43 2.19
C SER B 291 4.83 -46.96 0.77
N LEU B 292 5.93 -47.67 0.50
CA LEU B 292 6.11 -48.31 -0.79
C LEU B 292 5.06 -49.40 -1.00
N LEU B 293 4.86 -50.20 0.03
CA LEU B 293 3.85 -51.27 0.02
C LEU B 293 2.47 -50.71 -0.30
N THR B 294 2.08 -49.66 0.42
CA THR B 294 0.75 -49.09 0.29
C THR B 294 0.57 -48.40 -1.06
N LEU B 295 1.64 -47.81 -1.57
CA LEU B 295 1.58 -47.19 -2.89
C LEU B 295 1.23 -48.24 -3.94
N GLY B 296 1.80 -49.43 -3.77
CA GLY B 296 1.50 -50.51 -4.70
C GLY B 296 0.05 -50.97 -4.61
N ARG B 297 -0.46 -51.05 -3.39
CA ARG B 297 -1.85 -51.44 -3.18
C ARG B 297 -2.81 -50.36 -3.65
N VAL B 298 -2.42 -49.10 -3.49
CA VAL B 298 -3.24 -48.01 -3.97
C VAL B 298 -3.36 -48.06 -5.49
N ILE B 299 -2.23 -48.30 -6.17
CA ILE B 299 -2.23 -48.43 -7.63
C ILE B 299 -3.15 -49.57 -8.04
N THR B 300 -2.99 -50.71 -7.38
CA THR B 300 -3.77 -51.90 -7.68
C THR B 300 -5.26 -51.65 -7.50
N ALA B 301 -5.62 -51.07 -6.35
CA ALA B 301 -7.02 -50.78 -6.06
C ALA B 301 -7.62 -49.84 -7.10
N LEU B 302 -6.84 -48.86 -7.56
CA LEU B 302 -7.35 -47.88 -8.50
C LEU B 302 -7.58 -48.51 -9.87
N VAL B 303 -6.66 -49.37 -10.30
CA VAL B 303 -6.75 -50.02 -11.60
C VAL B 303 -7.88 -51.05 -11.62
N GLU B 304 -8.04 -51.78 -10.52
CA GLU B 304 -9.07 -52.81 -10.45
C GLU B 304 -10.37 -52.26 -9.90
N ARG B 305 -10.40 -50.95 -9.64
CA ARG B 305 -11.62 -50.24 -9.28
C ARG B 305 -12.25 -50.75 -8.00
N THR B 306 -11.46 -51.41 -7.15
CA THR B 306 -11.97 -51.90 -5.87
C THR B 306 -12.49 -50.72 -5.05
N PRO B 307 -13.46 -50.97 -4.15
CA PRO B 307 -14.21 -49.94 -3.44
C PRO B 307 -13.37 -49.06 -2.52
N HIS B 308 -12.57 -49.68 -1.66
CA HIS B 308 -11.73 -48.93 -0.73
C HIS B 308 -10.31 -48.81 -1.26
N VAL B 309 -9.88 -47.57 -1.52
CA VAL B 309 -8.49 -47.33 -1.89
C VAL B 309 -7.75 -46.86 -0.64
N PRO B 310 -6.75 -47.65 -0.20
CA PRO B 310 -6.11 -47.52 1.11
C PRO B 310 -5.11 -46.37 1.25
N TYR B 311 -5.48 -45.19 0.76
CA TYR B 311 -4.62 -44.02 0.89
C TYR B 311 -4.14 -43.85 2.33
N ARG B 312 -5.01 -44.17 3.27
CA ARG B 312 -4.82 -43.77 4.67
C ARG B 312 -3.83 -44.65 5.41
N GLU B 313 -3.35 -45.69 4.73
CA GLU B 313 -2.51 -46.68 5.39
C GLU B 313 -1.01 -46.38 5.35
N SER B 314 -0.62 -45.23 4.80
CA SER B 314 0.77 -44.79 4.87
C SER B 314 0.88 -43.28 4.76
N LYS B 315 1.96 -42.72 5.31
CA LYS B 315 2.22 -41.30 5.20
C LYS B 315 2.28 -40.86 3.74
N LEU B 316 3.01 -41.62 2.93
CA LEU B 316 3.24 -41.23 1.54
C LEU B 316 1.94 -41.08 0.77
N THR B 317 1.09 -42.10 0.85
CA THR B 317 -0.16 -42.09 0.08
C THR B 317 -1.19 -41.13 0.65
N ARG B 318 -1.06 -40.79 1.93
CA ARG B 318 -1.90 -39.73 2.49
C ARG B 318 -1.46 -38.38 1.92
N ILE B 319 -0.16 -38.15 1.87
CA ILE B 319 0.35 -36.89 1.35
C ILE B 319 0.04 -36.72 -0.13
N LEU B 320 0.22 -37.77 -0.91
CA LEU B 320 0.05 -37.69 -2.36
C LEU B 320 -1.27 -38.25 -2.89
N GLN B 321 -2.26 -38.37 -2.00
CA GLN B 321 -3.58 -38.89 -2.38
C GLN B 321 -4.13 -38.27 -3.65
N ASP B 322 -4.08 -36.95 -3.75
CA ASP B 322 -4.67 -36.27 -4.91
C ASP B 322 -3.90 -36.56 -6.20
N SER B 323 -2.70 -37.12 -6.08
CA SER B 323 -1.90 -37.45 -7.26
C SER B 323 -2.25 -38.83 -7.85
N LEU B 324 -2.87 -39.68 -7.04
CA LEU B 324 -3.29 -41.01 -7.51
C LEU B 324 -4.81 -41.09 -7.63
N GLY B 325 -5.34 -40.71 -8.79
CA GLY B 325 -6.78 -40.76 -8.98
C GLY B 325 -7.47 -39.49 -8.55
N GLY B 326 -6.70 -38.42 -8.35
CA GLY B 326 -7.27 -37.18 -7.89
C GLY B 326 -7.34 -36.11 -8.97
N ARG B 327 -7.19 -34.86 -8.57
CA ARG B 327 -7.27 -33.74 -9.51
C ARG B 327 -5.90 -33.16 -9.82
N THR B 328 -4.85 -33.94 -9.58
CA THR B 328 -3.50 -33.56 -9.93
C THR B 328 -3.10 -34.29 -11.22
N ARG B 329 -2.40 -33.59 -12.13
CA ARG B 329 -1.87 -34.24 -13.32
C ARG B 329 -0.54 -34.92 -12.98
N THR B 330 -0.52 -36.24 -13.09
CA THR B 330 0.59 -37.04 -12.60
C THR B 330 1.38 -37.74 -13.71
N SER B 331 2.70 -37.75 -13.58
CA SER B 331 3.56 -38.53 -14.46
C SER B 331 4.46 -39.40 -13.61
N ILE B 332 4.84 -40.55 -14.15
CA ILE B 332 5.76 -41.45 -13.48
C ILE B 332 6.94 -41.71 -14.40
N ILE B 333 8.14 -41.61 -13.85
CA ILE B 333 9.34 -42.03 -14.58
C ILE B 333 9.85 -43.30 -13.95
N ALA B 334 9.74 -44.40 -14.69
CA ALA B 334 10.23 -45.68 -14.22
C ALA B 334 11.66 -45.88 -14.71
N THR B 335 12.59 -46.06 -13.78
CA THR B 335 14.00 -46.23 -14.12
C THR B 335 14.37 -47.71 -14.02
N ILE B 336 15.12 -48.20 -15.00
CA ILE B 336 15.52 -49.60 -14.99
C ILE B 336 16.99 -49.80 -15.35
N SER B 337 17.51 -50.95 -14.97
CA SER B 337 18.85 -51.40 -15.38
C SER B 337 18.71 -52.27 -16.64
N PRO B 338 19.71 -52.20 -17.54
CA PRO B 338 19.74 -53.05 -18.74
C PRO B 338 20.20 -54.49 -18.49
N ALA B 339 20.68 -54.78 -17.29
CA ALA B 339 21.49 -55.97 -17.06
C ALA B 339 20.70 -57.23 -16.69
N SER B 340 21.19 -58.36 -17.20
CA SER B 340 20.53 -59.64 -17.01
C SER B 340 20.31 -59.99 -15.54
N LEU B 341 21.24 -59.63 -14.67
CA LEU B 341 21.12 -60.04 -13.27
C LEU B 341 20.01 -59.30 -12.53
N ASN B 342 19.45 -58.26 -13.13
CA ASN B 342 18.35 -57.52 -12.52
C ASN B 342 17.01 -57.89 -13.14
N LEU B 343 17.00 -58.98 -13.89
CA LEU B 343 15.81 -59.41 -14.63
C LEU B 343 14.53 -59.24 -13.81
N GLU B 344 14.51 -59.79 -12.60
CA GLU B 344 13.27 -59.85 -11.83
C GLU B 344 12.82 -58.47 -11.37
N GLU B 345 13.77 -57.65 -10.95
CA GLU B 345 13.42 -56.31 -10.49
C GLU B 345 12.98 -55.44 -11.67
N THR B 346 13.59 -55.66 -12.82
CA THR B 346 13.24 -54.87 -13.99
C THR B 346 11.84 -55.23 -14.46
N LEU B 347 11.53 -56.52 -14.49
CA LEU B 347 10.18 -56.96 -14.85
C LEU B 347 9.17 -56.42 -13.85
N SER B 348 9.51 -56.47 -12.57
CA SER B 348 8.59 -55.98 -11.56
C SER B 348 8.30 -54.49 -11.74
N THR B 349 9.35 -53.71 -12.00
CA THR B 349 9.20 -52.27 -12.25
C THR B 349 8.33 -52.00 -13.48
N LEU B 350 8.58 -52.72 -14.57
CA LEU B 350 7.83 -52.49 -15.79
C LEU B 350 6.37 -52.90 -15.64
N GLU B 351 6.10 -53.97 -14.90
CA GLU B 351 4.72 -54.39 -14.63
C GLU B 351 4.00 -53.33 -13.81
N TYR B 352 4.64 -52.86 -12.75
CA TYR B 352 4.03 -51.86 -11.89
C TYR B 352 3.76 -50.59 -12.67
N ALA B 353 4.77 -50.13 -13.41
CA ALA B 353 4.63 -48.91 -14.19
C ALA B 353 3.53 -49.07 -15.22
N HIS B 354 3.48 -50.23 -15.86
CA HIS B 354 2.52 -50.45 -16.94
C HIS B 354 1.08 -50.40 -16.42
N ARG B 355 0.85 -50.97 -15.24
CA ARG B 355 -0.47 -50.95 -14.64
C ARG B 355 -0.89 -49.53 -14.26
N ALA B 356 0.08 -48.75 -13.78
CA ALA B 356 -0.20 -47.41 -13.28
C ALA B 356 -0.78 -46.52 -14.38
N LYS B 357 -0.43 -46.76 -15.63
CA LYS B 357 -0.87 -45.86 -16.68
C LYS B 357 -2.35 -46.03 -17.03
N ASN B 358 -3.01 -46.99 -16.38
CA ASN B 358 -4.45 -47.16 -16.52
C ASN B 358 -5.23 -46.26 -15.55
N ILE B 359 -4.53 -45.71 -14.57
CA ILE B 359 -5.17 -44.84 -13.59
C ILE B 359 -5.61 -43.53 -14.24
N LEU B 360 -6.85 -43.15 -13.99
CA LEU B 360 -7.43 -41.95 -14.58
C LEU B 360 -7.48 -40.84 -13.53
N ASN B 361 -6.84 -39.71 -13.83
CA ASN B 361 -6.90 -38.53 -12.97
C ASN B 361 -7.84 -37.48 -13.55
N LYS B 362 -8.26 -36.58 -12.79
N GLY C 16 1.11 18.41 -33.49
CA GLY C 16 0.43 19.68 -33.14
C GLY C 16 -1.07 19.65 -33.43
N LYS C 17 -1.77 20.71 -33.05
CA LYS C 17 -3.19 20.83 -33.33
C LYS C 17 -3.70 22.25 -33.15
N ASN C 18 -4.37 22.77 -34.18
CA ASN C 18 -4.94 24.10 -34.13
C ASN C 18 -6.03 24.16 -33.08
N ILE C 19 -6.18 25.33 -32.47
CA ILE C 19 -7.34 25.59 -31.65
C ILE C 19 -8.60 25.31 -32.47
N GLN C 20 -9.49 24.50 -31.91
CA GLN C 20 -10.76 24.22 -32.56
C GLN C 20 -11.73 25.37 -32.28
N VAL C 21 -12.39 25.87 -33.33
CA VAL C 21 -13.32 26.97 -33.18
C VAL C 21 -14.66 26.59 -33.76
N VAL C 22 -15.72 26.73 -32.95
CA VAL C 22 -17.06 26.47 -33.44
C VAL C 22 -17.94 27.68 -33.16
N VAL C 23 -18.99 27.82 -33.95
CA VAL C 23 -19.92 28.92 -33.76
C VAL C 23 -21.28 28.39 -33.35
N ARG C 24 -21.90 29.04 -32.37
CA ARG C 24 -23.28 28.72 -32.01
C ARG C 24 -24.19 29.94 -32.12
N CYS C 25 -25.16 29.87 -33.01
CA CYS C 25 -26.15 30.93 -33.15
C CYS C 25 -27.41 30.59 -32.35
N ARG C 26 -27.92 31.54 -31.59
CA ARG C 26 -29.15 31.34 -30.83
C ARG C 26 -30.36 31.84 -31.60
N PRO C 27 -31.58 31.44 -31.19
CA PRO C 27 -32.80 31.94 -31.84
C PRO C 27 -32.98 33.43 -31.58
N PHE C 28 -33.84 34.07 -32.37
CA PHE C 28 -34.26 35.44 -32.11
C PHE C 28 -34.84 35.55 -30.71
N ASN C 29 -34.50 36.61 -29.99
CA ASN C 29 -35.23 36.89 -28.76
C ASN C 29 -36.27 38.00 -28.98
N LEU C 30 -37.02 38.30 -27.93
CA LEU C 30 -38.12 39.26 -28.01
C LEU C 30 -37.64 40.69 -28.16
N ALA C 31 -36.54 41.04 -27.49
CA ALA C 31 -35.98 42.38 -27.61
C ALA C 31 -35.71 42.63 -29.10
N GLU C 32 -35.20 41.62 -29.78
CA GLU C 32 -34.83 41.76 -31.19
C GLU C 32 -36.08 41.87 -32.08
N ARG C 33 -37.14 41.15 -31.74
CA ARG C 33 -38.41 41.33 -32.42
C ARG C 33 -39.00 42.72 -32.19
N LYS C 34 -38.80 43.26 -30.99
CA LYS C 34 -39.36 44.56 -30.65
C LYS C 34 -38.59 45.70 -31.32
N ALA C 35 -37.31 45.48 -31.60
CA ALA C 35 -36.52 46.46 -32.33
C ALA C 35 -36.77 46.34 -33.83
N SER C 36 -37.68 45.44 -34.21
CA SER C 36 -37.97 45.23 -35.62
C SER C 36 -36.75 44.78 -36.44
N ALA C 37 -35.87 43.98 -35.83
CA ALA C 37 -34.69 43.49 -36.53
C ALA C 37 -35.11 42.37 -37.48
N HIS C 38 -34.31 42.13 -38.50
CA HIS C 38 -34.51 40.95 -39.33
C HIS C 38 -33.30 40.04 -39.25
N SER C 39 -33.43 38.83 -39.77
CA SER C 39 -32.37 37.84 -39.68
C SER C 39 -31.31 38.07 -40.75
N ILE C 40 -30.05 38.14 -40.34
CA ILE C 40 -28.97 38.36 -41.27
C ILE C 40 -27.94 37.24 -41.21
N VAL C 41 -28.23 36.21 -40.42
CA VAL C 41 -27.28 35.10 -40.26
C VAL C 41 -27.85 33.80 -40.77
N GLU C 42 -27.05 33.09 -41.57
CA GLU C 42 -27.40 31.74 -41.98
C GLU C 42 -26.30 30.77 -41.57
N CYS C 43 -26.68 29.72 -40.87
CA CYS C 43 -25.72 28.70 -40.47
C CYS C 43 -25.89 27.47 -41.35
N ASP C 44 -24.77 26.92 -41.78
CA ASP C 44 -24.78 25.73 -42.61
C ASP C 44 -23.89 24.68 -41.97
N PRO C 45 -24.47 23.82 -41.12
CA PRO C 45 -23.73 22.81 -40.37
C PRO C 45 -22.99 21.85 -41.29
N VAL C 46 -23.59 21.58 -42.44
CA VAL C 46 -23.04 20.61 -43.36
C VAL C 46 -21.75 21.09 -44.01
N ARG C 47 -21.74 22.36 -44.40
CA ARG C 47 -20.56 22.97 -45.01
C ARG C 47 -19.69 23.63 -43.95
N LYS C 48 -20.18 23.66 -42.72
CA LYS C 48 -19.45 24.26 -41.62
C LYS C 48 -19.24 25.76 -41.87
N GLU C 49 -20.27 26.40 -42.41
CA GLU C 49 -20.17 27.81 -42.74
C GLU C 49 -21.23 28.63 -42.03
N VAL C 50 -20.88 29.88 -41.73
CA VAL C 50 -21.86 30.86 -41.33
C VAL C 50 -21.70 32.07 -42.22
N SER C 51 -22.81 32.53 -42.79
CA SER C 51 -22.76 33.69 -43.66
C SER C 51 -23.65 34.78 -43.09
N VAL C 52 -23.16 36.02 -43.18
CA VAL C 52 -23.84 37.15 -42.59
C VAL C 52 -24.14 38.17 -43.67
N ARG C 53 -25.41 38.54 -43.80
CA ARG C 53 -25.78 39.59 -44.75
C ARG C 53 -25.35 40.95 -44.19
N THR C 54 -24.42 41.59 -44.91
CA THR C 54 -23.80 42.82 -44.46
C THR C 54 -24.50 44.03 -45.05
N GLY C 55 -25.49 43.79 -45.91
CA GLY C 55 -26.17 44.87 -46.61
C GLY C 55 -27.29 45.50 -45.80
N GLY C 56 -28.27 44.71 -45.40
CA GLY C 56 -29.37 45.27 -44.64
C GLY C 56 -30.35 45.98 -45.55
N LEU C 57 -30.62 47.26 -45.26
CA LEU C 57 -31.63 48.01 -45.99
C LEU C 57 -31.23 48.19 -47.46
N LYS C 60 -30.25 44.06 -51.10
CA LYS C 60 -29.03 43.31 -50.85
C LYS C 60 -29.23 42.17 -49.86
N SER C 61 -28.46 41.08 -49.94
CA SER C 61 -27.49 40.70 -50.97
C SER C 61 -26.04 40.59 -50.49
N SER C 62 -25.37 41.70 -50.18
CA SER C 62 -23.96 41.57 -49.77
C SER C 62 -23.88 40.61 -48.59
N ARG C 63 -22.84 39.78 -48.58
CA ARG C 63 -22.63 38.87 -47.46
C ARG C 63 -21.18 38.44 -47.29
N LYS C 64 -20.82 38.11 -46.05
CA LYS C 64 -19.53 37.52 -45.75
C LYS C 64 -19.74 36.10 -45.25
N THR C 65 -18.90 35.18 -45.70
CA THR C 65 -19.00 33.80 -45.29
C THR C 65 -17.72 33.38 -44.57
N TYR C 66 -17.87 32.69 -43.44
CA TYR C 66 -16.73 32.19 -42.68
C TYR C 66 -16.86 30.70 -42.56
N THR C 67 -15.71 30.02 -42.55
CA THR C 67 -15.68 28.58 -42.37
C THR C 67 -15.10 28.27 -41.00
N PHE C 68 -15.74 27.38 -40.25
CA PHE C 68 -15.24 27.00 -38.94
C PHE C 68 -15.16 25.49 -38.84
N ASP C 69 -14.65 24.99 -37.71
CA ASP C 69 -14.56 23.55 -37.53
C ASP C 69 -15.95 22.95 -37.35
N MET C 70 -16.85 23.67 -36.70
CA MET C 70 -18.27 23.30 -36.64
C MET C 70 -19.15 24.53 -36.55
N VAL C 71 -20.38 24.41 -37.04
CA VAL C 71 -21.37 25.47 -36.94
C VAL C 71 -22.69 24.91 -36.42
N PHE C 72 -23.25 25.55 -35.39
CA PHE C 72 -24.52 25.11 -34.81
C PHE C 72 -25.56 26.19 -35.00
N GLY C 73 -26.69 25.82 -35.60
CA GLY C 73 -27.74 26.78 -35.84
C GLY C 73 -28.65 26.93 -34.65
N ALA C 74 -29.70 27.72 -34.82
CA ALA C 74 -30.59 28.14 -33.74
C ALA C 74 -31.35 27.00 -33.09
N SER C 75 -31.51 25.89 -33.78
CA SER C 75 -32.28 24.77 -33.24
C SER C 75 -31.39 23.75 -32.52
N THR C 76 -30.10 24.03 -32.42
CA THR C 76 -29.17 23.13 -31.74
C THR C 76 -29.52 22.94 -30.27
N LYS C 77 -29.61 21.69 -29.83
CA LYS C 77 -29.93 21.39 -28.43
C LYS C 77 -28.65 21.36 -27.60
N GLN C 78 -28.81 21.48 -26.29
CA GLN C 78 -27.68 21.44 -25.37
C GLN C 78 -26.90 20.14 -25.53
N ILE C 79 -27.61 19.03 -25.67
CA ILE C 79 -26.95 17.74 -25.70
C ILE C 79 -26.18 17.54 -27.00
N ASP C 80 -26.61 18.21 -28.08
CA ASP C 80 -25.84 18.24 -29.33
C ASP C 80 -24.47 18.93 -29.13
N VAL C 81 -24.48 20.07 -28.46
CA VAL C 81 -23.23 20.78 -28.22
C VAL C 81 -22.31 19.91 -27.42
N TYR C 82 -22.87 19.24 -26.42
CA TYR C 82 -22.06 18.42 -25.52
C TYR C 82 -21.43 17.26 -26.27
N ARG C 83 -22.24 16.53 -27.04
CA ARG C 83 -21.75 15.36 -27.77
C ARG C 83 -20.71 15.72 -28.83
N SER C 84 -21.01 16.74 -29.63
CA SER C 84 -20.14 17.09 -30.74
C SER C 84 -18.85 17.77 -30.29
N VAL C 85 -18.93 18.59 -29.25
CA VAL C 85 -17.79 19.40 -28.88
C VAL C 85 -17.06 18.86 -27.66
N VAL C 86 -17.81 18.51 -26.62
CA VAL C 86 -17.19 18.25 -25.33
C VAL C 86 -16.73 16.81 -25.14
N CYS C 87 -17.53 15.84 -25.58
CA CYS C 87 -17.17 14.43 -25.40
C CYS C 87 -15.78 14.07 -25.91
N PRO C 88 -15.42 14.50 -27.13
CA PRO C 88 -14.04 14.28 -27.60
C PRO C 88 -13.01 14.91 -26.66
N ILE C 89 -13.33 16.08 -26.14
CA ILE C 89 -12.42 16.77 -25.25
C ILE C 89 -12.30 16.07 -23.90
N LEU C 90 -13.42 15.59 -23.38
CA LEU C 90 -13.40 14.87 -22.11
C LEU C 90 -12.61 13.57 -22.20
N ASP C 91 -12.65 12.91 -23.35
CA ASP C 91 -11.82 11.73 -23.56
C ASP C 91 -10.32 12.09 -23.48
N GLU C 92 -9.93 13.23 -24.04
CA GLU C 92 -8.55 13.68 -23.96
C GLU C 92 -8.15 13.99 -22.52
N VAL C 93 -9.04 14.66 -21.80
CA VAL C 93 -8.81 14.92 -20.38
C VAL C 93 -8.55 13.63 -19.61
N ILE C 94 -9.38 12.62 -19.85
CA ILE C 94 -9.24 11.33 -19.18
C ILE C 94 -7.97 10.58 -19.58
N MET C 95 -7.44 10.87 -20.77
CA MET C 95 -6.13 10.35 -21.15
C MET C 95 -4.98 11.09 -20.48
N GLY C 96 -5.31 12.11 -19.69
CA GLY C 96 -4.27 12.82 -18.95
C GLY C 96 -3.78 14.09 -19.61
N TYR C 97 -4.58 14.68 -20.48
CA TYR C 97 -4.26 15.98 -21.07
C TYR C 97 -4.90 17.12 -20.30
N ASN C 98 -4.40 18.33 -20.52
CA ASN C 98 -5.09 19.54 -20.09
C ASN C 98 -5.86 20.11 -21.26
N CYS C 99 -7.11 20.49 -21.02
CA CYS C 99 -7.96 21.04 -22.07
C CYS C 99 -8.68 22.28 -21.58
N THR C 100 -8.97 23.17 -22.51
CA THR C 100 -9.68 24.40 -22.21
C THR C 100 -10.74 24.69 -23.27
N ILE C 101 -11.92 25.08 -22.81
CA ILE C 101 -12.98 25.53 -23.70
C ILE C 101 -13.37 26.94 -23.29
N PHE C 102 -13.32 27.87 -24.23
CA PHE C 102 -13.78 29.25 -24.03
C PHE C 102 -15.19 29.39 -24.59
N ALA C 103 -16.03 30.16 -23.90
CA ALA C 103 -17.21 30.73 -24.54
C ALA C 103 -16.94 32.20 -24.77
N TYR C 104 -17.12 32.64 -26.02
CA TYR C 104 -16.77 34.00 -26.42
C TYR C 104 -17.95 34.59 -27.20
N GLY C 105 -18.30 35.83 -26.90
CA GLY C 105 -19.33 36.48 -27.69
C GLY C 105 -20.06 37.61 -26.99
N GLN C 106 -20.96 38.24 -27.72
CA GLN C 106 -21.67 39.41 -27.23
C GLN C 106 -22.58 39.04 -26.05
N THR C 107 -22.75 39.95 -25.10
CA THR C 107 -23.65 39.71 -23.99
C THR C 107 -25.05 39.37 -24.50
N GLY C 108 -25.65 38.35 -23.91
CA GLY C 108 -26.98 37.93 -24.32
C GLY C 108 -27.03 36.93 -25.46
N THR C 109 -25.87 36.50 -25.95
CA THR C 109 -25.87 35.55 -27.06
C THR C 109 -25.81 34.08 -26.65
N GLY C 110 -25.57 33.80 -25.36
CA GLY C 110 -25.65 32.43 -24.89
C GLY C 110 -24.38 31.79 -24.33
N LYS C 111 -23.43 32.61 -23.90
CA LYS C 111 -22.22 32.07 -23.31
C LYS C 111 -22.56 31.23 -22.07
N THR C 112 -23.32 31.83 -21.17
CA THR C 112 -23.62 31.19 -19.89
C THR C 112 -24.65 30.06 -20.05
N PHE C 113 -25.61 30.23 -20.96
CA PHE C 113 -26.54 29.15 -21.27
C PHE C 113 -25.76 27.93 -21.78
N THR C 114 -24.75 28.16 -22.60
CA THR C 114 -23.97 27.06 -23.17
C THR C 114 -23.12 26.36 -22.13
N MET C 115 -22.43 27.15 -21.30
CA MET C 115 -21.53 26.58 -20.28
C MET C 115 -22.24 25.94 -19.10
N GLU C 116 -23.35 26.54 -18.66
CA GLU C 116 -24.03 26.12 -17.44
C GLU C 116 -25.45 25.62 -17.68
N GLY C 117 -26.19 26.34 -18.52
CA GLY C 117 -27.54 25.92 -18.86
C GLY C 117 -28.53 26.39 -17.82
N GLU C 118 -29.70 25.76 -17.81
CA GLU C 118 -30.80 26.18 -16.95
C GLU C 118 -31.61 24.97 -16.53
N ARG C 119 -32.51 25.19 -15.57
CA ARG C 119 -33.48 24.18 -15.16
C ARG C 119 -34.73 24.36 -16.02
N SER C 120 -35.26 23.27 -16.56
CA SER C 120 -36.53 23.34 -17.28
C SER C 120 -37.62 23.78 -16.32
N PRO C 121 -38.39 24.80 -16.70
CA PRO C 121 -39.29 25.47 -15.75
C PRO C 121 -40.45 24.61 -15.26
N ASN C 122 -41.48 24.49 -16.10
CA ASN C 122 -42.71 23.76 -15.78
C ASN C 122 -42.69 22.95 -14.47
N GLU C 123 -41.91 21.87 -14.44
CA GLU C 123 -41.98 20.92 -13.32
C GLU C 123 -40.64 20.30 -12.96
N GLU C 124 -40.33 19.13 -13.53
CA GLU C 124 -39.21 18.39 -12.97
C GLU C 124 -38.47 17.50 -13.96
N TYR C 125 -37.19 17.78 -14.11
CA TYR C 125 -36.19 16.77 -14.40
C TYR C 125 -35.25 16.83 -13.22
N THR C 126 -34.58 15.73 -12.90
CA THR C 126 -33.40 15.84 -12.07
C THR C 126 -32.41 16.64 -12.91
N TRP C 127 -31.46 17.31 -12.28
CA TRP C 127 -30.54 18.13 -13.05
C TRP C 127 -29.70 17.26 -13.99
N GLU C 128 -29.52 15.99 -13.60
CA GLU C 128 -28.72 15.04 -14.39
C GLU C 128 -29.35 14.74 -15.75
N GLU C 129 -30.64 15.00 -15.89
CA GLU C 129 -31.35 14.59 -17.10
C GLU C 129 -32.09 15.76 -17.75
N ASP C 130 -31.93 16.95 -17.18
CA ASP C 130 -32.64 18.11 -17.70
C ASP C 130 -32.03 18.50 -19.06
N PRO C 131 -32.87 18.54 -20.11
CA PRO C 131 -32.37 18.88 -21.44
C PRO C 131 -31.74 20.26 -21.56
N LEU C 132 -32.01 21.15 -20.62
CA LEU C 132 -31.45 22.49 -20.70
C LEU C 132 -30.11 22.64 -19.99
N ALA C 133 -29.68 21.59 -19.29
CA ALA C 133 -28.37 21.58 -18.65
C ALA C 133 -27.28 21.87 -19.68
N GLY C 134 -26.27 22.64 -19.29
CA GLY C 134 -25.18 22.97 -20.19
C GLY C 134 -23.97 22.09 -20.01
N ILE C 135 -22.82 22.60 -20.46
CA ILE C 135 -21.60 21.81 -20.53
C ILE C 135 -21.11 21.34 -19.17
N ILE C 136 -21.11 22.24 -18.19
CA ILE C 136 -20.53 21.93 -16.88
C ILE C 136 -21.28 20.83 -16.12
N PRO C 137 -22.59 20.99 -15.89
CA PRO C 137 -23.30 19.86 -15.25
C PRO C 137 -23.15 18.51 -15.97
N ARG C 138 -23.30 18.51 -17.29
CA ARG C 138 -23.17 17.28 -18.06
C ARG C 138 -21.77 16.68 -17.88
N THR C 139 -20.75 17.51 -17.97
CA THR C 139 -19.38 17.03 -17.88
C THR C 139 -19.08 16.44 -16.51
N LEU C 140 -19.53 17.12 -15.47
CA LEU C 140 -19.31 16.62 -14.11
C LEU C 140 -20.07 15.33 -13.90
N HIS C 141 -21.31 15.27 -14.35
CA HIS C 141 -22.08 14.03 -14.24
C HIS C 141 -21.33 12.89 -14.92
N GLN C 142 -20.84 13.13 -16.14
CA GLN C 142 -20.22 12.07 -16.93
C GLN C 142 -18.86 11.62 -16.40
N ILE C 143 -18.13 12.51 -15.74
CA ILE C 143 -16.85 12.11 -15.16
C ILE C 143 -17.03 11.01 -14.13
N PHE C 144 -17.99 11.21 -13.23
CA PHE C 144 -18.27 10.22 -12.21
C PHE C 144 -18.82 8.95 -12.84
N GLU C 145 -19.70 9.14 -13.82
CA GLU C 145 -20.31 8.01 -14.49
C GLU C 145 -19.30 7.14 -15.25
N LYS C 146 -18.47 7.77 -16.07
CA LYS C 146 -17.49 7.04 -16.87
C LYS C 146 -16.44 6.35 -16.00
N LEU C 147 -15.89 7.08 -15.04
CA LEU C 147 -14.77 6.57 -14.26
C LEU C 147 -15.19 5.55 -13.21
N THR C 148 -16.43 5.59 -12.78
CA THR C 148 -16.95 4.56 -11.89
C THR C 148 -17.09 3.24 -12.65
N ASP C 149 -17.67 3.31 -13.84
CA ASP C 149 -17.84 2.13 -14.67
C ASP C 149 -16.49 1.57 -15.12
N ASN C 150 -15.49 2.44 -15.23
CA ASN C 150 -14.18 2.07 -15.75
C ASN C 150 -13.43 1.10 -14.85
N GLY C 151 -13.77 1.09 -13.57
CA GLY C 151 -12.95 0.35 -12.61
C GLY C 151 -12.24 1.33 -11.70
N THR C 152 -12.44 2.62 -11.96
CA THR C 152 -12.37 3.64 -10.92
C THR C 152 -10.95 3.87 -10.43
N GLU C 153 -10.84 4.26 -9.16
CA GLU C 153 -9.60 4.72 -8.55
C GLU C 153 -9.25 6.13 -9.02
N PHE C 154 -10.11 7.08 -8.65
CA PHE C 154 -9.98 8.47 -9.10
C PHE C 154 -10.50 9.42 -8.04
N SER C 155 -10.01 10.65 -8.08
CA SER C 155 -10.58 11.73 -7.29
C SER C 155 -10.78 12.98 -8.14
N VAL C 156 -11.78 13.78 -7.79
CA VAL C 156 -12.16 14.95 -8.57
C VAL C 156 -12.15 16.18 -7.67
N LYS C 157 -11.49 17.24 -8.13
CA LYS C 157 -11.67 18.55 -7.49
C LYS C 157 -11.98 19.67 -8.46
N VAL C 158 -12.69 20.67 -7.95
CA VAL C 158 -13.15 21.77 -8.77
C VAL C 158 -12.81 23.10 -8.09
N SER C 159 -12.60 24.13 -8.91
CA SER C 159 -12.53 25.49 -8.41
C SER C 159 -13.23 26.43 -9.39
N LEU C 160 -13.66 27.57 -8.87
CA LEU C 160 -14.31 28.58 -9.68
C LEU C 160 -13.76 29.94 -9.31
N LEU C 161 -13.01 30.57 -10.22
CA LEU C 161 -12.55 31.92 -9.98
C LEU C 161 -13.22 32.87 -10.95
N GLU C 162 -13.56 34.07 -10.47
CA GLU C 162 -14.07 35.10 -11.35
C GLU C 162 -13.15 36.30 -11.35
N ILE C 163 -13.02 36.92 -12.52
CA ILE C 163 -12.20 38.11 -12.65
C ILE C 163 -13.11 39.27 -13.00
N TYR C 164 -13.06 40.32 -12.18
CA TYR C 164 -13.82 41.53 -12.42
C TYR C 164 -12.92 42.72 -12.18
N ASN C 165 -12.77 43.54 -13.22
CA ASN C 165 -11.94 44.74 -13.13
C ASN C 165 -10.55 44.34 -12.64
N GLU C 166 -10.04 43.25 -13.20
CA GLU C 166 -8.69 42.77 -12.91
C GLU C 166 -8.47 42.33 -11.46
N GLU C 167 -9.54 41.94 -10.79
CA GLU C 167 -9.43 41.39 -9.45
C GLU C 167 -9.98 39.96 -9.40
N LEU C 168 -9.29 39.10 -8.66
CA LEU C 168 -9.65 37.68 -8.56
C LEU C 168 -10.53 37.40 -7.36
N PHE C 169 -11.61 36.68 -7.59
CA PHE C 169 -12.52 36.28 -6.52
C PHE C 169 -12.74 34.76 -6.58
N ASP C 170 -12.78 34.13 -5.41
CA ASP C 170 -13.08 32.70 -5.29
C ASP C 170 -14.58 32.56 -5.02
N LEU C 171 -15.30 31.96 -5.95
CA LEU C 171 -16.74 31.83 -5.81
C LEU C 171 -17.16 30.55 -5.10
N LEU C 172 -16.21 29.64 -4.90
CA LEU C 172 -16.54 28.31 -4.38
C LEU C 172 -16.21 28.17 -2.91
N ASN C 173 -15.41 29.09 -2.39
CA ASN C 173 -15.09 29.05 -0.97
C ASN C 173 -16.33 29.43 -0.16
N PRO C 174 -16.94 28.43 0.52
CA PRO C 174 -18.11 28.68 1.36
C PRO C 174 -17.76 29.49 2.60
N SER C 175 -16.59 29.19 3.17
CA SER C 175 -16.14 29.79 4.42
C SER C 175 -15.49 31.16 4.18
N SER C 176 -15.91 31.84 3.12
CA SER C 176 -15.32 33.12 2.75
C SER C 176 -16.35 34.08 2.18
N ASP C 177 -16.16 35.38 2.40
CA ASP C 177 -17.07 36.39 1.85
C ASP C 177 -16.62 36.76 0.44
N VAL C 178 -17.57 36.71 -0.49
CA VAL C 178 -17.27 36.83 -1.93
C VAL C 178 -16.37 38.01 -2.24
N SER C 179 -16.37 39.02 -1.37
CA SER C 179 -15.67 40.28 -1.63
C SER C 179 -14.16 40.24 -1.38
N GLU C 180 -13.67 39.14 -0.81
CA GLU C 180 -12.24 38.97 -0.59
C GLU C 180 -11.53 38.55 -1.87
N ARG C 181 -10.60 39.38 -2.33
CA ARG C 181 -9.85 39.08 -3.53
C ARG C 181 -8.62 38.24 -3.24
N LEU C 182 -8.22 37.42 -4.21
CA LEU C 182 -7.05 36.58 -4.08
C LEU C 182 -5.85 37.22 -4.78
N GLN C 183 -4.66 36.74 -4.47
CA GLN C 183 -3.45 37.22 -5.13
C GLN C 183 -2.84 36.08 -5.93
N MET C 184 -2.11 36.41 -6.99
CA MET C 184 -1.42 35.39 -7.78
C MET C 184 0.06 35.72 -7.94
N PHE C 185 0.87 34.69 -8.09
CA PHE C 185 2.27 34.86 -8.44
C PHE C 185 2.67 33.75 -9.41
N ASP C 186 3.78 33.93 -10.10
CA ASP C 186 4.24 32.94 -11.07
C ASP C 186 4.59 31.61 -10.39
N ASP C 187 4.30 30.51 -11.09
CA ASP C 187 4.55 29.18 -10.53
C ASP C 187 6.03 29.03 -10.18
N PRO C 188 6.33 28.25 -9.13
CA PRO C 188 7.68 28.15 -8.58
C PRO C 188 8.64 27.55 -9.60
N ARG C 189 8.28 26.36 -10.08
CA ARG C 189 9.05 25.67 -11.10
C ARG C 189 8.11 25.28 -12.24
N ASN C 190 8.03 26.13 -13.27
CA ASN C 190 7.11 25.92 -14.37
C ASN C 190 7.33 26.92 -15.51
N LYS C 191 6.96 28.17 -15.29
CA LYS C 191 7.22 29.27 -16.22
C LYS C 191 6.24 29.36 -17.39
N ARG C 192 5.06 28.75 -17.24
CA ARG C 192 3.99 28.90 -18.21
C ARG C 192 2.65 29.03 -17.49
N GLY C 193 2.71 29.18 -16.17
CA GLY C 193 1.51 29.22 -15.37
C GLY C 193 1.71 29.91 -14.03
N VAL C 194 0.60 30.19 -13.36
CA VAL C 194 0.64 30.94 -12.10
C VAL C 194 0.03 30.14 -10.95
N ILE C 195 0.31 30.57 -9.74
CA ILE C 195 -0.35 30.03 -8.55
C ILE C 195 -1.24 31.10 -7.96
N ILE C 196 -2.47 30.71 -7.62
CA ILE C 196 -3.41 31.65 -7.07
C ILE C 196 -3.60 31.35 -5.59
N LYS C 197 -2.96 32.14 -4.75
CA LYS C 197 -2.92 31.90 -3.32
C LYS C 197 -4.30 32.01 -2.70
N GLY C 198 -4.75 30.95 -2.03
CA GLY C 198 -6.02 31.00 -1.33
C GLY C 198 -7.18 30.40 -2.09
N LEU C 199 -7.02 30.18 -3.39
CA LEU C 199 -8.10 29.64 -4.20
C LEU C 199 -8.43 28.22 -3.74
N GLU C 200 -9.67 28.00 -3.32
CA GLU C 200 -10.09 26.70 -2.84
C GLU C 200 -10.28 25.71 -3.98
N GLU C 201 -9.57 24.59 -3.92
CA GLU C 201 -9.85 23.47 -4.80
C GLU C 201 -10.60 22.41 -3.99
N ILE C 202 -11.90 22.32 -4.24
CA ILE C 202 -12.78 21.50 -3.41
C ILE C 202 -12.89 20.08 -3.97
N THR C 203 -12.58 19.10 -3.13
CA THR C 203 -12.79 17.70 -3.50
C THR C 203 -14.28 17.40 -3.61
N VAL C 204 -14.67 16.87 -4.77
CA VAL C 204 -16.06 16.49 -5.00
C VAL C 204 -16.18 14.97 -4.96
N HIS C 205 -16.98 14.47 -4.03
CA HIS C 205 -17.01 13.03 -3.77
C HIS C 205 -18.01 12.30 -4.64
N ASN C 206 -19.01 13.02 -5.14
CA ASN C 206 -19.98 12.42 -6.03
C ASN C 206 -20.86 13.47 -6.70
N LYS C 207 -21.72 12.99 -7.59
CA LYS C 207 -22.64 13.83 -8.32
C LYS C 207 -23.41 14.81 -7.42
N ASP C 208 -23.97 14.30 -6.34
CA ASP C 208 -24.85 15.10 -5.50
C ASP C 208 -24.10 16.24 -4.82
N GLU C 209 -22.84 16.00 -4.47
CA GLU C 209 -22.03 17.03 -3.85
C GLU C 209 -21.72 18.15 -4.85
N VAL C 210 -21.54 17.78 -6.12
CA VAL C 210 -21.34 18.76 -7.18
C VAL C 210 -22.43 19.83 -7.12
N TYR C 211 -23.67 19.39 -7.00
CA TYR C 211 -24.80 20.30 -7.06
C TYR C 211 -24.76 21.31 -5.93
N GLN C 212 -24.52 20.84 -4.71
CA GLN C 212 -24.59 21.71 -3.55
C GLN C 212 -23.43 22.69 -3.55
N ILE C 213 -22.26 22.25 -4.00
CA ILE C 213 -21.09 23.12 -4.09
C ILE C 213 -21.35 24.28 -5.06
N LEU C 214 -21.83 23.96 -6.26
CA LEU C 214 -22.05 24.98 -7.27
C LEU C 214 -23.27 25.83 -6.99
N GLU C 215 -24.22 25.28 -6.24
CA GLU C 215 -25.39 26.06 -5.83
C GLU C 215 -24.99 27.21 -4.91
N LYS C 216 -24.08 26.96 -3.98
CA LYS C 216 -23.57 28.06 -3.15
C LYS C 216 -22.79 29.04 -4.01
N GLY C 217 -22.04 28.52 -4.98
CA GLY C 217 -21.34 29.38 -5.91
C GLY C 217 -22.29 30.34 -6.61
N ALA C 218 -23.46 29.84 -7.01
CA ALA C 218 -24.43 30.67 -7.72
C ALA C 218 -24.95 31.76 -6.80
N ALA C 219 -25.17 31.41 -5.53
CA ALA C 219 -25.61 32.36 -4.54
C ALA C 219 -24.58 33.49 -4.36
N LYS C 220 -23.30 33.14 -4.25
CA LYS C 220 -22.27 34.16 -4.09
C LYS C 220 -22.21 35.10 -5.29
N ARG C 221 -22.33 34.53 -6.49
CA ARG C 221 -22.41 35.32 -7.72
C ARG C 221 -23.50 36.36 -7.62
N THR C 222 -24.68 35.92 -7.16
CA THR C 222 -25.84 36.79 -7.02
C THR C 222 -25.48 37.96 -6.10
N THR C 223 -24.78 37.66 -5.01
CA THR C 223 -24.39 38.68 -4.06
C THR C 223 -23.36 39.63 -4.67
N ALA C 224 -22.38 39.07 -5.38
CA ALA C 224 -21.35 39.87 -6.01
C ALA C 224 -21.96 40.86 -6.99
N ALA C 225 -23.05 40.46 -7.65
CA ALA C 225 -23.70 41.31 -8.63
C ALA C 225 -24.38 42.52 -8.00
N THR C 226 -24.70 42.43 -6.71
CA THR C 226 -25.31 43.56 -6.02
C THR C 226 -24.26 44.57 -5.57
N LEU C 227 -23.00 44.13 -5.53
CA LEU C 227 -21.90 44.99 -5.09
C LEU C 227 -21.16 45.62 -6.26
N MET C 228 -21.21 44.96 -7.42
CA MET C 228 -20.41 45.39 -8.57
C MET C 228 -21.26 45.61 -9.81
N ASN C 229 -20.96 46.68 -10.53
CA ASN C 229 -21.77 47.11 -11.67
C ASN C 229 -21.62 46.17 -12.86
N ALA C 230 -22.76 45.70 -13.38
CA ALA C 230 -22.76 44.84 -14.55
C ALA C 230 -21.80 43.66 -14.38
N TYR C 231 -21.87 43.03 -13.20
CA TYR C 231 -20.96 41.96 -12.85
C TYR C 231 -20.99 40.82 -13.87
N SER C 232 -22.19 40.37 -14.20
CA SER C 232 -22.30 39.17 -15.02
C SER C 232 -21.83 39.40 -16.46
N SER C 233 -21.96 40.62 -16.96
CA SER C 233 -21.53 40.89 -18.34
C SER C 233 -20.06 41.27 -18.44
N ARG C 234 -19.50 41.81 -17.35
CA ARG C 234 -18.12 42.26 -17.36
C ARG C 234 -17.12 41.32 -16.69
N SER C 235 -17.62 40.33 -15.96
CA SER C 235 -16.73 39.37 -15.32
C SER C 235 -16.28 38.28 -16.30
N HIS C 236 -15.11 37.69 -16.03
CA HIS C 236 -14.69 36.44 -16.66
C HIS C 236 -14.81 35.33 -15.63
N SER C 237 -15.33 34.18 -16.05
CA SER C 237 -15.50 33.07 -15.13
C SER C 237 -14.64 31.89 -15.56
N VAL C 238 -13.81 31.39 -14.66
CA VAL C 238 -12.95 30.25 -14.96
C VAL C 238 -13.26 29.08 -14.03
N PHE C 239 -13.88 28.05 -14.59
CA PHE C 239 -14.22 26.86 -13.83
C PHE C 239 -13.23 25.75 -14.21
N SER C 240 -12.60 25.15 -13.21
CA SER C 240 -11.60 24.12 -13.45
C SER C 240 -11.95 22.84 -12.71
N VAL C 241 -11.91 21.73 -13.44
CA VAL C 241 -12.04 20.43 -12.81
C VAL C 241 -10.77 19.62 -13.02
N THR C 242 -10.22 19.11 -11.94
CA THR C 242 -8.97 18.36 -12.01
C THR C 242 -9.23 16.91 -11.60
N ILE C 243 -8.73 15.98 -12.40
CA ILE C 243 -9.00 14.57 -12.17
C ILE C 243 -7.70 13.80 -11.94
N HIS C 244 -7.59 13.13 -10.80
CA HIS C 244 -6.49 12.23 -10.55
C HIS C 244 -6.95 10.80 -10.69
N MET C 245 -6.26 10.05 -11.55
CA MET C 245 -6.62 8.66 -11.82
C MET C 245 -5.42 7.75 -11.58
N LYS C 246 -5.66 6.61 -10.93
CA LYS C 246 -4.58 5.68 -10.60
C LYS C 246 -4.15 4.87 -11.82
N VAL C 256 -3.31 8.64 -18.60
CA VAL C 256 -4.20 8.92 -17.49
C VAL C 256 -3.37 9.47 -16.32
N LYS C 257 -3.81 9.25 -15.09
CA LYS C 257 -3.19 9.82 -13.89
C LYS C 257 -3.69 11.23 -13.59
N ILE C 258 -3.33 12.24 -14.38
CA ILE C 258 -3.86 13.58 -14.12
C ILE C 258 -4.41 14.34 -15.32
N GLY C 259 -5.71 14.60 -15.29
CA GLY C 259 -6.34 15.40 -16.33
C GLY C 259 -6.98 16.65 -15.78
N LYS C 260 -6.98 17.71 -16.57
CA LYS C 260 -7.57 18.97 -16.13
C LYS C 260 -8.38 19.62 -17.25
N LEU C 261 -9.58 20.05 -16.91
CA LEU C 261 -10.44 20.77 -17.84
C LEU C 261 -10.77 22.17 -17.32
N ASN C 262 -10.44 23.19 -18.10
CA ASN C 262 -10.81 24.56 -17.81
C ASN C 262 -11.96 25.00 -18.72
N LEU C 263 -13.02 25.51 -18.11
CA LEU C 263 -14.16 26.03 -18.86
C LEU C 263 -14.28 27.50 -18.57
N VAL C 264 -14.16 28.33 -19.60
CA VAL C 264 -14.07 29.75 -19.39
C VAL C 264 -15.22 30.48 -20.05
N ASP C 265 -16.00 31.17 -19.23
CA ASP C 265 -17.11 31.99 -19.68
C ASP C 265 -16.60 33.42 -19.68
N LEU C 266 -16.28 33.96 -20.86
CA LEU C 266 -15.63 35.26 -20.96
C LEU C 266 -16.59 36.43 -20.78
N ALA C 267 -16.01 37.60 -20.50
CA ALA C 267 -16.81 38.82 -20.43
C ALA C 267 -17.39 39.11 -21.80
N GLY C 268 -18.54 39.81 -21.82
CA GLY C 268 -19.16 40.13 -23.09
C GLY C 268 -18.19 40.80 -24.05
N SER C 269 -18.22 40.37 -25.31
CA SER C 269 -17.22 40.81 -26.28
C SER C 269 -17.49 42.21 -26.83
N GLU C 270 -18.66 42.75 -26.53
CA GLU C 270 -18.97 44.10 -26.96
C GLU C 270 -18.14 45.13 -26.19
N ASN C 271 -17.52 44.69 -25.10
CA ASN C 271 -16.72 45.57 -24.25
C ASN C 271 -15.40 45.97 -24.92
N ILE C 272 -15.13 45.40 -26.09
CA ILE C 272 -14.03 45.82 -26.93
C ILE C 272 -14.53 46.20 -28.32
N ASN C 289 -12.00 46.74 -20.20
CA ASN C 289 -11.75 45.39 -19.73
C ASN C 289 -10.36 44.94 -20.17
N GLN C 290 -9.41 45.05 -19.25
CA GLN C 290 -8.00 44.77 -19.53
C GLN C 290 -7.78 43.33 -19.99
N SER C 291 -8.44 42.38 -19.33
CA SER C 291 -8.27 40.98 -19.67
C SER C 291 -8.85 40.61 -21.03
N LEU C 292 -10.01 41.16 -21.36
CA LEU C 292 -10.59 40.97 -22.69
C LEU C 292 -9.69 41.59 -23.74
N LEU C 293 -9.26 42.82 -23.49
CA LEU C 293 -8.37 43.56 -24.39
C LEU C 293 -7.10 42.75 -24.68
N THR C 294 -6.48 42.25 -23.62
CA THR C 294 -5.20 41.55 -23.73
C THR C 294 -5.38 40.19 -24.40
N LEU C 295 -6.51 39.54 -24.15
CA LEU C 295 -6.81 38.29 -24.84
C LEU C 295 -6.83 38.52 -26.35
N GLY C 296 -7.40 39.64 -26.78
CA GLY C 296 -7.44 39.95 -28.21
C GLY C 296 -6.05 40.19 -28.78
N ARG C 297 -5.21 40.88 -28.01
CA ARG C 297 -3.85 41.16 -28.45
C ARG C 297 -3.00 39.89 -28.44
N VAL C 298 -3.25 39.02 -27.47
CA VAL C 298 -2.55 37.74 -27.43
C VAL C 298 -2.87 36.90 -28.65
N ILE C 299 -4.15 36.86 -29.02
CA ILE C 299 -4.58 36.12 -30.21
C ILE C 299 -3.89 36.69 -31.44
N THR C 300 -3.92 38.01 -31.56
CA THR C 300 -3.32 38.70 -32.69
C THR C 300 -1.83 38.41 -32.78
N ALA C 301 -1.12 38.56 -31.66
CA ALA C 301 0.31 38.33 -31.64
C ALA C 301 0.67 36.89 -32.03
N LEU C 302 -0.17 35.94 -31.62
CA LEU C 302 0.10 34.54 -31.92
C LEU C 302 -0.11 34.24 -33.40
N VAL C 303 -1.17 34.81 -33.97
CA VAL C 303 -1.48 34.57 -35.37
C VAL C 303 -0.47 35.25 -36.30
N GLU C 304 -0.04 36.45 -35.92
CA GLU C 304 0.90 37.21 -36.73
C GLU C 304 2.34 36.92 -36.34
N ARG C 305 2.51 36.01 -35.39
CA ARG C 305 3.82 35.48 -35.02
C ARG C 305 4.77 36.55 -34.49
N THR C 306 4.21 37.66 -34.01
CA THR C 306 5.04 38.72 -33.45
C THR C 306 5.85 38.18 -32.26
N PRO C 307 7.00 38.79 -31.99
CA PRO C 307 7.99 38.26 -31.03
C PRO C 307 7.50 38.17 -29.59
N HIS C 308 6.94 39.27 -29.08
CA HIS C 308 6.45 39.30 -27.72
C HIS C 308 4.95 39.08 -27.67
N VAL C 309 4.53 37.99 -27.03
CA VAL C 309 3.11 37.74 -26.80
C VAL C 309 2.77 38.17 -25.38
N PRO C 310 1.90 39.18 -25.25
CA PRO C 310 1.67 39.91 -23.99
C PRO C 310 0.83 39.17 -22.95
N TYR C 311 1.12 37.89 -22.73
CA TYR C 311 0.39 37.12 -21.71
C TYR C 311 0.36 37.83 -20.37
N ARG C 312 1.48 38.45 -20.02
CA ARG C 312 1.69 38.99 -18.69
C ARG C 312 0.91 40.29 -18.43
N GLU C 313 0.20 40.81 -19.42
CA GLU C 313 -0.48 42.11 -19.27
C GLU C 313 -1.90 42.05 -18.73
N SER C 314 -2.37 40.84 -18.38
CA SER C 314 -3.66 40.70 -17.69
C SER C 314 -3.72 39.41 -16.87
N LYS C 315 -4.55 39.43 -15.83
CA LYS C 315 -4.76 38.25 -15.01
C LYS C 315 -5.22 37.06 -15.85
N LEU C 316 -6.18 37.30 -16.74
CA LEU C 316 -6.79 36.21 -17.50
C LEU C 316 -5.75 35.49 -18.35
N THR C 317 -4.97 36.26 -19.12
CA THR C 317 -4.01 35.66 -20.03
C THR C 317 -2.80 35.08 -19.30
N ARG C 318 -2.55 35.55 -18.09
CA ARG C 318 -1.53 34.93 -17.27
C ARG C 318 -2.02 33.56 -16.80
N ILE C 319 -3.27 33.50 -16.37
CA ILE C 319 -3.83 32.24 -15.89
C ILE C 319 -3.95 31.21 -17.00
N LEU C 320 -4.39 31.65 -18.18
CA LEU C 320 -4.65 30.72 -19.28
C LEU C 320 -3.58 30.72 -20.37
N GLN C 321 -2.38 31.17 -20.01
CA GLN C 321 -1.26 31.24 -20.97
C GLN C 321 -1.07 29.93 -21.74
N ASP C 322 -1.07 28.81 -21.03
CA ASP C 322 -0.80 27.53 -21.67
C ASP C 322 -1.91 27.13 -22.64
N SER C 323 -3.07 27.78 -22.54
CA SER C 323 -4.18 27.48 -23.44
C SER C 323 -4.09 28.21 -24.77
N LEU C 324 -3.30 29.28 -24.83
CA LEU C 324 -3.13 30.03 -26.07
C LEU C 324 -1.71 29.86 -26.62
N GLY C 325 -1.51 28.82 -27.42
CA GLY C 325 -0.20 28.57 -27.98
C GLY C 325 0.66 27.69 -27.09
N GLY C 326 0.04 27.05 -26.11
CA GLY C 326 0.80 26.22 -25.18
C GLY C 326 0.59 24.74 -25.42
N ARG C 327 0.64 23.97 -24.34
CA ARG C 327 0.52 22.52 -24.42
C ARG C 327 -0.86 22.03 -23.96
N THR C 328 -1.82 22.94 -23.96
CA THR C 328 -3.20 22.59 -23.64
C THR C 328 -4.00 22.48 -24.96
N ARG C 329 -4.85 21.47 -25.07
CA ARG C 329 -5.76 21.39 -26.21
C ARG C 329 -6.96 22.33 -25.99
N THR C 330 -7.11 23.32 -26.86
CA THR C 330 -8.08 24.39 -26.65
C THR C 330 -9.18 24.44 -27.70
N SER C 331 -10.41 24.67 -27.24
CA SER C 331 -11.53 24.92 -28.13
C SER C 331 -12.20 26.23 -27.75
N ILE C 332 -12.76 26.90 -28.74
CA ILE C 332 -13.51 28.12 -28.52
C ILE C 332 -14.91 27.96 -29.07
N ILE C 333 -15.91 28.33 -28.27
CA ILE C 333 -17.28 28.40 -28.75
C ILE C 333 -17.67 29.86 -28.88
N ALA C 334 -17.85 30.31 -30.11
CA ALA C 334 -18.24 31.69 -30.37
C ALA C 334 -19.76 31.75 -30.49
N THR C 335 -20.38 32.54 -29.63
CA THR C 335 -21.83 32.65 -29.62
C THR C 335 -22.25 33.94 -30.31
N ILE C 336 -23.27 33.87 -31.16
CA ILE C 336 -23.73 35.06 -31.86
C ILE C 336 -25.25 35.18 -31.87
N SER C 337 -25.71 36.41 -32.10
CA SER C 337 -27.13 36.70 -32.34
C SER C 337 -27.41 36.67 -33.84
N PRO C 338 -28.62 36.24 -34.23
CA PRO C 338 -29.03 36.22 -35.65
C PRO C 338 -29.50 37.58 -36.18
N ALA C 339 -29.62 38.56 -35.29
CA ALA C 339 -30.40 39.76 -35.60
C ALA C 339 -29.61 40.89 -36.26
N SER C 340 -30.29 41.58 -37.19
CA SER C 340 -29.69 42.65 -37.96
C SER C 340 -29.06 43.75 -37.11
N LEU C 341 -29.68 44.07 -35.97
CA LEU C 341 -29.19 45.19 -35.18
C LEU C 341 -27.87 44.89 -34.46
N ASN C 342 -27.45 43.63 -34.46
CA ASN C 342 -26.17 43.25 -33.85
C ASN C 342 -25.09 43.04 -34.89
N LEU C 343 -25.35 43.48 -36.11
CA LEU C 343 -24.45 43.26 -37.25
C LEU C 343 -22.99 43.43 -36.88
N GLU C 344 -22.66 44.56 -36.27
CA GLU C 344 -21.26 44.89 -36.02
C GLU C 344 -20.62 43.99 -34.98
N GLU C 345 -21.36 43.67 -33.92
CA GLU C 345 -20.82 42.80 -32.89
C GLU C 345 -20.68 41.39 -33.40
N THR C 346 -21.61 40.96 -34.25
CA THR C 346 -21.57 39.61 -34.78
C THR C 346 -20.39 39.45 -35.73
N LEU C 347 -20.19 40.42 -36.61
CA LEU C 347 -19.01 40.43 -37.47
C LEU C 347 -17.73 40.44 -36.65
N SER C 348 -17.69 41.26 -35.61
CA SER C 348 -16.49 41.34 -34.78
C SER C 348 -16.18 40.00 -34.13
N THR C 349 -17.21 39.34 -33.60
CA THR C 349 -17.06 38.02 -33.00
C THR C 349 -16.56 36.98 -34.00
N LEU C 350 -17.15 36.97 -35.19
CA LEU C 350 -16.77 35.99 -36.20
C LEU C 350 -15.35 36.22 -36.70
N GLU C 351 -14.95 37.48 -36.82
CA GLU C 351 -13.58 37.81 -37.23
C GLU C 351 -12.58 37.35 -36.18
N TYR C 352 -12.88 37.65 -34.92
CA TYR C 352 -11.99 37.24 -33.84
C TYR C 352 -11.89 35.73 -33.76
N ALA C 353 -13.02 35.06 -33.81
CA ALA C 353 -13.05 33.60 -33.72
C ALA C 353 -12.29 33.00 -34.91
N HIS C 354 -12.49 33.57 -36.09
CA HIS C 354 -11.89 33.01 -37.28
C HIS C 354 -10.37 33.09 -37.23
N ARG C 355 -9.85 34.20 -36.72
CA ARG C 355 -8.41 34.37 -36.60
C ARG C 355 -7.83 33.40 -35.59
N ALA C 356 -8.59 33.15 -34.52
CA ALA C 356 -8.10 32.31 -33.43
C ALA C 356 -7.79 30.89 -33.89
N LYS C 357 -8.49 30.42 -34.92
CA LYS C 357 -8.32 29.03 -35.30
C LYS C 357 -7.03 28.78 -36.06
N ASN C 358 -6.26 29.84 -36.29
CA ASN C 358 -4.92 29.71 -36.88
C ASN C 358 -3.87 29.46 -35.82
N ILE C 359 -4.22 29.66 -34.55
CA ILE C 359 -3.29 29.43 -33.47
C ILE C 359 -2.97 27.95 -33.31
N LEU C 360 -1.69 27.63 -33.22
CA LEU C 360 -1.23 26.26 -33.14
C LEU C 360 -0.84 25.95 -31.72
N ASN C 361 -1.46 24.91 -31.15
CA ASN C 361 -1.11 24.41 -29.83
C ASN C 361 -0.32 23.12 -29.97
N LYS C 362 0.48 22.79 -28.95
CA LYS C 362 1.21 21.54 -28.94
C LYS C 362 0.86 20.73 -27.69
N PRO C 363 -0.26 19.98 -27.74
CA PRO C 363 -0.75 19.22 -26.58
C PRO C 363 0.20 18.10 -26.12
N GLU C 364 0.44 18.04 -24.81
CA GLU C 364 1.18 16.93 -24.22
C GLU C 364 0.48 16.42 -22.96
N VAL C 365 0.50 15.10 -22.77
CA VAL C 365 -0.08 14.50 -21.59
C VAL C 365 0.71 15.01 -20.38
N ASN C 366 0.06 15.05 -19.22
CA ASN C 366 0.79 15.36 -17.99
C ASN C 366 1.62 14.15 -17.60
N GLN C 367 2.53 14.32 -16.76
N LYS D 17 -35.95 15.31 9.93
CA LYS D 17 -34.63 14.93 9.35
C LYS D 17 -34.00 13.76 10.09
N ASN D 18 -33.73 12.70 9.35
CA ASN D 18 -32.96 11.57 9.87
C ASN D 18 -31.56 12.03 10.25
N ILE D 19 -30.97 11.34 11.21
CA ILE D 19 -29.57 11.51 11.56
C ILE D 19 -28.71 11.19 10.34
N GLN D 20 -27.78 12.09 10.01
CA GLN D 20 -26.84 11.85 8.92
C GLN D 20 -25.70 10.94 9.42
N VAL D 21 -25.39 9.90 8.66
CA VAL D 21 -24.33 8.99 9.06
C VAL D 21 -23.34 8.86 7.92
N VAL D 22 -22.06 9.09 8.23
CA VAL D 22 -21.01 8.90 7.25
C VAL D 22 -19.95 7.96 7.80
N VAL D 23 -19.21 7.32 6.91
CA VAL D 23 -18.16 6.40 7.32
C VAL D 23 -16.82 6.95 6.87
N ARG D 24 -15.82 6.88 7.76
CA ARG D 24 -14.45 7.20 7.38
C ARG D 24 -13.48 6.06 7.63
N CYS D 25 -12.89 5.55 6.56
CA CYS D 25 -11.90 4.47 6.68
C CYS D 25 -10.50 5.07 6.65
N ARG D 26 -9.65 4.65 7.58
CA ARG D 26 -8.26 5.12 7.62
C ARG D 26 -7.34 4.15 6.87
N PRO D 27 -6.12 4.60 6.53
CA PRO D 27 -5.15 3.72 5.88
C PRO D 27 -4.71 2.60 6.82
N PHE D 28 -4.12 1.56 6.26
CA PHE D 28 -3.45 0.52 7.05
C PHE D 28 -2.42 1.15 7.97
N ASN D 29 -2.34 0.67 9.22
CA ASN D 29 -1.22 1.03 10.05
C ASN D 29 -0.20 -0.10 10.13
N LEU D 30 0.89 0.14 10.83
CA LEU D 30 2.00 -0.80 10.89
C LEU D 30 1.65 -2.03 11.72
N ALA D 31 0.91 -1.84 12.81
CA ALA D 31 0.50 -2.97 13.63
C ALA D 31 -0.23 -3.97 12.73
N GLU D 32 -1.07 -3.46 11.86
CA GLU D 32 -1.87 -4.30 10.98
C GLU D 32 -1.00 -5.00 9.91
N ARG D 33 0.02 -4.31 9.41
CA ARG D 33 0.99 -4.96 8.53
C ARG D 33 1.78 -6.04 9.26
N LYS D 34 2.08 -5.82 10.53
CA LYS D 34 2.88 -6.77 11.29
C LYS D 34 2.07 -8.01 11.65
N ALA D 35 0.75 -7.85 11.76
CA ALA D 35 -0.12 -9.00 12.05
C ALA D 35 -0.43 -9.73 10.75
N SER D 36 0.17 -9.28 9.65
CA SER D 36 -0.05 -9.90 8.35
C SER D 36 -1.53 -9.85 7.92
N ALA D 37 -2.23 -8.78 8.27
CA ALA D 37 -3.62 -8.63 7.86
C ALA D 37 -3.70 -8.26 6.38
N HIS D 38 -4.83 -8.55 5.75
CA HIS D 38 -5.06 -8.04 4.41
C HIS D 38 -6.26 -7.10 4.41
N SER D 39 -6.47 -6.41 3.30
CA SER D 39 -7.54 -5.42 3.22
C SER D 39 -8.87 -6.10 2.90
N ILE D 40 -9.89 -5.82 3.71
CA ILE D 40 -11.20 -6.42 3.49
C ILE D 40 -12.26 -5.34 3.29
N VAL D 41 -11.84 -4.08 3.25
CA VAL D 41 -12.80 -2.99 3.10
C VAL D 41 -12.60 -2.22 1.80
N GLU D 42 -13.70 -2.01 1.09
CA GLU D 42 -13.69 -1.14 -0.07
C GLU D 42 -14.70 -0.01 0.11
N CYS D 43 -14.23 1.22 -0.07
CA CYS D 43 -15.10 2.37 0.03
C CYS D 43 -15.39 2.91 -1.36
N ASP D 44 -16.66 3.22 -1.60
CA ASP D 44 -17.06 3.78 -2.88
C ASP D 44 -17.81 5.09 -2.65
N PRO D 45 -17.07 6.21 -2.67
CA PRO D 45 -17.63 7.53 -2.37
C PRO D 45 -18.74 7.90 -3.35
N VAL D 46 -18.62 7.44 -4.58
CA VAL D 46 -19.56 7.80 -5.62
C VAL D 46 -20.93 7.15 -5.40
N ARG D 47 -20.92 5.88 -5.01
CA ARG D 47 -22.15 5.16 -4.72
C ARG D 47 -22.52 5.28 -3.26
N LYS D 48 -21.63 5.88 -2.47
CA LYS D 48 -21.86 6.04 -1.03
C LYS D 48 -21.97 4.69 -0.35
N GLU D 49 -21.12 3.76 -0.77
CA GLU D 49 -21.16 2.41 -0.23
C GLU D 49 -19.83 2.02 0.39
N VAL D 50 -19.89 1.17 1.41
CA VAL D 50 -18.73 0.48 1.89
C VAL D 50 -19.05 -1.00 1.91
N SER D 51 -18.15 -1.81 1.36
CA SER D 51 -18.37 -3.24 1.35
C SER D 51 -17.22 -3.92 2.05
N VAL D 52 -17.55 -4.96 2.80
CA VAL D 52 -16.58 -5.64 3.63
C VAL D 52 -16.56 -7.11 3.24
N ARG D 53 -15.37 -7.61 2.91
CA ARG D 53 -15.22 -9.04 2.63
C ARG D 53 -15.27 -9.82 3.93
N THR D 54 -16.29 -10.66 4.05
CA THR D 54 -16.57 -11.37 5.28
C THR D 54 -15.98 -12.77 5.25
N GLY D 55 -15.38 -13.12 4.11
CA GLY D 55 -14.87 -14.48 3.93
C GLY D 55 -13.45 -14.68 4.42
N SER D 61 -15.36 -14.09 -2.21
CA SER D 61 -15.67 -15.22 -1.34
C SER D 61 -16.98 -14.99 -0.59
N SER D 62 -17.19 -13.74 -0.19
CA SER D 62 -18.40 -13.26 0.49
C SER D 62 -18.20 -11.80 0.90
N ARG D 63 -19.26 -11.00 0.83
CA ARG D 63 -19.18 -9.62 1.26
C ARG D 63 -20.51 -9.01 1.67
N LYS D 64 -20.46 -8.04 2.58
CA LYS D 64 -21.63 -7.26 2.95
C LYS D 64 -21.42 -5.83 2.48
N THR D 65 -22.47 -5.24 1.93
CA THR D 65 -22.40 -3.86 1.48
C THR D 65 -23.41 -3.00 2.24
N TYR D 66 -22.95 -1.83 2.68
CA TYR D 66 -23.82 -0.89 3.39
C TYR D 66 -23.84 0.42 2.63
N THR D 67 -24.98 1.09 2.68
CA THR D 67 -25.12 2.39 2.06
C THR D 67 -25.23 3.47 3.14
N PHE D 68 -24.47 4.54 3.00
CA PHE D 68 -24.52 5.62 3.97
C PHE D 68 -24.75 6.95 3.27
N ASP D 69 -24.90 8.02 4.04
CA ASP D 69 -25.08 9.33 3.44
C ASP D 69 -23.79 9.81 2.76
N MET D 70 -22.65 9.49 3.34
CA MET D 70 -21.36 9.69 2.66
C MET D 70 -20.36 8.63 3.09
N VAL D 71 -19.41 8.34 2.21
CA VAL D 71 -18.32 7.42 2.53
C VAL D 71 -16.98 8.05 2.14
N PHE D 72 -16.03 8.03 3.08
CA PHE D 72 -14.70 8.58 2.83
C PHE D 72 -13.65 7.47 2.91
N GLY D 73 -12.86 7.35 1.85
CA GLY D 73 -11.84 6.32 1.81
C GLY D 73 -10.56 6.76 2.49
N ALA D 74 -9.56 5.89 2.42
CA ALA D 74 -8.31 6.04 3.15
C ALA D 74 -7.49 7.27 2.75
N SER D 75 -7.73 7.81 1.57
CA SER D 75 -6.96 8.96 1.12
C SER D 75 -7.66 10.30 1.43
N THR D 76 -8.79 10.24 2.11
CA THR D 76 -9.54 11.45 2.47
C THR D 76 -8.73 12.37 3.38
N LYS D 77 -8.64 13.64 3.00
CA LYS D 77 -7.90 14.63 3.79
C LYS D 77 -8.80 15.23 4.85
N GLN D 78 -8.19 15.82 5.87
CA GLN D 78 -8.93 16.47 6.95
C GLN D 78 -9.86 17.55 6.40
N ILE D 79 -9.39 18.32 5.44
CA ILE D 79 -10.16 19.44 4.94
C ILE D 79 -11.35 18.97 4.12
N ASP D 80 -11.24 17.79 3.52
CA ASP D 80 -12.38 17.15 2.85
C ASP D 80 -13.50 16.81 3.83
N VAL D 81 -13.14 16.22 4.97
CA VAL D 81 -14.13 15.89 5.98
C VAL D 81 -14.82 17.15 6.45
N TYR D 82 -14.04 18.20 6.66
CA TYR D 82 -14.58 19.44 7.17
C TYR D 82 -15.56 20.08 6.19
N ARG D 83 -15.17 20.16 4.93
CA ARG D 83 -16.01 20.79 3.91
C ARG D 83 -17.29 20.01 3.65
N SER D 84 -17.17 18.70 3.48
CA SER D 84 -18.32 17.88 3.15
C SER D 84 -19.28 17.68 4.29
N VAL D 85 -18.75 17.54 5.50
CA VAL D 85 -19.60 17.19 6.64
C VAL D 85 -19.92 18.38 7.53
N VAL D 86 -18.90 19.17 7.87
CA VAL D 86 -19.06 20.14 8.94
C VAL D 86 -19.59 21.49 8.48
N CYS D 87 -19.12 21.98 7.33
CA CYS D 87 -19.56 23.27 6.83
C CYS D 87 -21.09 23.44 6.75
N PRO D 88 -21.79 22.44 6.18
CA PRO D 88 -23.26 22.53 6.17
C PRO D 88 -23.82 22.61 7.58
N ILE D 89 -23.21 21.88 8.51
CA ILE D 89 -23.67 21.88 9.89
C ILE D 89 -23.39 23.21 10.57
N LEU D 90 -22.23 23.79 10.31
CA LEU D 90 -21.88 25.07 10.90
C LEU D 90 -22.81 26.19 10.42
N ASP D 91 -23.25 26.09 9.17
CA ASP D 91 -24.25 27.05 8.68
C ASP D 91 -25.57 26.93 9.45
N GLU D 92 -25.99 25.72 9.77
CA GLU D 92 -27.21 25.53 10.57
C GLU D 92 -27.02 26.08 11.97
N VAL D 93 -25.86 25.85 12.56
CA VAL D 93 -25.56 26.41 13.87
C VAL D 93 -25.69 27.93 13.85
N ILE D 94 -25.14 28.56 12.82
CA ILE D 94 -25.20 30.01 12.71
C ILE D 94 -26.61 30.54 12.44
N MET D 95 -27.47 29.69 11.88
CA MET D 95 -28.88 30.04 11.76
C MET D 95 -29.64 29.89 13.08
N GLY D 96 -28.94 29.44 14.12
CA GLY D 96 -29.56 29.37 15.44
C GLY D 96 -30.10 28.00 15.79
N TYR D 97 -29.58 26.96 15.15
CA TYR D 97 -29.91 25.58 15.52
C TYR D 97 -28.92 25.00 16.52
N ASN D 98 -29.32 23.91 17.17
CA ASN D 98 -28.38 23.08 17.91
C ASN D 98 -27.99 21.89 17.06
N CYS D 99 -26.69 21.59 17.01
CA CYS D 99 -26.19 20.48 16.21
C CYS D 99 -25.21 19.64 17.00
N THR D 100 -25.17 18.36 16.66
CA THR D 100 -24.26 17.43 17.30
C THR D 100 -23.60 16.51 16.27
N ILE D 101 -22.30 16.33 16.41
CA ILE D 101 -21.57 15.36 15.61
C ILE D 101 -20.89 14.38 16.56
N PHE D 102 -21.15 13.09 16.36
CA PHE D 102 -20.49 12.02 17.09
C PHE D 102 -19.37 11.44 16.25
N ALA D 103 -18.26 11.07 16.89
CA ALA D 103 -17.30 10.17 16.28
C ALA D 103 -17.45 8.84 17.00
N TYR D 104 -17.67 7.78 16.23
CA TYR D 104 -17.95 6.47 16.77
C TYR D 104 -17.07 5.44 16.08
N GLY D 105 -16.50 4.52 16.84
CA GLY D 105 -15.72 3.46 16.23
C GLY D 105 -14.68 2.83 17.14
N GLN D 106 -14.01 1.82 16.61
CA GLN D 106 -13.02 1.07 17.37
C GLN D 106 -11.81 1.94 17.72
N THR D 107 -11.22 1.69 18.90
CA THR D 107 -10.01 2.40 19.30
C THR D 107 -8.93 2.27 18.23
N GLY D 108 -8.30 3.39 17.90
CA GLY D 108 -7.24 3.37 16.90
C GLY D 108 -7.73 3.59 15.48
N THR D 109 -9.03 3.78 15.28
CA THR D 109 -9.52 3.98 13.92
C THR D 109 -9.60 5.44 13.46
N GLY D 110 -9.43 6.39 14.37
CA GLY D 110 -9.36 7.78 13.95
C GLY D 110 -10.41 8.73 14.48
N LYS D 111 -11.08 8.37 15.57
CA LYS D 111 -12.05 9.27 16.18
C LYS D 111 -11.40 10.60 16.57
N THR D 112 -10.30 10.53 17.31
CA THR D 112 -9.66 11.72 17.82
C THR D 112 -8.89 12.48 16.74
N PHE D 113 -8.29 11.75 15.80
CA PHE D 113 -7.66 12.39 14.65
C PHE D 113 -8.70 13.20 13.87
N THR D 114 -9.90 12.66 13.70
CA THR D 114 -10.96 13.35 12.97
C THR D 114 -11.48 14.59 13.69
N MET D 115 -11.73 14.45 14.98
CA MET D 115 -12.29 15.55 15.77
C MET D 115 -11.30 16.67 16.08
N GLU D 116 -10.06 16.31 16.35
CA GLU D 116 -9.05 17.26 16.81
C GLU D 116 -7.86 17.41 15.86
N GLY D 117 -7.39 16.28 15.34
CA GLY D 117 -6.29 16.30 14.39
C GLY D 117 -4.95 16.39 15.10
N GLU D 118 -3.93 16.81 14.37
CA GLU D 118 -2.56 16.84 14.86
C GLU D 118 -1.79 17.98 14.23
N ARG D 119 -0.59 18.23 14.77
CA ARG D 119 0.32 19.20 14.18
C ARG D 119 1.20 18.48 13.18
N SER D 120 1.38 19.05 11.99
CA SER D 120 2.31 18.46 11.04
C SER D 120 3.72 18.53 11.62
N PRO D 121 4.43 17.39 11.62
CA PRO D 121 5.67 17.25 12.39
C PRO D 121 6.85 18.13 11.95
N ASN D 122 7.64 17.63 11.01
CA ASN D 122 8.94 18.26 10.74
C ASN D 122 8.74 19.58 10.02
N GLU D 123 7.65 20.27 10.37
CA GLU D 123 7.32 21.52 9.72
C GLU D 123 6.79 22.56 10.68
N GLU D 124 6.58 23.74 10.13
CA GLU D 124 5.71 24.71 10.73
C GLU D 124 4.58 24.98 9.76
N TYR D 125 3.36 24.77 10.24
CA TYR D 125 2.21 25.55 9.81
C TYR D 125 1.76 26.23 11.08
N THR D 126 1.10 27.38 10.97
CA THR D 126 0.30 27.87 12.08
C THR D 126 -0.82 26.83 12.21
N TRP D 127 -1.40 26.70 13.39
CA TRP D 127 -2.42 25.68 13.57
C TRP D 127 -3.62 25.97 12.67
N GLU D 128 -3.84 27.25 12.36
CA GLU D 128 -4.95 27.70 11.51
C GLU D 128 -4.87 27.16 10.08
N GLU D 129 -3.69 26.73 9.67
CA GLU D 129 -3.48 26.35 8.28
C GLU D 129 -2.87 24.96 8.14
N ASP D 130 -2.67 24.29 9.27
CA ASP D 130 -2.07 22.96 9.26
C ASP D 130 -3.05 21.97 8.65
N PRO D 131 -2.63 21.27 7.57
CA PRO D 131 -3.51 20.31 6.91
C PRO D 131 -3.97 19.14 7.78
N LEU D 132 -3.29 18.91 8.90
CA LEU D 132 -3.67 17.79 9.75
C LEU D 132 -4.66 18.19 10.86
N ALA D 133 -4.95 19.48 10.97
CA ALA D 133 -5.95 19.96 11.91
C ALA D 133 -7.29 19.25 11.66
N GLY D 134 -8.00 18.91 12.73
CA GLY D 134 -9.29 18.26 12.62
C GLY D 134 -10.47 19.21 12.69
N ILE D 135 -11.63 18.66 13.04
CA ILE D 135 -12.89 19.38 13.00
C ILE D 135 -12.93 20.56 13.95
N ILE D 136 -12.48 20.35 15.17
CA ILE D 136 -12.60 21.37 16.21
C ILE D 136 -11.78 22.64 15.93
N PRO D 137 -10.46 22.51 15.72
CA PRO D 137 -9.72 23.73 15.36
C PRO D 137 -10.28 24.46 14.14
N ARG D 138 -10.58 23.73 13.07
CA ARG D 138 -11.11 24.36 11.86
C ARG D 138 -12.42 25.10 12.16
N THR D 139 -13.31 24.44 12.90
CA THR D 139 -14.61 25.01 13.20
C THR D 139 -14.49 26.29 14.02
N LEU D 140 -13.62 26.25 15.02
CA LEU D 140 -13.44 27.41 15.87
C LEU D 140 -12.82 28.54 15.07
N HIS D 141 -11.81 28.22 14.25
CA HIS D 141 -11.21 29.24 13.40
C HIS D 141 -12.27 29.89 12.52
N GLN D 142 -13.12 29.09 11.90
CA GLN D 142 -14.10 29.59 10.95
C GLN D 142 -15.22 30.38 11.58
N ILE D 143 -15.57 30.07 12.83
CA ILE D 143 -16.62 30.84 13.50
C ILE D 143 -16.21 32.31 13.62
N PHE D 144 -15.00 32.55 14.10
CA PHE D 144 -14.51 33.90 14.24
C PHE D 144 -14.37 34.55 12.88
N GLU D 145 -13.85 33.80 11.92
CA GLU D 145 -13.65 34.29 10.58
C GLU D 145 -14.96 34.69 9.89
N LYS D 146 -15.95 33.80 9.91
CA LYS D 146 -17.23 34.07 9.25
C LYS D 146 -17.99 35.21 9.91
N LEU D 147 -18.09 35.18 11.23
CA LEU D 147 -18.92 36.13 11.94
C LEU D 147 -18.30 37.52 12.04
N THR D 148 -16.97 37.60 11.94
CA THR D 148 -16.30 38.89 11.89
C THR D 148 -16.60 39.56 10.56
N ASP D 149 -16.45 38.81 9.47
CA ASP D 149 -16.73 39.32 8.13
C ASP D 149 -18.21 39.67 7.97
N ASN D 150 -19.07 38.98 8.72
CA ASN D 150 -20.52 39.13 8.59
C ASN D 150 -21.02 40.51 9.00
N GLY D 151 -20.26 41.18 9.85
CA GLY D 151 -20.79 42.38 10.48
C GLY D 151 -21.01 42.14 11.96
N THR D 152 -20.77 40.91 12.38
CA THR D 152 -20.34 40.65 13.75
C THR D 152 -21.48 40.84 14.76
N GLU D 153 -21.10 41.22 15.98
CA GLU D 153 -21.99 41.28 17.12
C GLU D 153 -22.30 39.89 17.63
N PHE D 154 -21.27 39.22 18.14
CA PHE D 154 -21.37 37.84 18.58
C PHE D 154 -20.41 37.57 19.72
N SER D 155 -20.73 36.58 20.55
CA SER D 155 -19.79 36.05 21.53
C SER D 155 -19.74 34.52 21.47
N VAL D 156 -18.59 33.96 21.83
CA VAL D 156 -18.38 32.52 21.74
C VAL D 156 -17.93 31.98 23.09
N LYS D 157 -18.57 30.90 23.54
CA LYS D 157 -18.03 30.17 24.67
C LYS D 157 -17.93 28.67 24.44
N VAL D 158 -16.98 28.05 25.11
CA VAL D 158 -16.70 26.64 24.92
C VAL D 158 -16.64 25.94 26.26
N SER D 159 -16.99 24.65 26.28
CA SER D 159 -16.72 23.81 27.43
C SER D 159 -16.29 22.42 26.95
N LEU D 160 -15.58 21.70 27.81
CA LEU D 160 -15.13 20.36 27.50
C LEU D 160 -15.35 19.48 28.73
N LEU D 161 -16.29 18.56 28.64
CA LEU D 161 -16.46 17.59 29.71
C LEU D 161 -16.06 16.20 29.24
N GLU D 162 -15.46 15.44 30.13
CA GLU D 162 -15.16 14.05 29.84
C GLU D 162 -15.88 13.13 30.81
N ILE D 163 -16.30 11.98 30.32
CA ILE D 163 -16.97 11.01 31.14
C ILE D 163 -16.10 9.77 31.18
N TYR D 164 -15.74 9.35 32.39
CA TYR D 164 -14.97 8.13 32.58
C TYR D 164 -15.58 7.35 33.74
N ASN D 165 -15.97 6.11 33.45
CA ASN D 165 -16.58 5.26 34.45
C ASN D 165 -17.75 5.99 35.10
N GLU D 166 -18.56 6.63 34.26
CA GLU D 166 -19.76 7.33 34.70
C GLU D 166 -19.52 8.49 35.66
N GLU D 167 -18.33 9.08 35.58
CA GLU D 167 -18.04 10.30 36.34
C GLU D 167 -17.69 11.45 35.41
N LEU D 168 -18.18 12.64 35.74
CA LEU D 168 -17.98 13.83 34.92
C LEU D 168 -16.79 14.64 35.38
N PHE D 169 -15.94 15.01 34.43
CA PHE D 169 -14.78 15.85 34.70
C PHE D 169 -14.78 17.06 33.77
N ASP D 170 -14.42 18.22 34.31
CA ASP D 170 -14.27 19.44 33.51
C ASP D 170 -12.80 19.58 33.13
N LEU D 171 -12.51 19.52 31.83
CA LEU D 171 -11.13 19.55 31.37
C LEU D 171 -10.65 20.96 31.06
N LEU D 172 -11.58 21.91 31.05
CA LEU D 172 -11.26 23.27 30.62
C LEU D 172 -11.09 24.22 31.79
N ASN D 173 -11.54 23.83 32.96
CA ASN D 173 -11.35 24.66 34.14
C ASN D 173 -9.86 24.66 34.51
N PRO D 174 -9.18 25.80 34.29
CA PRO D 174 -7.76 25.94 34.64
C PRO D 174 -7.56 25.97 36.17
N SER D 175 -8.49 26.64 36.84
CA SER D 175 -8.41 26.87 38.28
C SER D 175 -8.94 25.67 39.07
N SER D 176 -8.83 24.48 38.46
CA SER D 176 -9.36 23.27 39.09
C SER D 176 -8.49 22.05 38.82
N ASP D 177 -8.47 21.12 39.76
CA ASP D 177 -7.72 19.87 39.60
C ASP D 177 -8.57 18.88 38.80
N VAL D 178 -7.96 18.29 37.77
CA VAL D 178 -8.71 17.44 36.84
C VAL D 178 -9.53 16.37 37.56
N SER D 179 -9.09 16.01 38.77
CA SER D 179 -9.67 14.89 39.49
C SER D 179 -11.00 15.20 40.20
N GLU D 180 -11.40 16.47 40.21
CA GLU D 180 -12.67 16.87 40.80
C GLU D 180 -13.83 16.59 39.84
N ARG D 181 -14.75 15.73 40.26
CA ARG D 181 -15.90 15.39 39.45
C ARG D 181 -17.06 16.38 39.65
N LEU D 182 -17.85 16.56 38.60
CA LEU D 182 -19.00 17.45 38.66
C LEU D 182 -20.26 16.64 38.87
N GLN D 183 -21.34 17.32 39.28
CA GLN D 183 -22.63 16.68 39.46
C GLN D 183 -23.62 17.26 38.45
N MET D 184 -24.63 16.48 38.10
CA MET D 184 -25.66 16.96 37.19
C MET D 184 -27.06 16.74 37.77
N PHE D 185 -27.98 17.60 37.37
CA PHE D 185 -29.39 17.40 37.67
C PHE D 185 -30.21 17.83 36.47
N ASP D 186 -31.48 17.41 36.43
CA ASP D 186 -32.36 17.75 35.32
C ASP D 186 -32.61 19.26 35.22
N ASP D 187 -32.73 19.77 33.99
CA ASP D 187 -32.88 21.20 33.73
C ASP D 187 -34.35 21.64 33.74
N PRO D 188 -34.72 22.52 34.68
CA PRO D 188 -36.11 22.90 34.90
C PRO D 188 -36.77 23.69 33.78
N ARG D 189 -35.96 24.36 32.97
CA ARG D 189 -36.47 25.08 31.80
C ARG D 189 -36.35 24.19 30.56
N ASN D 190 -36.97 24.62 29.47
CA ASN D 190 -36.97 23.83 28.23
C ASN D 190 -35.96 22.70 28.28
N LYS D 191 -36.42 21.51 28.66
CA LYS D 191 -35.53 20.36 28.78
C LYS D 191 -36.19 19.04 28.43
N ARG D 192 -35.63 18.37 27.43
CA ARG D 192 -35.01 17.06 27.65
C ARG D 192 -33.51 17.28 27.77
N GLY D 193 -33.12 17.94 28.85
CA GLY D 193 -31.72 18.25 29.06
C GLY D 193 -31.36 18.39 30.54
N VAL D 194 -30.06 18.43 30.82
CA VAL D 194 -29.58 18.49 32.19
C VAL D 194 -28.71 19.72 32.41
N ILE D 195 -28.51 20.06 33.68
CA ILE D 195 -27.56 21.10 34.05
C ILE D 195 -26.39 20.44 34.76
N ILE D 196 -25.18 20.83 34.37
CA ILE D 196 -24.00 20.28 34.99
C ILE D 196 -23.38 21.33 35.88
N LYS D 197 -23.68 21.26 37.17
CA LYS D 197 -23.21 22.25 38.12
C LYS D 197 -21.67 22.30 38.17
N GLY D 198 -21.13 23.49 37.97
CA GLY D 198 -19.69 23.68 38.10
C GLY D 198 -18.92 23.66 36.79
N LEU D 199 -19.54 23.15 35.74
CA LEU D 199 -18.89 23.06 34.44
C LEU D 199 -18.59 24.46 33.93
N GLU D 200 -17.32 24.74 33.68
CA GLU D 200 -16.92 26.07 33.19
C GLU D 200 -17.26 26.24 31.71
N GLU D 201 -18.04 27.26 31.41
CA GLU D 201 -18.21 27.70 30.03
C GLU D 201 -17.36 28.95 29.80
N ILE D 202 -16.25 28.78 29.11
CA ILE D 202 -15.25 29.83 28.99
C ILE D 202 -15.52 30.69 27.76
N THR D 203 -15.64 32.00 27.98
CA THR D 203 -15.73 32.94 26.87
C THR D 203 -14.42 32.99 26.10
N VAL D 204 -14.50 32.75 24.79
CA VAL D 204 -13.33 32.81 23.92
C VAL D 204 -13.39 34.09 23.09
N HIS D 205 -12.37 34.94 23.23
CA HIS D 205 -12.43 36.28 22.65
C HIS D 205 -11.89 36.32 21.24
N ASN D 206 -11.04 35.36 20.89
CA ASN D 206 -10.53 35.27 19.54
C ASN D 206 -9.82 33.96 19.30
N LYS D 207 -9.37 33.78 18.06
CA LYS D 207 -8.67 32.58 17.62
C LYS D 207 -7.52 32.19 18.56
N ASP D 208 -6.70 33.16 18.92
CA ASP D 208 -5.49 32.86 19.69
C ASP D 208 -5.82 32.36 21.09
N GLU D 209 -6.92 32.85 21.65
CA GLU D 209 -7.32 32.41 22.98
C GLU D 209 -7.83 30.98 22.94
N VAL D 210 -8.48 30.61 21.84
CA VAL D 210 -8.90 29.24 21.62
C VAL D 210 -7.74 28.28 21.85
N TYR D 211 -6.59 28.59 21.27
CA TYR D 211 -5.45 27.70 21.33
C TYR D 211 -4.98 27.48 22.75
N GLN D 212 -4.83 28.56 23.51
CA GLN D 212 -4.26 28.45 24.85
C GLN D 212 -5.23 27.74 25.79
N ILE D 213 -6.52 28.00 25.64
CA ILE D 213 -7.53 27.33 26.43
C ILE D 213 -7.51 25.81 26.23
N LEU D 214 -7.49 25.37 24.97
CA LEU D 214 -7.52 23.95 24.67
C LEU D 214 -6.17 23.27 24.90
N GLU D 215 -5.09 24.05 24.84
CA GLU D 215 -3.78 23.52 25.17
C GLU D 215 -3.72 23.09 26.64
N LYS D 216 -4.28 23.91 27.52
CA LYS D 216 -4.35 23.54 28.94
C LYS D 216 -5.27 22.35 29.15
N GLY D 217 -6.33 22.26 28.34
CA GLY D 217 -7.18 21.09 28.36
C GLY D 217 -6.43 19.82 27.99
N ALA D 218 -5.53 19.90 27.01
CA ALA D 218 -4.78 18.72 26.58
C ALA D 218 -3.85 18.28 27.70
N ALA D 219 -3.24 19.25 28.38
CA ALA D 219 -2.37 18.94 29.50
C ALA D 219 -3.14 18.21 30.61
N LYS D 220 -4.33 18.68 30.95
CA LYS D 220 -5.13 18.01 31.99
C LYS D 220 -5.47 16.58 31.59
N ARG D 221 -5.84 16.38 30.33
CA ARG D 221 -6.10 15.05 29.80
C ARG D 221 -4.91 14.14 30.05
N THR D 222 -3.72 14.64 29.74
CA THR D 222 -2.50 13.88 29.92
C THR D 222 -2.36 13.44 31.38
N THR D 223 -2.68 14.35 32.29
CA THR D 223 -2.60 14.06 33.71
C THR D 223 -3.64 13.04 34.12
N ALA D 224 -4.86 13.20 33.62
CA ALA D 224 -5.95 12.29 33.93
C ALA D 224 -5.60 10.87 33.50
N ALA D 225 -4.86 10.75 32.40
CA ALA D 225 -4.49 9.45 31.87
C ALA D 225 -3.49 8.71 32.78
N THR D 226 -2.77 9.46 33.61
CA THR D 226 -1.82 8.84 34.52
C THR D 226 -2.53 8.34 35.78
N LEU D 227 -3.73 8.84 36.01
CA LEU D 227 -4.50 8.47 37.20
C LEU D 227 -5.54 7.38 36.91
N MET D 228 -5.97 7.29 35.66
CA MET D 228 -7.05 6.39 35.29
C MET D 228 -6.67 5.46 34.16
N ASN D 229 -7.05 4.19 34.31
CA ASN D 229 -6.64 3.14 33.38
C ASN D 229 -7.30 3.28 32.01
N ALA D 230 -6.48 3.29 30.96
CA ALA D 230 -6.99 3.36 29.60
C ALA D 230 -7.95 4.54 29.44
N TYR D 231 -7.56 5.69 29.97
CA TYR D 231 -8.42 6.86 29.97
C TYR D 231 -8.87 7.24 28.57
N SER D 232 -7.93 7.32 27.64
CA SER D 232 -8.26 7.87 26.34
C SER D 232 -9.17 6.94 25.53
N SER D 233 -9.08 5.64 25.77
CA SER D 233 -9.91 4.71 25.01
C SER D 233 -11.27 4.46 25.65
N ARG D 234 -11.35 4.67 26.96
CA ARG D 234 -12.59 4.41 27.68
C ARG D 234 -13.40 5.66 28.04
N SER D 235 -12.80 6.84 27.90
CA SER D 235 -13.52 8.07 28.18
C SER D 235 -14.42 8.49 27.01
N HIS D 236 -15.48 9.23 27.31
CA HIS D 236 -16.24 9.98 26.30
C HIS D 236 -15.91 11.45 26.44
N SER D 237 -15.70 12.13 25.32
CA SER D 237 -15.35 13.54 25.35
C SER D 237 -16.44 14.36 24.68
N VAL D 238 -16.98 15.35 25.40
CA VAL D 238 -18.02 16.22 24.85
C VAL D 238 -17.54 17.67 24.82
N PHE D 239 -17.26 18.17 23.63
CA PHE D 239 -16.85 19.55 23.43
C PHE D 239 -18.04 20.34 22.90
N SER D 240 -18.35 21.45 23.57
CA SER D 240 -19.48 22.27 23.16
C SER D 240 -19.07 23.70 22.89
N VAL D 241 -19.48 24.24 21.75
CA VAL D 241 -19.28 25.65 21.50
C VAL D 241 -20.64 26.32 21.34
N THR D 242 -20.85 27.40 22.08
CA THR D 242 -22.12 28.11 22.07
C THR D 242 -21.91 29.51 21.51
N ILE D 243 -22.76 29.90 20.57
CA ILE D 243 -22.60 31.17 19.90
C ILE D 243 -23.82 32.04 20.12
N HIS D 244 -23.60 33.24 20.66
CA HIS D 244 -24.66 34.23 20.75
C HIS D 244 -24.45 35.31 19.69
N MET D 245 -25.48 35.52 18.87
CA MET D 245 -25.41 36.49 17.79
C MET D 245 -26.55 37.51 17.91
N LYS D 246 -26.25 38.79 17.72
CA LYS D 246 -27.24 39.84 17.85
C LYS D 246 -28.16 39.89 16.63
N VAL D 256 -30.99 33.46 13.81
CA VAL D 256 -29.70 33.47 14.49
C VAL D 256 -29.89 33.62 16.00
N LYS D 257 -29.11 34.49 16.62
CA LYS D 257 -29.19 34.74 18.05
C LYS D 257 -28.43 33.68 18.87
N ILE D 258 -28.92 32.44 18.93
CA ILE D 258 -28.18 31.41 19.68
C ILE D 258 -27.99 30.07 18.97
N GLY D 259 -26.73 29.76 18.68
CA GLY D 259 -26.42 28.47 18.08
C GLY D 259 -25.48 27.67 18.97
N LYS D 260 -25.62 26.35 18.94
CA LYS D 260 -24.77 25.48 19.74
C LYS D 260 -24.33 24.26 18.96
N LEU D 261 -23.03 23.96 19.03
CA LEU D 261 -22.47 22.77 18.40
C LEU D 261 -21.82 21.87 19.45
N ASN D 262 -22.28 20.63 19.52
CA ASN D 262 -21.66 19.59 20.34
C ASN D 262 -20.86 18.63 19.48
N LEU D 263 -19.60 18.44 19.84
CA LEU D 263 -18.73 17.49 19.15
C LEU D 263 -18.34 16.41 20.15
N VAL D 264 -18.71 15.17 19.85
CA VAL D 264 -18.56 14.10 20.81
C VAL D 264 -17.61 13.03 20.30
N ASP D 265 -16.53 12.82 21.03
CA ASP D 265 -15.55 11.79 20.72
C ASP D 265 -15.86 10.64 21.68
N LEU D 266 -16.49 9.60 21.17
CA LEU D 266 -16.98 8.51 22.02
C LEU D 266 -15.89 7.53 22.47
N ALA D 267 -16.19 6.76 23.50
CA ALA D 267 -15.27 5.73 23.94
C ALA D 267 -15.16 4.68 22.86
N GLY D 268 -14.03 3.98 22.80
CA GLY D 268 -13.84 2.97 21.79
C GLY D 268 -14.98 1.97 21.76
N SER D 269 -15.45 1.64 20.56
CA SER D 269 -16.67 0.84 20.41
C SER D 269 -16.44 -0.65 20.66
N GLU D 270 -15.18 -1.05 20.77
CA GLU D 270 -14.88 -2.44 21.06
C GLU D 270 -15.26 -2.79 22.50
N ASN D 271 -15.51 -1.77 23.31
CA ASN D 271 -15.86 -1.96 24.71
C ASN D 271 -17.27 -2.53 24.88
N ILE D 272 -17.99 -2.68 23.76
CA ILE D 272 -19.27 -3.39 23.76
C ILE D 272 -19.24 -4.52 22.73
N ASN D 287 -20.55 2.14 36.20
CA ASN D 287 -19.63 1.13 35.71
C ASN D 287 -19.08 1.52 34.34
N ILE D 288 -18.42 0.58 33.67
CA ILE D 288 -18.05 0.76 32.27
C ILE D 288 -18.29 -0.49 31.41
N ASN D 289 -18.68 -0.23 30.16
CA ASN D 289 -18.96 1.14 29.81
C ASN D 289 -20.46 1.39 29.74
N GLN D 290 -21.00 1.88 30.85
CA GLN D 290 -22.44 2.10 30.98
C GLN D 290 -22.98 3.07 29.93
N SER D 291 -22.24 4.14 29.69
CA SER D 291 -22.68 5.15 28.73
C SER D 291 -22.66 4.66 27.29
N LEU D 292 -21.63 3.89 26.93
CA LEU D 292 -21.56 3.30 25.61
C LEU D 292 -22.70 2.28 25.44
N LEU D 293 -22.89 1.46 26.48
CA LEU D 293 -23.92 0.43 26.48
C LEU D 293 -25.30 1.04 26.28
N THR D 294 -25.58 2.10 27.04
CA THR D 294 -26.89 2.74 27.02
C THR D 294 -27.11 3.49 25.71
N LEU D 295 -26.04 4.04 25.13
CA LEU D 295 -26.16 4.70 23.85
C LEU D 295 -26.64 3.70 22.81
N GLY D 296 -26.14 2.47 22.88
CA GLY D 296 -26.55 1.45 21.95
C GLY D 296 -28.01 1.05 22.12
N ARG D 297 -28.44 0.97 23.38
CA ARG D 297 -29.83 0.63 23.67
C ARG D 297 -30.76 1.78 23.30
N VAL D 298 -30.29 3.01 23.47
CA VAL D 298 -31.07 4.16 23.07
C VAL D 298 -31.30 4.16 21.57
N ILE D 299 -30.25 3.89 20.80
CA ILE D 299 -30.35 3.80 19.35
C ILE D 299 -31.37 2.73 18.97
N THR D 300 -31.20 1.55 19.58
CA THR D 300 -32.08 0.42 19.29
C THR D 300 -33.54 0.75 19.59
N ALA D 301 -33.78 1.30 20.77
CA ALA D 301 -35.13 1.66 21.17
C ALA D 301 -35.76 2.66 20.22
N LEU D 302 -34.97 3.61 19.73
CA LEU D 302 -35.48 4.63 18.84
C LEU D 302 -35.84 4.06 17.46
N VAL D 303 -34.98 3.18 16.96
CA VAL D 303 -35.21 2.56 15.65
C VAL D 303 -36.39 1.59 15.68
N GLU D 304 -36.51 0.85 16.76
CA GLU D 304 -37.58 -0.15 16.88
C GLU D 304 -38.82 0.45 17.53
N ARG D 305 -38.75 1.75 17.83
CA ARG D 305 -39.91 2.51 18.28
C ARG D 305 -40.49 2.00 19.60
N THR D 306 -39.67 1.29 20.37
CA THR D 306 -40.11 0.79 21.66
C THR D 306 -40.52 1.96 22.55
N PRO D 307 -41.43 1.71 23.49
CA PRO D 307 -42.08 2.77 24.28
C PRO D 307 -41.14 3.58 25.18
N HIS D 308 -40.32 2.89 25.96
CA HIS D 308 -39.38 3.56 26.85
C HIS D 308 -38.00 3.63 26.24
N VAL D 309 -37.52 4.85 26.00
CA VAL D 309 -36.15 5.04 25.54
C VAL D 309 -35.29 5.43 26.74
N PRO D 310 -34.31 4.59 27.08
CA PRO D 310 -33.59 4.63 28.36
C PRO D 310 -32.53 5.73 28.47
N TYR D 311 -32.86 6.94 28.05
CA TYR D 311 -31.93 8.07 28.15
C TYR D 311 -31.32 8.19 29.55
N ARG D 312 -32.11 7.95 30.58
CA ARG D 312 -31.72 8.30 31.93
C ARG D 312 -30.78 7.29 32.58
N GLU D 313 -30.48 6.21 31.85
CA GLU D 313 -29.66 5.15 32.41
C GLU D 313 -28.15 5.37 32.26
N SER D 314 -27.75 6.52 31.71
CA SER D 314 -26.33 6.88 31.69
C SER D 314 -26.15 8.39 31.62
N LYS D 315 -25.01 8.87 32.11
CA LYS D 315 -24.68 10.29 32.02
C LYS D 315 -24.70 10.77 30.57
N LEU D 316 -24.06 10.01 29.69
CA LEU D 316 -23.89 10.44 28.31
C LEU D 316 -25.24 10.67 27.63
N THR D 317 -26.13 9.69 27.73
CA THR D 317 -27.43 9.78 27.07
C THR D 317 -28.37 10.77 27.75
N ARG D 318 -28.15 11.06 29.02
CA ARG D 318 -28.88 12.14 29.66
C ARG D 318 -28.41 13.49 29.10
N ILE D 319 -27.10 13.64 28.94
CA ILE D 319 -26.56 14.90 28.44
C ILE D 319 -26.97 15.14 26.99
N LEU D 320 -26.91 14.11 26.17
CA LEU D 320 -27.16 14.25 24.73
C LEU D 320 -28.54 13.76 24.29
N GLN D 321 -29.48 13.67 25.24
CA GLN D 321 -30.83 13.22 24.94
C GLN D 321 -31.44 13.91 23.71
N ASP D 322 -31.32 15.23 23.64
CA ASP D 322 -31.95 15.98 22.54
C ASP D 322 -31.30 15.68 21.19
N SER D 323 -30.12 15.07 21.22
CA SER D 323 -29.42 14.72 19.98
C SER D 323 -29.87 13.38 19.40
N LEU D 324 -30.50 12.55 20.22
CA LEU D 324 -31.00 11.26 19.74
C LEU D 324 -32.52 11.24 19.73
N GLY D 325 -33.11 11.70 18.63
CA GLY D 325 -34.57 11.72 18.52
C GLY D 325 -35.16 13.02 19.05
N GLY D 326 -34.33 14.03 19.22
CA GLY D 326 -34.80 15.29 19.74
C GLY D 326 -34.88 16.38 18.69
N ARG D 327 -34.64 17.61 19.12
CA ARG D 327 -34.73 18.76 18.22
C ARG D 327 -33.36 19.29 17.82
N THR D 328 -32.34 18.45 17.95
CA THR D 328 -30.99 18.78 17.52
C THR D 328 -30.72 18.07 16.19
N ARG D 329 -30.06 18.76 15.26
CA ARG D 329 -29.62 18.11 14.02
C ARG D 329 -28.33 17.32 14.30
N THR D 330 -28.38 16.02 14.09
CA THR D 330 -27.28 15.16 14.49
C THR D 330 -26.60 14.44 13.32
N SER D 331 -25.28 14.39 13.36
CA SER D 331 -24.51 13.60 12.42
C SER D 331 -23.60 12.66 13.17
N ILE D 332 -23.35 11.50 12.59
CA ILE D 332 -22.42 10.54 13.15
C ILE D 332 -21.32 10.25 12.14
N ILE D 333 -20.07 10.28 12.59
CA ILE D 333 -18.96 9.83 11.79
C ILE D 333 -18.46 8.49 12.35
N ALA D 334 -18.66 7.43 11.57
CA ALA D 334 -18.23 6.12 11.99
C ALA D 334 -16.86 5.84 11.40
N THR D 335 -15.87 5.60 12.27
CA THR D 335 -14.51 5.37 11.82
C THR D 335 -14.21 3.88 11.85
N ILE D 336 -13.56 3.39 10.80
CA ILE D 336 -13.22 1.96 10.73
C ILE D 336 -11.79 1.71 10.27
N SER D 337 -11.30 0.51 10.57
CA SER D 337 -10.03 0.01 10.06
C SER D 337 -10.29 -0.79 8.78
N PRO D 338 -9.35 -0.75 7.83
CA PRO D 338 -9.44 -1.56 6.61
C PRO D 338 -9.02 -3.02 6.76
N ALA D 339 -8.48 -3.38 7.93
CA ALA D 339 -7.73 -4.63 8.08
C ALA D 339 -8.56 -5.85 8.45
N SER D 340 -8.16 -6.99 7.89
CA SER D 340 -8.88 -8.25 8.09
C SER D 340 -9.02 -8.65 9.56
N LEU D 341 -8.00 -8.36 10.37
CA LEU D 341 -8.07 -8.80 11.76
C LEU D 341 -9.08 -8.02 12.61
N ASN D 342 -9.63 -6.94 12.07
CA ASN D 342 -10.65 -6.17 12.78
C ASN D 342 -12.06 -6.45 12.25
N LEU D 343 -12.17 -7.51 11.45
CA LEU D 343 -13.43 -7.86 10.79
C LEU D 343 -14.64 -7.67 11.69
N GLU D 344 -14.60 -8.25 12.89
CA GLU D 344 -15.78 -8.26 13.75
C GLU D 344 -16.12 -6.88 14.27
N GLU D 345 -15.11 -6.11 14.67
CA GLU D 345 -15.36 -4.77 15.18
C GLU D 345 -15.84 -3.86 14.05
N THR D 346 -15.31 -4.06 12.85
CA THR D 346 -15.70 -3.22 11.73
C THR D 346 -17.14 -3.48 11.32
N LEU D 347 -17.51 -4.75 11.25
CA LEU D 347 -18.91 -5.12 11.03
C LEU D 347 -19.82 -4.56 12.11
N SER D 348 -19.40 -4.67 13.36
CA SER D 348 -20.23 -4.18 14.46
C SER D 348 -20.44 -2.66 14.32
N THR D 349 -19.38 -1.94 14.01
CA THR D 349 -19.47 -0.49 13.81
C THR D 349 -20.41 -0.13 12.67
N LEU D 350 -20.27 -0.81 11.54
CA LEU D 350 -21.09 -0.51 10.38
C LEU D 350 -22.57 -0.84 10.63
N GLU D 351 -22.83 -1.93 11.35
CA GLU D 351 -24.20 -2.30 11.71
C GLU D 351 -24.81 -1.23 12.60
N TYR D 352 -24.08 -0.81 13.63
CA TYR D 352 -24.58 0.18 14.55
C TYR D 352 -24.83 1.49 13.83
N ALA D 353 -23.85 1.92 13.03
CA ALA D 353 -23.98 3.17 12.30
C ALA D 353 -25.17 3.10 11.35
N HIS D 354 -25.32 1.96 10.67
CA HIS D 354 -26.36 1.83 9.67
C HIS D 354 -27.75 1.93 10.29
N ARG D 355 -27.92 1.33 11.46
CA ARG D 355 -29.20 1.41 12.16
C ARG D 355 -29.50 2.82 12.61
N ALA D 356 -28.47 3.55 13.03
CA ALA D 356 -28.64 4.88 13.58
C ALA D 356 -29.25 5.83 12.56
N LYS D 357 -29.00 5.61 11.28
CA LYS D 357 -29.47 6.57 10.29
C LYS D 357 -30.98 6.50 10.06
N ASN D 358 -31.64 5.55 10.71
CA ASN D 358 -33.10 5.46 10.66
C ASN D 358 -33.75 6.34 11.72
N ILE D 359 -32.96 6.83 12.66
CA ILE D 359 -33.48 7.71 13.70
C ILE D 359 -33.89 9.06 13.12
N LEU D 360 -35.11 9.49 13.47
CA LEU D 360 -35.66 10.75 12.96
C LEU D 360 -35.57 11.79 14.08
N ASN D 361 -34.85 12.88 13.84
CA ASN D 361 -34.86 14.01 14.76
C ASN D 361 -35.84 15.06 14.21
N LYS D 362 -36.26 16.01 15.04
CA LYS D 362 -37.12 17.10 14.58
C LYS D 362 -36.55 18.45 14.98
N PRO D 363 -35.61 18.98 14.19
CA PRO D 363 -34.87 20.20 14.52
C PRO D 363 -35.73 21.46 14.55
N GLU D 364 -35.56 22.26 15.60
CA GLU D 364 -36.16 23.59 15.65
C GLU D 364 -35.08 24.58 16.08
N VAL D 365 -35.13 25.78 15.53
CA VAL D 365 -34.17 26.83 15.92
C VAL D 365 -34.40 27.15 17.39
N ASN D 366 -33.44 27.82 18.01
CA ASN D 366 -33.64 28.27 19.38
C ASN D 366 -34.47 29.54 19.37
N GLN D 367 -35.17 29.80 20.38
#